data_8JPX
#
_entry.id   8JPX
#
_cell.length_a   1.00
_cell.length_b   1.00
_cell.length_c   1.00
_cell.angle_alpha   90.00
_cell.angle_beta   90.00
_cell.angle_gamma   90.00
#
_symmetry.space_group_name_H-M   'P 1'
#
loop_
_entity.id
_entity.type
_entity.pdbx_description
1 polymer 'Protein argonaute'
2 polymer 'Guide DNA'
3 polymer 'Target DNA'
4 polymer 'Excess DNA'
5 non-polymer 'MAGNESIUM ION'
#
loop_
_entity_poly.entity_id
_entity_poly.type
_entity_poly.pdbx_seq_one_letter_code
_entity_poly.pdbx_strand_id
1 'polypeptide(L)'
;MKAIVVINLVKINKKIIPDKIYVYRLFNDPEEELQKEGYSIYRLAYENVGIVIDPENLIIATTKELEYEGEFIPEGEISF
SELRNDYQSKLVLRLLKENGIGEYELSKLLRKFRKPKTFGDYKVIPSVEMSVIKHDEDFYLVIHIIHQIQSMKTLWELVN
KDPKELEEFLMTHKENLMLKDIASPLKTVYKPCFEEYTKKPKLDHNQEIVKYWYNYHIERYWNTPEAKLEFYRKFGQVDL
KQPAILAKFASKIKKNKNYKIYLLPQLVVPTYNAEQLESDVAKEILEYTKLMPEERKELLENILAEVDSDIIDKSLSEIE
VEKIAQELENKIRVRDDKGNSVPISQLNVQKSQLLLWTNYSRKYPVILPYEVPEKFRKIREIPMFIILDSGLLADIQNFA
TNEFRELVKSMYYSLAKKYNSLAKKARSTNEIGLPFLDFRGKEKVITEDLNSDKGIIEVVEQVSSFMKGKELGLAFIAAR
NKLSSEKFEEIKRRLFNLNVISQVVNEDTLKNKRDKYDRNRLDLFVRHNLLFQVLSKLGVKYYVLDYRFNYDYIIGIDVA
PMKRSEGYIGGSAVMFDSQGYIRKIVPIKIGEQRGESVDMNEFFKEMVDKFKEFNIKLDNKKILLLRDGRITNNEEEGLK
YISEMFDIEVVTMDVIKNHPVRAFANMKMYFNLGGAIYLIPHKLKQAKGTPIPIKLAKKRIIKNGKVEKQSITRQDVLDI
FILTRLNYGSISADMRLPAPVHYAHKFANAIRNEWKIKEEFLAEGFLYFV
;
B,A
2 'polydeoxyribonucleotide' (DT)(DG)(DA)(DG)(DG)(DT)(DA)(DG)(DT)(DA)(DG)(DG)(DT)(DT)(DG)(DT)(DA) H,G
3 'polydeoxyribonucleotide' (DA)(DC)(DA)(DA)(DC)(DC)(DT)(DA)(DC)(DT)(DA)(DC)(DC)(DT)(DC)(DA)(DT) U,T
4 'polydeoxyribonucleotide' (DT)(DT)(DT)(DT)(DT)(DT) E,F
#
loop_
_chem_comp.id
_chem_comp.type
_chem_comp.name
_chem_comp.formula
DA DNA linking 2'-DEOXYADENOSINE-5'-MONOPHOSPHATE 'C10 H14 N5 O6 P'
DC DNA linking 2'-DEOXYCYTIDINE-5'-MONOPHOSPHATE 'C9 H14 N3 O7 P'
DG DNA linking 2'-DEOXYGUANOSINE-5'-MONOPHOSPHATE 'C10 H14 N5 O7 P'
DT DNA linking THYMIDINE-5'-MONOPHOSPHATE 'C10 H15 N2 O8 P'
MG non-polymer 'MAGNESIUM ION' 'Mg 2'
#
# COMPACT_ATOMS: atom_id res chain seq x y z
N MET A 1 -33.76 -36.37 6.92
CA MET A 1 -35.14 -36.00 6.62
C MET A 1 -35.21 -35.23 5.31
N LYS A 2 -36.42 -34.92 4.87
CA LYS A 2 -36.64 -34.21 3.61
C LYS A 2 -37.94 -33.42 3.70
N ALA A 3 -38.05 -32.42 2.83
CA ALA A 3 -39.25 -31.60 2.77
C ALA A 3 -39.33 -30.96 1.39
N ILE A 4 -40.46 -30.31 1.13
CA ILE A 4 -40.69 -29.62 -0.14
C ILE A 4 -40.94 -28.15 0.17
N VAL A 5 -40.14 -27.27 -0.44
CA VAL A 5 -40.26 -25.83 -0.19
C VAL A 5 -40.42 -25.12 -1.53
N VAL A 6 -40.87 -23.88 -1.44
CA VAL A 6 -41.11 -23.03 -2.61
C VAL A 6 -39.97 -22.03 -2.72
N ILE A 7 -39.36 -21.94 -3.89
CA ILE A 7 -38.25 -21.01 -4.12
C ILE A 7 -38.66 -20.02 -5.20
N ASN A 8 -37.98 -18.88 -5.21
CA ASN A 8 -38.34 -17.77 -6.10
C ASN A 8 -37.78 -17.98 -7.51
N LEU A 9 -38.11 -19.13 -8.08
CA LEU A 9 -37.68 -19.50 -9.42
C LEU A 9 -38.89 -19.85 -10.27
N VAL A 10 -38.87 -19.44 -11.53
CA VAL A 10 -39.95 -19.74 -12.46
C VAL A 10 -39.36 -20.33 -13.73
N LYS A 11 -40.02 -21.35 -14.27
CA LYS A 11 -39.47 -22.04 -15.44
C LYS A 11 -39.60 -21.17 -16.69
N ILE A 12 -38.74 -21.44 -17.66
CA ILE A 12 -38.67 -20.68 -18.90
C ILE A 12 -38.94 -21.62 -20.07
N ASN A 13 -39.83 -21.22 -20.96
CA ASN A 13 -40.17 -22.04 -22.11
C ASN A 13 -38.96 -22.21 -23.03
N LYS A 14 -38.78 -23.43 -23.53
CA LYS A 14 -37.60 -23.76 -24.32
C LYS A 14 -37.60 -23.13 -25.71
N LYS A 15 -38.71 -22.53 -26.13
CA LYS A 15 -38.79 -21.95 -27.46
C LYS A 15 -37.91 -20.71 -27.62
N ILE A 16 -37.40 -20.15 -26.53
CA ILE A 16 -36.55 -18.97 -26.60
C ILE A 16 -35.13 -19.27 -27.02
N ILE A 17 -34.71 -20.53 -26.98
CA ILE A 17 -33.31 -20.87 -27.28
C ILE A 17 -33.01 -20.54 -28.73
N PRO A 18 -31.96 -19.78 -29.02
CA PRO A 18 -31.69 -19.38 -30.41
C PRO A 18 -31.25 -20.57 -31.26
N ASP A 19 -31.46 -20.42 -32.58
CA ASP A 19 -31.08 -21.44 -33.52
C ASP A 19 -29.65 -21.27 -34.04
N LYS A 20 -29.27 -20.04 -34.39
CA LYS A 20 -27.96 -19.77 -34.96
C LYS A 20 -27.28 -18.66 -34.15
N ILE A 21 -26.03 -18.90 -33.77
CA ILE A 21 -25.22 -17.93 -33.04
C ILE A 21 -23.96 -17.65 -33.85
N TYR A 22 -23.73 -16.38 -34.18
CA TYR A 22 -22.53 -15.97 -34.88
C TYR A 22 -21.44 -15.60 -33.87
N VAL A 23 -20.19 -15.76 -34.28
CA VAL A 23 -19.03 -15.47 -33.43
C VAL A 23 -18.14 -14.49 -34.17
N TYR A 24 -17.76 -13.41 -33.51
CA TYR A 24 -16.91 -12.39 -34.13
C TYR A 24 -15.73 -12.10 -33.22
N ARG A 25 -14.65 -11.61 -33.83
CA ARG A 25 -13.45 -11.21 -33.10
C ARG A 25 -13.05 -9.81 -33.52
N LEU A 26 -12.91 -8.93 -32.54
CA LEU A 26 -12.44 -7.57 -32.79
C LEU A 26 -10.92 -7.51 -32.68
N PHE A 27 -10.36 -6.41 -33.19
CA PHE A 27 -8.93 -6.20 -33.15
C PHE A 27 -8.49 -5.15 -32.14
N ASN A 28 -9.40 -4.26 -31.75
CA ASN A 28 -9.06 -3.17 -30.84
C ASN A 28 -10.31 -2.75 -30.10
N ASP A 29 -10.11 -2.10 -28.96
CA ASP A 29 -11.22 -1.67 -28.12
C ASP A 29 -12.15 -0.75 -28.91
N PRO A 30 -13.44 -1.02 -28.95
CA PRO A 30 -14.37 -0.11 -29.66
C PRO A 30 -14.31 1.32 -29.18
N GLU A 31 -13.75 1.59 -28.00
CA GLU A 31 -13.58 2.95 -27.53
C GLU A 31 -12.41 3.66 -28.21
N GLU A 32 -11.58 2.92 -28.95
CA GLU A 32 -10.41 3.48 -29.61
C GLU A 32 -10.47 3.42 -31.13
N GLU A 33 -11.04 2.36 -31.70
CA GLU A 33 -11.30 2.35 -33.13
C GLU A 33 -12.23 3.49 -33.52
N LEU A 34 -13.26 3.72 -32.71
CA LEU A 34 -14.08 4.92 -32.78
C LEU A 34 -13.77 5.78 -31.56
N GLN A 35 -14.51 6.88 -31.41
CA GLN A 35 -14.35 7.76 -30.25
C GLN A 35 -15.73 8.11 -29.72
N LYS A 36 -16.22 7.28 -28.80
CA LYS A 36 -17.48 7.50 -28.09
C LYS A 36 -17.18 7.88 -26.64
N GLU A 37 -18.22 8.02 -25.84
CA GLU A 37 -18.07 8.43 -24.45
C GLU A 37 -17.68 7.27 -23.55
N GLY A 38 -18.53 6.25 -23.48
CA GLY A 38 -18.27 5.11 -22.62
C GLY A 38 -18.47 3.78 -23.32
N TYR A 39 -18.39 3.80 -24.65
CA TYR A 39 -18.56 2.59 -25.44
C TYR A 39 -17.48 1.57 -25.07
N SER A 40 -17.91 0.33 -24.84
CA SER A 40 -17.01 -0.75 -24.50
C SER A 40 -17.40 -1.99 -25.28
N ILE A 41 -16.59 -3.04 -25.14
CA ILE A 41 -16.88 -4.30 -25.83
C ILE A 41 -18.18 -4.91 -25.32
N TYR A 42 -18.53 -4.63 -24.06
CA TYR A 42 -19.76 -5.18 -23.49
C TYR A 42 -21.00 -4.43 -23.97
N ARG A 43 -20.90 -3.12 -24.17
CA ARG A 43 -22.03 -2.38 -24.72
C ARG A 43 -22.28 -2.76 -26.17
N LEU A 44 -21.21 -3.01 -26.93
CA LEU A 44 -21.38 -3.44 -28.31
C LEU A 44 -22.09 -4.78 -28.39
N ALA A 45 -21.70 -5.73 -27.53
CA ALA A 45 -22.36 -7.04 -27.53
C ALA A 45 -23.78 -6.96 -26.99
N TYR A 46 -24.07 -5.95 -26.16
CA TYR A 46 -25.42 -5.79 -25.65
C TYR A 46 -26.36 -5.24 -26.72
N GLU A 47 -25.89 -4.26 -27.50
CA GLU A 47 -26.74 -3.64 -28.50
C GLU A 47 -27.00 -4.56 -29.68
N ASN A 48 -26.22 -5.63 -29.83
CA ASN A 48 -26.42 -6.59 -30.89
C ASN A 48 -27.12 -7.86 -30.42
N VAL A 49 -27.67 -7.83 -29.20
CA VAL A 49 -28.30 -9.00 -28.59
C VAL A 49 -27.29 -10.14 -28.54
N GLY A 50 -26.31 -10.02 -27.66
CA GLY A 50 -25.28 -11.03 -27.53
C GLY A 50 -24.52 -10.88 -26.23
N ILE A 51 -23.46 -11.68 -26.11
CA ILE A 51 -22.60 -11.70 -24.92
C ILE A 51 -21.15 -11.64 -25.36
N VAL A 52 -20.28 -11.41 -24.39
CA VAL A 52 -18.83 -11.39 -24.62
C VAL A 52 -18.26 -12.70 -24.05
N ILE A 53 -17.78 -13.56 -24.94
CA ILE A 53 -17.26 -14.86 -24.52
C ILE A 53 -15.76 -14.88 -24.33
N ASP A 54 -15.06 -13.80 -24.67
CA ASP A 54 -13.62 -13.69 -24.39
C ASP A 54 -13.28 -12.21 -24.28
N PRO A 55 -13.19 -11.68 -23.05
CA PRO A 55 -12.88 -10.25 -22.90
C PRO A 55 -11.46 -9.90 -23.28
N GLU A 56 -10.50 -10.80 -23.06
CA GLU A 56 -9.11 -10.48 -23.33
C GLU A 56 -8.83 -10.42 -24.83
N ASN A 57 -9.32 -11.40 -25.57
CA ASN A 57 -9.15 -11.44 -27.02
C ASN A 57 -10.26 -10.73 -27.79
N LEU A 58 -11.23 -10.16 -27.07
CA LEU A 58 -12.35 -9.44 -27.70
C LEU A 58 -13.11 -10.33 -28.67
N ILE A 59 -13.55 -11.48 -28.18
CA ILE A 59 -14.35 -12.43 -28.95
C ILE A 59 -15.76 -12.39 -28.39
N ILE A 60 -16.73 -12.12 -29.25
CA ILE A 60 -18.12 -11.96 -28.84
C ILE A 60 -19.01 -12.92 -29.63
N ALA A 61 -20.14 -13.26 -29.02
CA ALA A 61 -21.15 -14.12 -29.62
C ALA A 61 -22.45 -13.35 -29.73
N THR A 62 -23.10 -13.47 -30.88
CA THR A 62 -24.24 -12.62 -31.22
C THR A 62 -25.33 -13.47 -31.84
N THR A 63 -26.58 -13.03 -31.67
CA THR A 63 -27.71 -13.69 -32.32
C THR A 63 -27.99 -13.10 -33.69
N LYS A 64 -28.12 -11.78 -33.78
CA LYS A 64 -28.28 -11.11 -35.06
C LYS A 64 -26.91 -11.00 -35.76
N GLU A 65 -26.90 -10.38 -36.93
CA GLU A 65 -25.66 -10.10 -37.63
C GLU A 65 -25.05 -8.82 -37.09
N LEU A 66 -23.73 -8.83 -36.92
CA LEU A 66 -23.06 -7.73 -36.23
C LEU A 66 -23.09 -6.48 -37.12
N GLU A 67 -23.49 -5.35 -36.53
CA GLU A 67 -23.53 -4.06 -37.22
C GLU A 67 -22.51 -3.16 -36.54
N TYR A 68 -21.30 -3.09 -37.10
CA TYR A 68 -20.20 -2.35 -36.52
C TYR A 68 -19.58 -1.44 -37.58
N GLU A 69 -19.12 -0.27 -37.13
CA GLU A 69 -18.45 0.70 -37.99
C GLU A 69 -16.92 0.63 -37.84
N GLY A 70 -16.39 -0.56 -37.55
CA GLY A 70 -14.97 -0.71 -37.37
C GLY A 70 -14.41 -1.94 -38.05
N GLU A 71 -13.37 -2.53 -37.49
CA GLU A 71 -12.70 -3.69 -38.06
C GLU A 71 -12.95 -4.92 -37.20
N PHE A 72 -13.30 -6.03 -37.85
CA PHE A 72 -13.56 -7.28 -37.14
C PHE A 72 -13.42 -8.42 -38.13
N ILE A 73 -13.31 -9.64 -37.60
CA ILE A 73 -13.31 -10.83 -38.43
C ILE A 73 -14.32 -11.83 -37.89
N PRO A 74 -15.15 -12.44 -38.75
CA PRO A 74 -16.05 -13.50 -38.29
C PRO A 74 -15.28 -14.80 -38.07
N GLU A 75 -15.42 -15.38 -36.88
CA GLU A 75 -14.72 -16.60 -36.53
C GLU A 75 -15.52 -17.85 -36.87
N GLY A 76 -16.68 -17.70 -37.50
CA GLY A 76 -17.45 -18.85 -37.93
C GLY A 76 -18.82 -18.95 -37.29
N GLU A 77 -19.17 -20.14 -36.82
CA GLU A 77 -20.47 -20.41 -36.23
C GLU A 77 -20.31 -21.21 -34.96
N ILE A 78 -21.41 -21.35 -34.23
CA ILE A 78 -21.42 -22.12 -32.98
C ILE A 78 -22.86 -22.50 -32.68
N SER A 79 -23.04 -23.55 -31.88
CA SER A 79 -24.35 -23.97 -31.43
C SER A 79 -24.48 -23.71 -29.94
N PHE A 80 -25.74 -23.62 -29.49
CA PHE A 80 -26.01 -23.35 -28.07
C PHE A 80 -25.36 -24.39 -27.17
N SER A 81 -25.27 -25.64 -27.63
CA SER A 81 -24.75 -26.71 -26.79
C SER A 81 -23.24 -26.61 -26.59
N GLU A 82 -22.54 -25.81 -27.39
CA GLU A 82 -21.09 -25.69 -27.25
C GLU A 82 -20.68 -24.59 -26.29
N LEU A 83 -21.60 -23.75 -25.86
CA LEU A 83 -21.29 -22.73 -24.87
C LEU A 83 -21.30 -23.33 -23.47
N ARG A 84 -20.54 -22.70 -22.57
CA ARG A 84 -20.57 -23.13 -21.18
C ARG A 84 -21.88 -22.71 -20.53
N ASN A 85 -22.17 -23.32 -19.38
CA ASN A 85 -23.46 -23.09 -18.73
C ASN A 85 -23.64 -21.63 -18.35
N ASP A 86 -22.58 -20.98 -17.87
CA ASP A 86 -22.68 -19.57 -17.50
C ASP A 86 -23.03 -18.70 -18.69
N TYR A 87 -22.37 -18.93 -19.83
CA TYR A 87 -22.66 -18.14 -21.01
C TYR A 87 -24.01 -18.47 -21.61
N GLN A 88 -24.45 -19.73 -21.51
CA GLN A 88 -25.81 -20.06 -21.91
C GLN A 88 -26.83 -19.30 -21.08
N SER A 89 -26.62 -19.25 -19.76
CA SER A 89 -27.54 -18.52 -18.89
C SER A 89 -27.54 -17.03 -19.21
N LYS A 90 -26.35 -16.45 -19.46
CA LYS A 90 -26.30 -15.03 -19.79
C LYS A 90 -26.98 -14.73 -21.11
N LEU A 91 -26.80 -15.60 -22.11
CA LEU A 91 -27.49 -15.41 -23.39
C LEU A 91 -29.00 -15.51 -23.22
N VAL A 92 -29.47 -16.47 -22.44
CA VAL A 92 -30.91 -16.62 -22.22
C VAL A 92 -31.46 -15.40 -21.50
N LEU A 93 -30.69 -14.87 -20.53
CA LEU A 93 -31.12 -13.65 -19.84
C LEU A 93 -31.21 -12.48 -20.80
N ARG A 94 -30.25 -12.38 -21.73
CA ARG A 94 -30.30 -11.31 -22.73
C ARG A 94 -31.53 -11.46 -23.63
N LEU A 95 -31.83 -12.68 -24.05
CA LEU A 95 -32.98 -12.91 -24.92
C LEU A 95 -34.30 -12.67 -24.21
N LEU A 96 -34.34 -12.80 -22.88
CA LEU A 96 -35.56 -12.52 -22.15
C LEU A 96 -35.97 -11.06 -22.27
N LYS A 97 -35.00 -10.16 -22.47
CA LYS A 97 -35.32 -8.74 -22.56
C LYS A 97 -35.98 -8.40 -23.89
N GLU A 98 -35.65 -9.13 -24.96
CA GLU A 98 -36.25 -8.87 -26.26
C GLU A 98 -37.73 -9.24 -26.31
N ASN A 99 -38.20 -10.03 -25.35
CA ASN A 99 -39.61 -10.39 -25.27
C ASN A 99 -40.36 -9.60 -24.21
N GLY A 100 -39.76 -8.53 -23.69
CA GLY A 100 -40.39 -7.69 -22.70
C GLY A 100 -40.25 -8.16 -21.27
N ILE A 101 -39.55 -9.26 -21.02
CA ILE A 101 -39.34 -9.77 -19.67
C ILE A 101 -38.05 -9.12 -19.17
N GLY A 102 -38.17 -7.91 -18.62
CA GLY A 102 -37.04 -7.20 -18.08
C GLY A 102 -37.36 -6.64 -16.71
N GLU A 103 -36.31 -6.14 -16.04
CA GLU A 103 -36.50 -5.56 -14.72
C GLU A 103 -37.39 -4.32 -14.79
N TYR A 104 -37.26 -3.53 -15.85
CA TYR A 104 -38.06 -2.32 -15.99
C TYR A 104 -39.55 -2.63 -16.09
N GLU A 105 -39.90 -3.79 -16.64
CA GLU A 105 -41.30 -4.17 -16.78
C GLU A 105 -41.84 -4.86 -15.53
N LEU A 106 -41.07 -5.80 -14.97
CA LEU A 106 -41.52 -6.51 -13.79
C LEU A 106 -41.56 -5.60 -12.57
N SER A 107 -40.69 -4.59 -12.50
CA SER A 107 -40.78 -3.61 -11.42
C SER A 107 -42.07 -2.80 -11.52
N LYS A 108 -42.45 -2.41 -12.74
CA LYS A 108 -43.70 -1.68 -12.92
C LYS A 108 -44.90 -2.55 -12.58
N LEU A 109 -44.84 -3.83 -12.95
CA LEU A 109 -45.91 -4.75 -12.55
C LEU A 109 -45.98 -4.91 -11.04
N LEU A 110 -44.84 -5.01 -10.38
CA LEU A 110 -44.82 -5.13 -8.92
C LEU A 110 -45.36 -3.88 -8.25
N ARG A 111 -45.07 -2.72 -8.80
CA ARG A 111 -45.52 -1.48 -8.16
C ARG A 111 -47.02 -1.24 -8.28
N LYS A 112 -47.80 -2.21 -8.79
CA LYS A 112 -49.24 -2.14 -8.71
C LYS A 112 -49.79 -2.70 -7.40
N PHE A 113 -49.06 -3.61 -6.75
CA PHE A 113 -49.49 -4.19 -5.49
C PHE A 113 -48.72 -3.63 -4.29
N ARG A 114 -47.54 -3.06 -4.51
CA ARG A 114 -46.81 -2.34 -3.47
C ARG A 114 -46.55 -0.93 -3.97
N LYS A 115 -47.01 0.06 -3.20
CA LYS A 115 -46.87 1.39 -3.76
C LYS A 115 -45.65 2.08 -3.18
N PRO A 116 -44.97 2.93 -3.97
CA PRO A 116 -43.85 3.70 -3.42
C PRO A 116 -44.34 4.65 -2.33
N LYS A 117 -43.72 4.57 -1.16
CA LYS A 117 -44.17 5.33 -0.01
C LYS A 117 -43.21 6.48 0.27
N THR A 118 -43.68 7.46 1.04
CA THR A 118 -42.91 8.65 1.34
C THR A 118 -42.85 8.83 2.85
N PHE A 119 -41.65 8.76 3.42
CA PHE A 119 -41.43 8.99 4.84
C PHE A 119 -40.55 10.22 4.98
N GLY A 120 -41.03 11.22 5.71
CA GLY A 120 -40.28 12.44 5.91
C GLY A 120 -39.93 13.13 4.61
N ASP A 121 -38.65 13.09 4.23
CA ASP A 121 -38.18 13.69 3.00
C ASP A 121 -37.61 12.65 2.04
N TYR A 122 -37.95 11.39 2.22
CA TYR A 122 -37.41 10.30 1.42
C TYR A 122 -38.54 9.45 0.87
N LYS A 123 -38.27 8.78 -0.24
CA LYS A 123 -39.23 7.94 -0.93
C LYS A 123 -38.64 6.53 -1.11
N VAL A 124 -39.43 5.52 -0.77
CA VAL A 124 -39.06 4.12 -0.92
C VAL A 124 -39.84 3.53 -2.07
N ILE A 125 -39.14 2.88 -3.00
CA ILE A 125 -39.71 2.39 -4.25
C ILE A 125 -39.35 0.92 -4.41
N PRO A 126 -40.32 0.02 -4.57
CA PRO A 126 -39.99 -1.38 -4.84
C PRO A 126 -39.45 -1.59 -6.24
N SER A 127 -38.67 -2.66 -6.39
CA SER A 127 -38.10 -3.05 -7.68
C SER A 127 -37.77 -4.53 -7.61
N VAL A 128 -37.36 -5.07 -8.76
CA VAL A 128 -36.98 -6.49 -8.84
C VAL A 128 -35.59 -6.60 -9.46
N GLU A 129 -34.95 -7.73 -9.17
CA GLU A 129 -33.67 -8.12 -9.75
C GLU A 129 -33.83 -9.51 -10.34
N MET A 130 -33.38 -9.68 -11.58
CA MET A 130 -33.62 -10.92 -12.31
C MET A 130 -32.31 -11.58 -12.72
N SER A 131 -32.27 -12.90 -12.58
CA SER A 131 -31.14 -13.72 -12.99
C SER A 131 -31.66 -14.98 -13.67
N VAL A 132 -30.74 -15.77 -14.22
CA VAL A 132 -31.10 -17.01 -14.90
C VAL A 132 -30.16 -18.11 -14.44
N ILE A 133 -30.71 -19.29 -14.17
CA ILE A 133 -29.96 -20.45 -13.70
C ILE A 133 -30.37 -21.66 -14.52
N LYS A 134 -29.38 -22.43 -14.97
CA LYS A 134 -29.64 -23.69 -15.68
C LYS A 134 -29.43 -24.84 -14.69
N HIS A 135 -30.52 -25.52 -14.34
CA HIS A 135 -30.46 -26.51 -13.27
C HIS A 135 -29.90 -27.84 -13.78
N ASP A 136 -30.64 -28.52 -14.65
CA ASP A 136 -30.12 -29.70 -15.32
C ASP A 136 -30.09 -29.53 -16.83
N GLU A 137 -31.25 -29.28 -17.45
CA GLU A 137 -31.31 -28.92 -18.86
C GLU A 137 -32.35 -27.85 -19.13
N ASP A 138 -33.01 -27.32 -18.10
CA ASP A 138 -34.02 -26.29 -18.23
C ASP A 138 -33.52 -25.01 -17.56
N PHE A 139 -33.97 -23.88 -18.08
CA PHE A 139 -33.55 -22.58 -17.58
C PHE A 139 -34.65 -21.98 -16.71
N TYR A 140 -34.25 -21.44 -15.57
CA TYR A 140 -35.15 -20.84 -14.60
C TYR A 140 -34.78 -19.39 -14.40
N LEU A 141 -35.80 -18.55 -14.21
CA LEU A 141 -35.63 -17.14 -13.93
C LEU A 141 -35.82 -16.89 -12.44
N VAL A 142 -34.91 -16.12 -11.86
CA VAL A 142 -34.90 -15.80 -10.44
C VAL A 142 -35.28 -14.33 -10.30
N ILE A 143 -36.35 -14.07 -9.56
CA ILE A 143 -36.85 -12.72 -9.31
C ILE A 143 -36.71 -12.42 -7.82
N HIS A 144 -36.03 -11.33 -7.51
CA HIS A 144 -35.74 -10.95 -6.13
C HIS A 144 -36.24 -9.55 -5.88
N ILE A 145 -37.07 -9.38 -4.86
CA ILE A 145 -37.71 -8.09 -4.58
C ILE A 145 -36.79 -7.26 -3.70
N ILE A 146 -36.47 -6.05 -4.16
CA ILE A 146 -35.62 -5.12 -3.43
C ILE A 146 -36.33 -3.77 -3.37
N HIS A 147 -35.73 -2.85 -2.61
CA HIS A 147 -36.25 -1.50 -2.48
C HIS A 147 -35.15 -0.50 -2.74
N GLN A 148 -35.54 0.71 -3.13
CA GLN A 148 -34.61 1.82 -3.35
C GLN A 148 -35.13 3.06 -2.65
N ILE A 149 -34.22 3.77 -2.00
CA ILE A 149 -34.56 4.96 -1.22
C ILE A 149 -33.93 6.17 -1.89
N GLN A 150 -34.74 7.19 -2.17
CA GLN A 150 -34.27 8.40 -2.83
C GLN A 150 -34.76 9.62 -2.08
N SER A 151 -34.07 10.74 -2.28
CA SER A 151 -34.40 12.00 -1.64
C SER A 151 -35.14 12.90 -2.61
N MET A 152 -36.24 13.49 -2.17
CA MET A 152 -37.06 14.37 -2.99
C MET A 152 -36.79 15.83 -2.73
N LYS A 153 -35.79 16.16 -1.92
CA LYS A 153 -35.44 17.54 -1.63
C LYS A 153 -33.95 17.76 -1.88
N THR A 154 -33.62 18.91 -2.44
CA THR A 154 -32.23 19.25 -2.67
C THR A 154 -31.58 19.69 -1.34
N LEU A 155 -30.27 19.88 -1.40
CA LEU A 155 -29.55 20.35 -0.22
C LEU A 155 -29.97 21.77 0.17
N TRP A 156 -30.50 22.55 -0.77
CA TRP A 156 -30.94 23.90 -0.45
C TRP A 156 -32.23 23.86 0.35
N GLU A 157 -33.22 23.09 -0.09
CA GLU A 157 -34.46 22.97 0.64
C GLU A 157 -34.36 21.88 1.69
N LEU A 158 -33.29 21.88 2.48
CA LEU A 158 -33.14 20.94 3.57
C LEU A 158 -32.61 21.65 4.81
N VAL A 159 -31.88 22.73 4.60
CA VAL A 159 -31.31 23.53 5.67
C VAL A 159 -32.01 24.90 5.77
N ASN A 160 -33.15 25.04 5.11
CA ASN A 160 -33.95 26.26 5.14
C ASN A 160 -33.17 27.47 4.64
N LYS A 161 -32.23 27.23 3.72
CA LYS A 161 -31.52 28.28 2.99
C LYS A 161 -30.68 29.17 3.91
N ASP A 162 -30.33 28.68 5.10
CA ASP A 162 -29.50 29.45 6.02
C ASP A 162 -28.08 28.93 5.90
N PRO A 163 -27.12 29.73 5.44
CA PRO A 163 -25.74 29.22 5.29
C PRO A 163 -25.15 28.64 6.56
N LYS A 164 -25.49 29.19 7.72
CA LYS A 164 -24.98 28.63 8.97
C LYS A 164 -25.55 27.24 9.22
N GLU A 165 -26.83 27.03 8.90
CA GLU A 165 -27.41 25.70 9.00
C GLU A 165 -26.73 24.73 8.04
N LEU A 166 -26.39 25.21 6.84
CA LEU A 166 -25.64 24.38 5.90
C LEU A 166 -24.26 24.02 6.46
N GLU A 167 -23.59 24.97 7.10
CA GLU A 167 -22.30 24.69 7.73
C GLU A 167 -22.45 23.64 8.82
N GLU A 168 -23.49 23.75 9.65
CA GLU A 168 -23.71 22.77 10.69
C GLU A 168 -23.98 21.39 10.11
N PHE A 169 -24.79 21.33 9.05
CA PHE A 169 -25.10 20.06 8.41
C PHE A 169 -23.85 19.42 7.82
N LEU A 170 -23.02 20.22 7.14
CA LEU A 170 -21.81 19.68 6.54
C LEU A 170 -20.81 19.22 7.59
N MET A 171 -20.71 19.95 8.71
CA MET A 171 -19.74 19.61 9.73
C MET A 171 -20.18 18.41 10.57
N THR A 172 -21.47 18.24 10.80
CA THR A 172 -21.94 17.13 11.63
C THR A 172 -21.98 15.80 10.89
N HIS A 173 -21.90 15.82 9.57
CA HIS A 173 -21.88 14.60 8.75
C HIS A 173 -20.61 14.56 7.90
N LYS A 174 -19.48 14.89 8.50
CA LYS A 174 -18.24 15.04 7.73
C LYS A 174 -17.78 13.72 7.12
N GLU A 175 -17.97 12.61 7.84
CA GLU A 175 -17.31 11.37 7.47
C GLU A 175 -18.00 10.66 6.31
N ASN A 176 -19.32 10.49 6.38
CA ASN A 176 -20.04 9.59 5.47
C ASN A 176 -21.18 10.32 4.78
N LEU A 177 -20.90 11.49 4.22
CA LEU A 177 -21.87 12.25 3.45
C LEU A 177 -21.40 12.35 2.01
N MET A 178 -22.28 12.00 1.08
CA MET A 178 -22.02 12.13 -0.35
C MET A 178 -23.18 12.84 -1.01
N LEU A 179 -22.89 13.66 -2.01
CA LEU A 179 -23.90 14.43 -2.72
C LEU A 179 -23.99 13.95 -4.17
N LYS A 180 -25.19 13.68 -4.63
CA LYS A 180 -25.46 13.25 -5.99
C LYS A 180 -26.07 14.40 -6.77
N ASP A 181 -25.55 14.65 -7.96
CA ASP A 181 -25.98 15.77 -8.80
C ASP A 181 -27.11 15.25 -9.69
N ILE A 182 -28.34 15.74 -9.44
CA ILE A 182 -29.51 15.27 -10.18
C ILE A 182 -29.84 16.13 -11.38
N ALA A 183 -29.20 17.29 -11.53
CA ALA A 183 -29.45 18.15 -12.69
C ALA A 183 -28.79 17.64 -13.96
N SER A 184 -27.90 16.70 -13.86
CA SER A 184 -27.14 16.00 -14.87
C SER A 184 -27.84 14.70 -15.25
N PRO A 185 -27.68 14.23 -16.49
CA PRO A 185 -28.23 12.92 -16.86
C PRO A 185 -27.31 11.74 -16.61
N LEU A 186 -26.17 11.97 -15.94
CA LEU A 186 -25.30 10.88 -15.49
C LEU A 186 -25.46 10.59 -14.01
N LYS A 187 -25.93 11.56 -13.23
CA LYS A 187 -26.14 11.41 -11.79
C LYS A 187 -24.85 10.97 -11.10
N THR A 188 -23.84 11.83 -11.20
CA THR A 188 -22.53 11.56 -10.62
C THR A 188 -22.52 11.95 -9.15
N VAL A 189 -21.84 11.15 -8.33
CA VAL A 189 -21.78 11.33 -6.89
C VAL A 189 -20.46 11.99 -6.54
N TYR A 190 -20.50 13.01 -5.68
CA TYR A 190 -19.32 13.74 -5.24
C TYR A 190 -19.18 13.66 -3.74
N LYS A 191 -17.96 13.99 -3.27
CA LYS A 191 -17.66 14.08 -1.85
C LYS A 191 -17.17 15.48 -1.52
N PRO A 192 -17.72 16.14 -0.50
CA PRO A 192 -17.26 17.48 -0.14
C PRO A 192 -15.86 17.45 0.44
N CYS A 193 -15.19 18.60 0.32
CA CYS A 193 -13.83 18.78 0.83
C CYS A 193 -13.87 19.50 2.17
N PHE A 194 -12.97 19.13 3.07
CA PHE A 194 -12.87 19.73 4.38
C PHE A 194 -11.43 20.15 4.64
N GLU A 195 -11.27 21.13 5.54
CA GLU A 195 -9.95 21.61 5.91
C GLU A 195 -9.33 20.68 6.95
N GLU A 196 -8.03 20.42 6.78
CA GLU A 196 -7.33 19.53 7.69
C GLU A 196 -7.22 20.15 9.10
N TYR A 197 -7.22 19.27 10.10
CA TYR A 197 -7.06 19.65 11.50
C TYR A 197 -8.23 20.51 11.99
N THR A 198 -8.39 21.71 11.41
CA THR A 198 -9.42 22.63 11.86
C THR A 198 -10.83 22.19 11.50
N LYS A 199 -10.98 21.14 10.69
CA LYS A 199 -12.28 20.65 10.20
C LYS A 199 -12.90 21.79 9.39
N LYS A 200 -14.23 21.97 9.47
CA LYS A 200 -14.99 23.00 8.77
C LYS A 200 -14.99 22.77 7.26
N PRO A 201 -16.07 23.10 6.57
CA PRO A 201 -16.13 22.88 5.12
C PRO A 201 -15.23 23.83 4.35
N LYS A 202 -15.26 23.74 3.03
CA LYS A 202 -14.49 24.62 2.16
C LYS A 202 -15.46 25.25 1.17
N LEU A 203 -16.06 26.37 1.56
CA LEU A 203 -17.01 27.09 0.73
C LEU A 203 -16.34 28.27 0.04
N ASP A 204 -16.92 28.67 -1.09
CA ASP A 204 -16.45 29.82 -1.85
C ASP A 204 -17.65 30.67 -2.23
N HIS A 205 -17.67 31.92 -1.76
CA HIS A 205 -18.77 32.84 -2.02
C HIS A 205 -18.38 33.77 -3.16
N ASN A 206 -18.94 33.54 -4.33
CA ASN A 206 -18.66 34.37 -5.50
C ASN A 206 -19.81 34.19 -6.49
N GLN A 207 -20.51 35.28 -6.81
CA GLN A 207 -21.69 35.18 -7.67
C GLN A 207 -21.33 34.70 -9.07
N GLU A 208 -20.14 35.09 -9.56
CA GLU A 208 -19.77 34.72 -10.91
C GLU A 208 -19.62 33.21 -11.06
N ILE A 209 -19.04 32.55 -10.05
CA ILE A 209 -18.83 31.11 -10.13
C ILE A 209 -20.16 30.37 -10.16
N VAL A 210 -21.09 30.75 -9.27
CA VAL A 210 -22.38 30.08 -9.24
C VAL A 210 -23.16 30.35 -10.52
N LYS A 211 -23.07 31.56 -11.05
CA LYS A 211 -23.75 31.87 -12.30
C LYS A 211 -23.18 31.03 -13.44
N TYR A 212 -21.86 30.92 -13.51
CA TYR A 212 -21.24 30.14 -14.57
C TYR A 212 -21.64 28.68 -14.49
N TRP A 213 -21.63 28.11 -13.28
CA TRP A 213 -21.95 26.69 -13.15
C TRP A 213 -23.41 26.41 -13.46
N TYR A 214 -24.32 27.29 -13.00
CA TYR A 214 -25.74 27.11 -13.31
C TYR A 214 -25.97 27.20 -14.81
N ASN A 215 -25.38 28.20 -15.47
CA ASN A 215 -25.56 28.32 -16.92
C ASN A 215 -24.88 27.19 -17.67
N TYR A 216 -23.77 26.67 -17.15
CA TYR A 216 -23.13 25.52 -17.76
C TYR A 216 -24.01 24.29 -17.69
N HIS A 217 -24.67 24.07 -16.55
CA HIS A 217 -25.60 22.96 -16.43
C HIS A 217 -26.78 23.12 -17.38
N ILE A 218 -27.28 24.36 -17.56
CA ILE A 218 -28.36 24.58 -18.51
C ILE A 218 -27.89 24.29 -19.93
N GLU A 219 -26.73 24.83 -20.32
CA GLU A 219 -26.32 24.81 -21.72
C GLU A 219 -25.83 23.43 -22.16
N ARG A 220 -25.02 22.76 -21.33
CA ARG A 220 -24.35 21.55 -21.79
C ARG A 220 -25.32 20.40 -22.01
N TYR A 221 -26.30 20.24 -21.13
CA TYR A 221 -27.15 19.05 -21.14
C TYR A 221 -28.56 19.32 -21.62
N TRP A 222 -29.24 20.33 -21.07
CA TRP A 222 -30.61 20.65 -21.47
C TRP A 222 -30.61 21.77 -22.51
N ASN A 223 -30.03 21.48 -23.66
CA ASN A 223 -29.79 22.47 -24.71
C ASN A 223 -30.93 22.53 -25.72
N THR A 224 -32.17 22.66 -25.23
CA THR A 224 -33.33 22.89 -26.08
C THR A 224 -34.19 23.96 -25.43
N PRO A 225 -34.93 24.74 -26.23
CA PRO A 225 -35.82 25.75 -25.63
C PRO A 225 -36.87 25.16 -24.71
N GLU A 226 -37.35 23.95 -25.00
CA GLU A 226 -38.37 23.33 -24.15
C GLU A 226 -37.79 22.93 -22.80
N ALA A 227 -36.61 22.28 -22.80
CA ALA A 227 -36.07 21.70 -21.58
C ALA A 227 -35.81 22.74 -20.51
N LYS A 228 -35.50 23.98 -20.91
CA LYS A 228 -35.28 25.04 -19.93
C LYS A 228 -36.52 25.30 -19.09
N LEU A 229 -37.71 25.00 -19.62
CA LEU A 229 -38.93 25.18 -18.84
C LEU A 229 -38.96 24.26 -17.62
N GLU A 230 -38.69 22.96 -17.83
CA GLU A 230 -38.63 22.06 -16.68
C GLU A 230 -37.38 22.27 -15.84
N PHE A 231 -36.30 22.79 -16.41
CA PHE A 231 -35.16 23.16 -15.58
C PHE A 231 -35.53 24.28 -14.62
N TYR A 232 -36.26 25.28 -15.10
CA TYR A 232 -36.69 26.38 -14.25
C TYR A 232 -37.80 25.98 -13.30
N ARG A 233 -38.62 25.00 -13.67
CA ARG A 233 -39.68 24.54 -12.77
C ARG A 233 -39.11 23.65 -11.66
N LYS A 234 -38.15 22.79 -12.00
CA LYS A 234 -37.61 21.83 -11.03
C LYS A 234 -36.79 22.53 -9.95
N PHE A 235 -35.87 23.40 -10.36
CA PHE A 235 -34.92 24.00 -9.43
C PHE A 235 -35.15 25.48 -9.18
N GLY A 236 -35.86 26.18 -10.06
CA GLY A 236 -36.14 27.59 -9.85
C GLY A 236 -35.19 28.52 -10.57
N GLN A 237 -35.05 29.74 -10.06
CA GLN A 237 -34.16 30.72 -10.64
C GLN A 237 -32.73 30.47 -10.18
N VAL A 238 -31.83 31.35 -10.59
CA VAL A 238 -30.43 31.28 -10.18
C VAL A 238 -30.30 31.94 -8.82
N ASP A 239 -30.43 31.15 -7.76
CA ASP A 239 -30.24 31.67 -6.41
C ASP A 239 -28.80 32.13 -6.24
N LEU A 240 -28.62 33.27 -5.58
CA LEU A 240 -27.30 33.88 -5.47
C LEU A 240 -26.74 33.92 -4.06
N LYS A 241 -27.57 33.76 -3.03
CA LYS A 241 -27.06 33.70 -1.67
C LYS A 241 -26.48 32.35 -1.31
N GLN A 242 -26.57 31.37 -2.21
CA GLN A 242 -26.03 30.04 -1.94
C GLN A 242 -24.53 30.02 -2.21
N PRO A 243 -23.71 29.55 -1.27
CA PRO A 243 -22.27 29.43 -1.53
C PRO A 243 -21.98 28.31 -2.52
N ALA A 244 -20.70 28.04 -2.77
CA ALA A 244 -20.29 26.92 -3.61
C ALA A 244 -19.45 25.98 -2.77
N ILE A 245 -19.75 24.69 -2.84
CA ILE A 245 -19.07 23.69 -2.05
C ILE A 245 -17.93 23.10 -2.86
N LEU A 246 -16.73 23.09 -2.27
CA LEU A 246 -15.61 22.38 -2.87
C LEU A 246 -15.87 20.88 -2.80
N ALA A 247 -15.66 20.18 -3.91
CA ALA A 247 -15.94 18.75 -3.92
C ALA A 247 -15.04 18.04 -4.91
N LYS A 248 -14.91 16.74 -4.71
CA LYS A 248 -14.15 15.87 -5.58
C LYS A 248 -15.00 14.68 -5.98
N PHE A 249 -14.55 13.96 -7.00
CA PHE A 249 -15.27 12.77 -7.44
C PHE A 249 -15.22 11.69 -6.37
N ALA A 250 -16.35 11.01 -6.16
CA ALA A 250 -16.36 9.88 -5.25
C ALA A 250 -15.65 8.67 -5.86
N SER A 251 -15.72 8.52 -7.18
CA SER A 251 -15.07 7.42 -7.86
C SER A 251 -13.63 7.79 -8.21
N LYS A 252 -12.95 6.89 -8.93
CA LYS A 252 -11.58 7.13 -9.32
C LYS A 252 -11.28 6.68 -10.75
N ILE A 253 -12.30 6.29 -11.52
CA ILE A 253 -12.07 5.86 -12.90
C ILE A 253 -11.54 7.01 -13.74
N LYS A 254 -12.11 8.20 -13.56
CA LYS A 254 -11.60 9.39 -14.25
C LYS A 254 -10.16 9.69 -13.86
N LYS A 255 -9.80 9.41 -12.61
CA LYS A 255 -8.46 9.66 -12.07
C LYS A 255 -8.17 11.15 -12.18
N ASN A 256 -6.90 11.52 -12.34
CA ASN A 256 -6.48 12.92 -12.39
C ASN A 256 -7.01 13.69 -11.18
N LYS A 257 -6.54 13.27 -10.00
CA LYS A 257 -7.12 13.78 -8.76
C LYS A 257 -6.57 15.16 -8.42
N ASN A 258 -6.62 16.07 -9.38
CA ASN A 258 -6.44 17.49 -9.16
C ASN A 258 -7.65 18.26 -9.68
N TYR A 259 -8.61 17.57 -10.28
CA TYR A 259 -9.80 18.19 -10.87
C TYR A 259 -10.75 18.55 -9.75
N LYS A 260 -10.58 19.75 -9.19
CA LYS A 260 -11.53 20.27 -8.22
C LYS A 260 -12.88 20.50 -8.91
N ILE A 261 -13.95 20.43 -8.13
CA ILE A 261 -15.27 20.75 -8.66
C ILE A 261 -15.99 21.66 -7.68
N TYR A 262 -16.84 22.52 -8.22
CA TYR A 262 -17.69 23.41 -7.44
C TYR A 262 -19.12 22.90 -7.55
N LEU A 263 -19.74 22.64 -6.41
CA LEU A 263 -21.11 22.15 -6.37
C LEU A 263 -22.02 23.24 -5.83
N LEU A 264 -23.08 23.50 -6.54
CA LEU A 264 -24.09 24.40 -6.01
C LEU A 264 -25.03 23.61 -5.11
N PRO A 265 -25.22 24.01 -3.86
CA PRO A 265 -26.11 23.28 -2.95
C PRO A 265 -27.58 23.52 -3.27
N GLN A 266 -27.90 23.51 -4.56
CA GLN A 266 -29.25 23.67 -5.07
C GLN A 266 -29.58 22.67 -6.16
N LEU A 267 -28.59 22.00 -6.75
CA LEU A 267 -28.79 21.01 -7.80
C LEU A 267 -28.32 19.63 -7.36
N VAL A 268 -28.01 19.44 -6.08
CA VAL A 268 -27.49 18.18 -5.56
C VAL A 268 -28.35 17.75 -4.37
N VAL A 269 -28.35 16.45 -4.12
CA VAL A 269 -29.11 15.88 -3.01
C VAL A 269 -28.23 14.93 -2.21
N PRO A 270 -28.46 14.77 -0.91
CA PRO A 270 -27.79 13.68 -0.18
C PRO A 270 -28.32 12.34 -0.67
N THR A 271 -27.47 11.32 -0.56
CA THR A 271 -27.83 10.03 -1.19
C THR A 271 -28.81 9.26 -0.31
N TYR A 272 -28.33 8.76 0.84
CA TYR A 272 -29.18 8.30 1.93
C TYR A 272 -28.33 7.86 3.10
N ASN A 273 -28.76 8.16 4.32
CA ASN A 273 -28.14 7.63 5.52
C ASN A 273 -29.05 7.84 6.72
N ALA A 274 -29.32 6.77 7.46
CA ALA A 274 -30.21 6.90 8.60
C ALA A 274 -29.58 7.69 9.75
N GLU A 275 -28.27 7.96 9.68
CA GLU A 275 -27.63 8.76 10.73
C GLU A 275 -28.02 10.23 10.66
N GLN A 276 -28.52 10.70 9.52
CA GLN A 276 -28.90 12.10 9.34
C GLN A 276 -30.40 12.31 9.45
N LEU A 277 -31.12 11.34 10.02
CA LEU A 277 -32.58 11.36 10.03
C LEU A 277 -33.08 10.99 11.42
N GLU A 278 -34.28 11.44 11.75
CA GLU A 278 -34.85 11.20 13.07
C GLU A 278 -35.07 9.70 13.30
N SER A 279 -34.92 9.28 14.56
CA SER A 279 -35.05 7.87 14.89
C SER A 279 -36.44 7.34 14.60
N ASP A 280 -37.48 8.11 14.93
CA ASP A 280 -38.84 7.64 14.70
C ASP A 280 -39.15 7.49 13.22
N VAL A 281 -38.44 8.22 12.36
CA VAL A 281 -38.62 8.06 10.92
C VAL A 281 -37.72 6.95 10.36
N ALA A 282 -36.51 6.80 10.89
CA ALA A 282 -35.65 5.70 10.48
C ALA A 282 -36.25 4.36 10.85
N LYS A 283 -37.03 4.30 11.93
CA LYS A 283 -37.70 3.06 12.31
C LYS A 283 -38.74 2.64 11.28
N GLU A 284 -39.44 3.59 10.68
CA GLU A 284 -40.49 3.26 9.71
C GLU A 284 -40.00 3.19 8.28
N ILE A 285 -38.89 3.85 7.95
CA ILE A 285 -38.26 3.60 6.65
C ILE A 285 -37.75 2.18 6.58
N LEU A 286 -37.05 1.74 7.63
CA LEU A 286 -36.84 0.32 7.87
C LEU A 286 -38.18 -0.31 8.25
N GLU A 287 -38.20 -1.65 8.24
CA GLU A 287 -39.40 -2.43 8.53
C GLU A 287 -40.38 -2.31 7.36
N TYR A 288 -40.06 -1.43 6.40
CA TYR A 288 -40.72 -1.41 5.11
C TYR A 288 -39.87 -2.01 4.00
N THR A 289 -38.55 -2.01 4.17
CA THR A 289 -37.63 -2.67 3.24
C THR A 289 -37.44 -4.14 3.55
N LYS A 290 -37.94 -4.62 4.68
CA LYS A 290 -37.84 -6.00 5.09
C LYS A 290 -39.20 -6.67 4.97
N LEU A 291 -39.25 -7.82 4.30
CA LEU A 291 -40.48 -8.54 4.04
C LEU A 291 -40.39 -9.96 4.57
N MET A 292 -41.49 -10.43 5.14
CA MET A 292 -41.59 -11.82 5.55
C MET A 292 -41.67 -12.73 4.33
N PRO A 293 -41.30 -14.01 4.48
CA PRO A 293 -41.38 -14.92 3.32
C PRO A 293 -42.76 -15.00 2.69
N GLU A 294 -43.82 -14.95 3.51
CA GLU A 294 -45.17 -15.03 2.97
C GLU A 294 -45.49 -13.85 2.08
N GLU A 295 -45.10 -12.64 2.50
CA GLU A 295 -45.36 -11.46 1.67
C GLU A 295 -44.62 -11.56 0.34
N ARG A 296 -43.37 -12.02 0.37
CA ARG A 296 -42.62 -12.19 -0.87
C ARG A 296 -43.31 -13.21 -1.78
N LYS A 297 -43.80 -14.31 -1.20
CA LYS A 297 -44.45 -15.34 -1.98
C LYS A 297 -45.70 -14.79 -2.67
N GLU A 298 -46.55 -14.08 -1.90
CA GLU A 298 -47.77 -13.54 -2.49
C GLU A 298 -47.45 -12.49 -3.55
N LEU A 299 -46.47 -11.62 -3.31
CA LEU A 299 -46.12 -10.61 -4.29
C LEU A 299 -45.61 -11.23 -5.58
N LEU A 300 -44.74 -12.24 -5.47
CA LEU A 300 -44.22 -12.88 -6.68
C LEU A 300 -45.33 -13.63 -7.41
N GLU A 301 -46.25 -14.26 -6.67
CA GLU A 301 -47.35 -14.95 -7.33
C GLU A 301 -48.26 -13.97 -8.07
N ASN A 302 -48.52 -12.81 -7.47
CA ASN A 302 -49.31 -11.79 -8.16
C ASN A 302 -48.60 -11.30 -9.42
N ILE A 303 -47.28 -11.07 -9.32
CA ILE A 303 -46.51 -10.62 -10.47
C ILE A 303 -46.60 -11.64 -11.60
N LEU A 304 -46.45 -12.93 -11.27
CA LEU A 304 -46.56 -13.97 -12.28
C LEU A 304 -47.97 -14.07 -12.84
N ALA A 305 -48.98 -13.83 -12.00
CA ALA A 305 -50.37 -13.89 -12.47
C ALA A 305 -50.65 -12.77 -13.48
N GLU A 306 -50.10 -11.59 -13.26
CA GLU A 306 -50.38 -10.44 -14.13
C GLU A 306 -49.36 -10.30 -15.27
N VAL A 307 -48.78 -11.41 -15.73
CA VAL A 307 -47.89 -11.41 -16.89
C VAL A 307 -48.60 -12.14 -18.02
N ASP A 308 -48.65 -11.50 -19.19
CA ASP A 308 -49.29 -12.07 -20.36
C ASP A 308 -48.20 -12.41 -21.38
N SER A 309 -47.68 -13.63 -21.28
CA SER A 309 -46.68 -14.13 -22.21
C SER A 309 -46.51 -15.62 -22.01
N ASP A 310 -46.22 -16.32 -23.11
CA ASP A 310 -45.95 -17.75 -23.07
C ASP A 310 -44.56 -18.04 -22.52
N ILE A 311 -43.65 -17.07 -22.59
CA ILE A 311 -42.23 -17.32 -22.38
C ILE A 311 -41.98 -17.89 -20.98
N ILE A 312 -42.56 -17.28 -19.96
CA ILE A 312 -42.36 -17.73 -18.58
C ILE A 312 -43.64 -18.39 -18.08
N ASP A 313 -43.48 -19.16 -17.00
CA ASP A 313 -44.59 -19.93 -16.45
C ASP A 313 -45.48 -19.03 -15.59
N LYS A 314 -46.40 -19.65 -14.85
CA LYS A 314 -47.39 -18.91 -14.07
C LYS A 314 -47.32 -19.21 -12.58
N SER A 315 -46.45 -20.13 -12.15
CA SER A 315 -46.31 -20.47 -10.75
C SER A 315 -44.83 -20.59 -10.39
N LEU A 316 -44.54 -20.39 -9.12
CA LEU A 316 -43.17 -20.53 -8.64
C LEU A 316 -42.77 -22.00 -8.61
N SER A 317 -41.48 -22.25 -8.42
CA SER A 317 -40.95 -23.60 -8.44
C SER A 317 -40.85 -24.17 -7.03
N GLU A 318 -40.98 -25.49 -6.95
CA GLU A 318 -40.86 -26.23 -5.71
C GLU A 318 -39.64 -27.14 -5.78
N ILE A 319 -38.86 -27.15 -4.70
CA ILE A 319 -37.65 -27.94 -4.63
C ILE A 319 -37.71 -28.84 -3.40
N GLU A 320 -36.95 -29.92 -3.46
CA GLU A 320 -36.86 -30.90 -2.38
C GLU A 320 -35.59 -30.64 -1.58
N VAL A 321 -35.77 -30.33 -0.29
CA VAL A 321 -34.65 -29.95 0.57
C VAL A 321 -34.42 -31.05 1.59
N GLU A 322 -33.17 -31.13 2.08
CA GLU A 322 -32.77 -32.07 3.10
C GLU A 322 -32.56 -31.32 4.39
N LYS A 323 -33.37 -31.63 5.40
CA LYS A 323 -33.28 -30.93 6.68
C LYS A 323 -32.02 -31.35 7.42
N ILE A 324 -31.58 -30.48 8.34
CA ILE A 324 -30.40 -30.72 9.16
C ILE A 324 -30.87 -31.11 10.55
N ALA A 325 -30.35 -32.22 11.05
CA ALA A 325 -30.80 -32.76 12.32
C ALA A 325 -30.42 -31.84 13.47
N GLN A 326 -31.21 -31.89 14.54
CA GLN A 326 -30.95 -31.09 15.73
C GLN A 326 -29.68 -31.56 16.43
N GLU A 327 -29.42 -32.88 16.38
CA GLU A 327 -28.27 -33.45 17.09
C GLU A 327 -26.94 -32.86 16.62
N LEU A 328 -26.90 -32.29 15.41
CA LEU A 328 -25.63 -31.77 14.91
C LEU A 328 -25.18 -30.52 15.64
N GLU A 329 -26.12 -29.70 16.12
CA GLU A 329 -25.75 -28.50 16.85
C GLU A 329 -25.07 -28.83 18.17
N ASN A 330 -25.51 -29.90 18.83
CA ASN A 330 -24.98 -30.28 20.15
C ASN A 330 -23.80 -31.25 19.96
N LYS A 331 -22.73 -30.72 19.37
CA LYS A 331 -21.53 -31.49 19.09
C LYS A 331 -20.29 -30.73 19.51
N ILE A 332 -20.31 -30.14 20.70
CA ILE A 332 -19.15 -29.46 21.26
C ILE A 332 -18.67 -30.21 22.49
N ARG A 333 -17.40 -30.04 22.83
CA ARG A 333 -16.74 -30.81 23.87
C ARG A 333 -16.20 -29.84 24.93
N VAL A 334 -17.05 -29.53 25.91
CA VAL A 334 -16.67 -28.70 27.06
C VAL A 334 -16.10 -29.58 28.15
N ARG A 335 -15.50 -28.98 29.17
CA ARG A 335 -14.84 -29.72 30.24
C ARG A 335 -15.47 -29.38 31.60
N ASP A 336 -15.68 -30.43 32.41
CA ASP A 336 -16.55 -30.36 33.59
C ASP A 336 -15.77 -29.99 34.86
N ASP A 337 -16.41 -30.21 36.01
CA ASP A 337 -15.85 -29.81 37.30
C ASP A 337 -14.50 -30.47 37.57
N LYS A 338 -14.43 -31.80 37.39
CA LYS A 338 -13.20 -32.51 37.72
C LYS A 338 -12.08 -32.14 36.76
N GLY A 339 -12.40 -31.92 35.50
CA GLY A 339 -11.40 -31.65 34.49
C GLY A 339 -11.41 -32.69 33.39
N ASN A 340 -12.58 -33.32 33.20
CA ASN A 340 -12.74 -34.35 32.18
C ASN A 340 -13.10 -33.69 30.85
N SER A 341 -13.53 -34.49 29.88
CA SER A 341 -13.86 -34.01 28.54
C SER A 341 -15.23 -34.50 28.13
N VAL A 342 -16.20 -34.34 29.03
CA VAL A 342 -17.57 -34.81 28.74
C VAL A 342 -18.18 -33.93 27.65
N PRO A 343 -18.88 -34.50 26.68
CA PRO A 343 -19.64 -33.66 25.74
C PRO A 343 -20.71 -32.88 26.47
N ILE A 344 -21.03 -31.70 25.94
CA ILE A 344 -22.00 -30.81 26.57
C ILE A 344 -23.38 -31.47 26.60
N SER A 345 -23.57 -32.52 25.80
CA SER A 345 -24.84 -33.23 25.75
C SER A 345 -25.19 -33.83 27.11
N GLN A 346 -24.25 -34.52 27.74
CA GLN A 346 -24.53 -35.18 29.00
C GLN A 346 -24.41 -34.23 30.18
N LEU A 347 -25.04 -33.06 30.08
CA LEU A 347 -25.18 -32.15 31.21
C LEU A 347 -26.54 -31.47 31.24
N ASN A 348 -27.45 -31.79 30.31
CA ASN A 348 -28.78 -31.19 30.25
C ASN A 348 -28.69 -29.66 30.14
N VAL A 349 -27.69 -29.19 29.40
CA VAL A 349 -27.48 -27.76 29.21
C VAL A 349 -27.16 -27.50 27.74
N GLN A 350 -27.34 -26.26 27.32
CA GLN A 350 -27.06 -25.83 25.96
C GLN A 350 -25.92 -24.81 25.97
N LYS A 351 -25.32 -24.62 24.79
CA LYS A 351 -24.12 -23.80 24.65
C LYS A 351 -24.30 -22.39 25.19
N SER A 352 -25.50 -21.82 25.03
CA SER A 352 -25.73 -20.47 25.50
C SER A 352 -25.58 -20.36 27.01
N GLN A 353 -26.10 -21.33 27.75
CA GLN A 353 -26.00 -21.35 29.21
C GLN A 353 -24.68 -21.99 29.62
N LEU A 354 -23.60 -21.27 29.34
CA LEU A 354 -22.26 -21.74 29.65
C LEU A 354 -21.64 -21.05 30.86
N LEU A 355 -22.24 -19.95 31.33
CA LEU A 355 -21.74 -19.23 32.48
C LEU A 355 -22.87 -18.84 33.42
N LEU A 356 -23.99 -19.55 33.37
CA LEU A 356 -25.09 -19.26 34.28
C LEU A 356 -24.77 -19.67 35.72
N TRP A 357 -23.81 -20.57 35.91
CA TRP A 357 -23.45 -20.99 37.26
C TRP A 357 -22.65 -19.94 38.01
N THR A 358 -21.90 -19.09 37.30
CA THR A 358 -21.05 -18.11 37.96
C THR A 358 -21.85 -17.08 38.75
N ASN A 359 -23.16 -16.97 38.51
CA ASN A 359 -24.01 -16.09 39.30
C ASN A 359 -24.95 -16.85 40.24
N TYR A 360 -25.22 -18.12 39.96
CA TYR A 360 -26.12 -18.92 40.78
C TYR A 360 -25.36 -20.01 41.54
N SER A 361 -24.63 -20.86 40.83
CA SER A 361 -23.85 -21.95 41.41
C SER A 361 -24.69 -22.91 42.25
N ARG A 362 -26.01 -22.88 42.06
CA ARG A 362 -26.92 -23.77 42.76
C ARG A 362 -27.96 -24.43 41.88
N LYS A 363 -28.25 -23.89 40.69
CA LYS A 363 -29.23 -24.45 39.79
C LYS A 363 -28.64 -24.98 38.49
N TYR A 364 -27.44 -24.54 38.10
CA TYR A 364 -26.84 -24.94 36.84
C TYR A 364 -25.47 -25.56 37.09
N PRO A 365 -25.07 -26.53 36.26
CA PRO A 365 -23.78 -27.18 36.46
C PRO A 365 -22.62 -26.23 36.27
N VAL A 366 -21.53 -26.49 36.99
CA VAL A 366 -20.30 -25.72 36.86
C VAL A 366 -19.53 -26.24 35.67
N ILE A 367 -19.17 -25.34 34.75
CA ILE A 367 -18.52 -25.69 33.49
C ILE A 367 -17.23 -24.91 33.37
N LEU A 368 -16.15 -25.61 33.01
CA LEU A 368 -14.81 -25.01 33.01
C LEU A 368 -14.24 -24.93 31.59
N PRO A 369 -13.32 -23.99 31.35
CA PRO A 369 -12.74 -23.86 30.01
C PRO A 369 -12.01 -25.12 29.58
N TYR A 370 -12.09 -25.43 28.29
CA TYR A 370 -11.41 -26.60 27.76
C TYR A 370 -9.91 -26.37 27.64
N GLU A 371 -9.49 -25.21 27.16
CA GLU A 371 -8.09 -24.93 26.90
C GLU A 371 -7.69 -23.60 27.52
N VAL A 372 -6.44 -23.55 27.97
CA VAL A 372 -5.84 -22.33 28.52
C VAL A 372 -4.46 -22.18 27.88
N PRO A 373 -4.02 -20.98 27.52
CA PRO A 373 -2.74 -20.83 26.82
C PRO A 373 -1.55 -21.26 27.67
N GLU A 374 -0.46 -21.60 26.99
CA GLU A 374 0.75 -22.06 27.66
C GLU A 374 1.49 -20.93 28.35
N LYS A 375 1.39 -19.70 27.80
CA LYS A 375 2.09 -18.57 28.40
C LYS A 375 1.54 -18.21 29.78
N PHE A 376 0.37 -18.70 30.14
CA PHE A 376 -0.20 -18.42 31.45
C PHE A 376 0.40 -19.30 32.55
N ARG A 377 1.22 -20.29 32.18
CA ARG A 377 1.93 -21.07 33.19
C ARG A 377 2.93 -20.20 33.94
N LYS A 378 3.61 -19.31 33.24
CA LYS A 378 4.56 -18.38 33.87
C LYS A 378 3.89 -17.08 34.28
N ILE A 379 2.99 -16.56 33.45
CA ILE A 379 2.30 -15.31 33.75
C ILE A 379 1.21 -15.59 34.78
N ARG A 380 1.28 -14.92 35.92
CA ARG A 380 0.29 -15.05 36.98
C ARG A 380 -0.24 -13.69 37.42
N GLU A 381 0.03 -12.64 36.67
CA GLU A 381 -0.19 -11.27 37.13
C GLU A 381 -0.45 -10.39 35.93
N ILE A 382 -1.61 -9.75 35.88
CA ILE A 382 -2.00 -8.91 34.75
C ILE A 382 -2.58 -7.60 35.25
N PRO A 383 -1.97 -6.46 34.93
CA PRO A 383 -2.59 -5.18 35.26
C PRO A 383 -3.87 -4.97 34.47
N MET A 384 -4.81 -4.23 35.07
CA MET A 384 -6.05 -3.88 34.41
C MET A 384 -6.33 -2.40 34.60
N PHE A 385 -6.65 -1.72 33.51
CA PHE A 385 -6.93 -0.30 33.51
C PHE A 385 -8.38 -0.05 33.11
N ILE A 386 -8.94 1.04 33.62
CA ILE A 386 -10.27 1.49 33.24
C ILE A 386 -10.13 2.89 32.68
N ILE A 387 -10.44 3.06 31.40
CA ILE A 387 -10.38 4.35 30.72
C ILE A 387 -11.80 4.80 30.44
N LEU A 388 -12.09 6.05 30.80
CA LEU A 388 -13.44 6.61 30.65
C LEU A 388 -13.37 7.88 29.83
N ASP A 389 -14.24 7.98 28.83
CA ASP A 389 -14.33 9.21 28.05
C ASP A 389 -14.91 10.33 28.91
N SER A 390 -14.28 11.50 28.85
CA SER A 390 -14.73 12.63 29.63
C SER A 390 -16.03 13.24 29.10
N GLY A 391 -16.50 12.79 27.94
CA GLY A 391 -17.74 13.27 27.37
C GLY A 391 -19.00 12.69 27.97
N LEU A 392 -18.86 11.74 28.91
CA LEU A 392 -20.00 11.18 29.60
C LEU A 392 -20.26 11.94 30.89
N LEU A 393 -21.50 11.83 31.37
CA LEU A 393 -21.85 12.43 32.66
C LEU A 393 -21.24 11.61 33.80
N ALA A 394 -21.18 12.25 34.98
CA ALA A 394 -20.48 11.63 36.10
C ALA A 394 -21.17 10.36 36.56
N ASP A 395 -22.51 10.34 36.54
CA ASP A 395 -23.23 9.14 36.96
C ASP A 395 -22.93 7.97 36.03
N ILE A 396 -22.86 8.22 34.72
CA ILE A 396 -22.53 7.16 33.77
C ILE A 396 -21.11 6.66 34.00
N GLN A 397 -20.17 7.56 34.29
CA GLN A 397 -18.80 7.15 34.56
C GLN A 397 -18.73 6.27 35.81
N ASN A 398 -19.43 6.66 36.87
CA ASN A 398 -19.44 5.85 38.09
C ASN A 398 -20.07 4.50 37.85
N PHE A 399 -21.18 4.47 37.10
CA PHE A 399 -21.84 3.22 36.78
C PHE A 399 -20.92 2.30 35.98
N ALA A 400 -20.21 2.86 35.00
CA ALA A 400 -19.30 2.05 34.19
C ALA A 400 -18.16 1.50 35.02
N THR A 401 -17.58 2.33 35.89
CA THR A 401 -16.49 1.86 36.75
C THR A 401 -16.96 0.72 37.65
N ASN A 402 -18.12 0.90 38.29
CA ASN A 402 -18.64 -0.14 39.17
C ASN A 402 -18.95 -1.41 38.40
N GLU A 403 -19.52 -1.28 37.20
CA GLU A 403 -19.87 -2.45 36.41
C GLU A 403 -18.62 -3.22 35.99
N PHE A 404 -17.58 -2.51 35.57
CA PHE A 404 -16.33 -3.19 35.19
C PHE A 404 -15.71 -3.91 36.38
N ARG A 405 -15.64 -3.22 37.53
CA ARG A 405 -15.03 -3.85 38.71
C ARG A 405 -15.82 -5.07 39.15
N GLU A 406 -17.16 -4.96 39.16
CA GLU A 406 -17.99 -6.10 39.56
C GLU A 406 -17.87 -7.24 38.56
N LEU A 407 -17.79 -6.93 37.26
CA LEU A 407 -17.60 -7.98 36.27
C LEU A 407 -16.30 -8.72 36.49
N VAL A 408 -15.23 -7.99 36.83
CA VAL A 408 -13.95 -8.67 37.04
C VAL A 408 -13.96 -9.48 38.32
N LYS A 409 -14.51 -8.94 39.40
CA LYS A 409 -14.36 -9.61 40.69
C LYS A 409 -15.44 -10.66 40.96
N SER A 410 -16.70 -10.34 40.75
CA SER A 410 -17.78 -11.26 41.11
C SER A 410 -17.90 -12.41 40.11
N MET A 411 -17.71 -12.12 38.82
CA MET A 411 -17.94 -13.11 37.77
C MET A 411 -16.67 -13.84 37.35
N TYR A 412 -15.60 -13.12 37.05
CA TYR A 412 -14.39 -13.77 36.57
C TYR A 412 -13.65 -14.50 37.68
N TYR A 413 -13.50 -13.87 38.85
CA TYR A 413 -12.67 -14.42 39.90
C TYR A 413 -13.24 -15.72 40.45
N SER A 414 -14.56 -15.89 40.43
CA SER A 414 -15.15 -17.15 40.84
C SER A 414 -14.68 -18.29 39.94
N LEU A 415 -14.68 -18.08 38.63
CA LEU A 415 -14.12 -19.04 37.70
C LEU A 415 -12.63 -19.24 37.91
N ALA A 416 -11.90 -18.13 38.14
CA ALA A 416 -10.46 -18.21 38.33
C ALA A 416 -10.08 -18.99 39.58
N LYS A 417 -10.96 -19.03 40.58
CA LYS A 417 -10.67 -19.80 41.80
C LYS A 417 -11.22 -21.22 41.73
N LYS A 418 -12.33 -21.44 41.04
CA LYS A 418 -12.85 -22.79 40.89
C LYS A 418 -12.03 -23.62 39.91
N TYR A 419 -11.35 -22.96 38.97
CA TYR A 419 -10.53 -23.68 38.00
C TYR A 419 -9.12 -23.91 38.55
N ASN A 420 -8.52 -22.86 39.10
CA ASN A 420 -7.12 -22.95 39.53
C ASN A 420 -6.94 -23.85 40.74
N SER A 421 -7.92 -23.90 41.63
CA SER A 421 -7.77 -24.58 42.91
C SER A 421 -8.65 -25.82 43.06
N LEU A 422 -9.96 -25.69 42.86
CA LEU A 422 -10.87 -26.81 43.09
C LEU A 422 -10.58 -27.96 42.14
N ALA A 423 -10.30 -27.66 40.88
CA ALA A 423 -10.08 -28.70 39.87
C ALA A 423 -8.61 -28.95 39.57
N LYS A 424 -7.74 -27.98 39.82
CA LYS A 424 -6.33 -28.08 39.52
C LYS A 424 -5.54 -27.98 40.83
N LYS A 425 -4.21 -27.91 40.71
CA LYS A 425 -3.31 -27.87 41.86
C LYS A 425 -3.53 -29.12 42.72
N ALA A 426 -3.12 -30.26 42.13
CA ALA A 426 -3.35 -31.56 42.76
C ALA A 426 -2.75 -31.61 44.15
N ARG A 427 -1.46 -31.29 44.27
CA ARG A 427 -0.81 -31.16 45.58
C ARG A 427 -0.01 -29.85 45.61
N SER A 428 -0.73 -28.76 45.91
CA SER A 428 -0.13 -27.44 46.14
C SER A 428 0.68 -26.92 44.96
N THR A 429 0.69 -27.65 43.84
CA THR A 429 1.58 -27.31 42.73
C THR A 429 0.96 -27.74 41.42
N ASN A 430 0.59 -26.77 40.58
CA ASN A 430 0.23 -27.00 39.19
C ASN A 430 0.89 -25.91 38.35
N GLU A 431 0.72 -26.01 37.04
CA GLU A 431 1.43 -25.09 36.15
C GLU A 431 0.48 -24.15 35.42
N ILE A 432 -0.50 -24.71 34.71
CA ILE A 432 -1.41 -23.88 33.94
C ILE A 432 -2.55 -23.40 34.84
N GLY A 433 -2.73 -22.08 34.91
CA GLY A 433 -3.76 -21.51 35.75
C GLY A 433 -4.18 -20.14 35.26
N LEU A 434 -5.37 -19.73 35.68
CA LEU A 434 -5.93 -18.46 35.24
C LEU A 434 -5.23 -17.30 35.95
N PRO A 435 -4.85 -16.24 35.24
CA PRO A 435 -4.10 -15.13 35.86
C PRO A 435 -4.96 -14.25 36.76
N PHE A 436 -4.36 -13.17 37.26
CA PHE A 436 -4.99 -12.24 38.17
C PHE A 436 -5.07 -10.87 37.51
N LEU A 437 -6.25 -10.27 37.50
CA LEU A 437 -6.49 -8.98 36.85
C LEU A 437 -6.64 -7.92 37.95
N ASP A 438 -5.62 -7.08 38.10
CA ASP A 438 -5.47 -6.23 39.28
C ASP A 438 -6.56 -5.17 39.50
N PHE A 439 -6.65 -4.19 38.61
CA PHE A 439 -7.34 -2.92 38.88
C PHE A 439 -7.04 -2.40 40.30
N ARG A 440 -5.85 -2.71 40.79
CA ARG A 440 -5.48 -2.47 42.18
C ARG A 440 -5.07 -1.01 42.41
N GLY A 441 -5.74 -0.36 43.35
CA GLY A 441 -5.38 0.99 43.72
C GLY A 441 -5.89 2.03 42.72
N LYS A 442 -5.60 3.28 43.04
CA LYS A 442 -5.94 4.39 42.18
C LYS A 442 -4.89 4.52 41.09
N GLU A 443 -4.94 5.64 40.34
CA GLU A 443 -4.06 5.89 39.20
C GLU A 443 -4.18 4.80 38.14
N LYS A 444 -5.17 3.93 38.27
CA LYS A 444 -5.54 2.98 37.23
C LYS A 444 -6.88 3.32 36.61
N VAL A 445 -7.46 4.46 36.96
CA VAL A 445 -8.69 4.96 36.37
C VAL A 445 -8.35 6.27 35.68
N ILE A 446 -8.49 6.30 34.36
CA ILE A 446 -8.05 7.42 33.54
C ILE A 446 -9.27 8.06 32.89
N THR A 447 -9.41 9.37 33.07
CA THR A 447 -10.57 10.11 32.57
C THR A 447 -10.06 11.28 31.72
N GLU A 448 -9.93 11.06 30.42
CA GLU A 448 -9.46 12.09 29.50
C GLU A 448 -10.37 12.12 28.28
N ASP A 449 -10.37 13.27 27.61
CA ASP A 449 -11.17 13.44 26.40
C ASP A 449 -10.59 12.61 25.27
N LEU A 450 -11.28 11.53 24.91
CA LEU A 450 -10.78 10.58 23.93
C LEU A 450 -11.04 11.01 22.49
N ASN A 451 -11.73 12.13 22.28
CA ASN A 451 -12.03 12.61 20.93
C ASN A 451 -11.02 13.63 20.43
N SER A 452 -9.95 13.88 21.19
CA SER A 452 -8.95 14.88 20.82
C SER A 452 -7.56 14.27 20.93
N ASP A 453 -6.62 14.87 20.19
CA ASP A 453 -5.25 14.35 20.19
C ASP A 453 -4.59 14.49 21.55
N LYS A 454 -4.85 15.59 22.26
CA LYS A 454 -4.23 15.81 23.56
C LYS A 454 -4.63 14.73 24.56
N GLY A 455 -5.92 14.39 24.60
CA GLY A 455 -6.38 13.35 25.50
C GLY A 455 -5.77 12.00 25.19
N ILE A 456 -5.66 11.66 23.91
CA ILE A 456 -5.06 10.39 23.52
C ILE A 456 -3.59 10.35 23.91
N ILE A 457 -2.88 11.47 23.70
CA ILE A 457 -1.47 11.54 24.08
C ILE A 457 -1.32 11.33 25.58
N GLU A 458 -2.16 12.00 26.37
CA GLU A 458 -2.09 11.86 27.82
C GLU A 458 -2.39 10.44 28.26
N VAL A 459 -3.41 9.81 27.66
CA VAL A 459 -3.76 8.44 28.02
C VAL A 459 -2.61 7.50 27.70
N VAL A 460 -2.01 7.66 26.53
CA VAL A 460 -0.89 6.81 26.14
C VAL A 460 0.28 7.01 27.09
N GLU A 461 0.57 8.26 27.44
CA GLU A 461 1.67 8.53 28.37
C GLU A 461 1.44 7.86 29.72
N GLN A 462 0.23 8.00 30.26
CA GLN A 462 -0.07 7.40 31.56
C GLN A 462 0.05 5.87 31.51
N VAL A 463 -0.58 5.24 30.52
CA VAL A 463 -0.55 3.79 30.43
C VAL A 463 0.87 3.29 30.23
N SER A 464 1.64 3.95 29.36
CA SER A 464 3.01 3.53 29.11
C SER A 464 3.87 3.69 30.37
N SER A 465 3.68 4.78 31.11
CA SER A 465 4.43 4.97 32.35
C SER A 465 4.11 3.87 33.35
N PHE A 466 2.83 3.51 33.48
CA PHE A 466 2.47 2.45 34.42
C PHE A 466 2.92 1.09 33.91
N MET A 467 2.92 0.89 32.60
CA MET A 467 3.25 -0.40 31.99
C MET A 467 4.75 -0.70 31.94
N LYS A 468 5.62 0.10 32.56
CA LYS A 468 7.05 -0.16 32.47
C LYS A 468 7.41 -1.44 33.22
N GLY A 469 8.14 -2.32 32.53
CA GLY A 469 8.58 -3.58 33.11
C GLY A 469 7.62 -4.74 32.96
N LYS A 470 6.44 -4.52 32.41
CA LYS A 470 5.44 -5.57 32.24
C LYS A 470 5.34 -5.98 30.79
N GLU A 471 4.54 -7.02 30.53
CA GLU A 471 4.45 -7.58 29.20
C GLU A 471 3.03 -7.88 28.72
N LEU A 472 2.01 -7.80 29.57
CA LEU A 472 0.64 -8.05 29.13
C LEU A 472 -0.32 -7.39 30.11
N GLY A 473 -1.24 -6.59 29.57
CA GLY A 473 -2.22 -5.91 30.40
C GLY A 473 -3.56 -5.86 29.71
N LEU A 474 -4.59 -5.51 30.49
CA LEU A 474 -5.96 -5.46 30.02
C LEU A 474 -6.53 -4.08 30.26
N ALA A 475 -7.44 -3.65 29.39
CA ALA A 475 -8.04 -2.35 29.50
C ALA A 475 -9.52 -2.42 29.15
N PHE A 476 -10.34 -1.71 29.93
CA PHE A 476 -11.75 -1.54 29.66
C PHE A 476 -12.01 -0.07 29.35
N ILE A 477 -12.48 0.22 28.15
CA ILE A 477 -12.72 1.58 27.71
C ILE A 477 -14.23 1.80 27.65
N ALA A 478 -14.67 2.91 28.24
CA ALA A 478 -16.07 3.33 28.20
C ALA A 478 -16.12 4.61 27.37
N ALA A 479 -16.57 4.48 26.12
CA ALA A 479 -16.51 5.57 25.14
C ALA A 479 -17.89 6.18 24.94
N ARG A 480 -17.89 7.37 24.34
CA ARG A 480 -19.13 8.08 24.08
C ARG A 480 -19.79 7.56 22.82
N ASN A 481 -21.01 8.05 22.56
CA ASN A 481 -21.80 7.54 21.45
C ASN A 481 -21.27 8.02 20.10
N LYS A 482 -20.85 9.29 20.03
CA LYS A 482 -20.49 9.92 18.77
C LYS A 482 -18.99 9.82 18.46
N LEU A 483 -18.27 8.94 19.15
CA LEU A 483 -16.83 8.82 18.93
C LEU A 483 -16.53 8.55 17.47
N SER A 484 -15.85 9.49 16.83
CA SER A 484 -15.52 9.38 15.43
C SER A 484 -14.50 8.28 15.19
N SER A 485 -14.58 7.65 14.01
CA SER A 485 -13.56 6.71 13.61
C SER A 485 -12.22 7.42 13.43
N GLU A 486 -11.16 6.63 13.30
CA GLU A 486 -9.78 7.10 13.21
C GLU A 486 -9.31 7.58 14.58
N LYS A 487 -10.25 7.66 15.52
CA LYS A 487 -9.94 7.84 16.94
C LYS A 487 -10.13 6.56 17.74
N PHE A 488 -11.19 5.81 17.45
CA PHE A 488 -11.32 4.46 17.97
C PHE A 488 -10.15 3.60 17.53
N GLU A 489 -9.86 3.59 16.22
CA GLU A 489 -8.76 2.80 15.70
C GLU A 489 -7.43 3.27 16.25
N GLU A 490 -7.25 4.58 16.38
CA GLU A 490 -6.01 5.09 16.95
C GLU A 490 -5.83 4.64 18.40
N ILE A 491 -6.90 4.70 19.19
CA ILE A 491 -6.81 4.27 20.58
C ILE A 491 -6.43 2.80 20.66
N LYS A 492 -7.11 1.96 19.87
CA LYS A 492 -6.82 0.53 19.89
C LYS A 492 -5.39 0.25 19.44
N ARG A 493 -4.92 0.95 18.40
CA ARG A 493 -3.58 0.69 17.89
C ARG A 493 -2.51 1.10 18.90
N ARG A 494 -2.65 2.30 19.50
CA ARG A 494 -1.65 2.74 20.45
C ARG A 494 -1.70 1.92 21.74
N LEU A 495 -2.86 1.35 22.07
CA LEU A 495 -2.91 0.46 23.23
C LEU A 495 -2.28 -0.90 22.91
N PHE A 496 -2.48 -1.40 21.68
CA PHE A 496 -1.83 -2.63 21.27
C PHE A 496 -0.32 -2.48 21.23
N ASN A 497 0.17 -1.29 20.85
CA ASN A 497 1.61 -1.06 20.77
C ASN A 497 2.31 -1.25 22.12
N LEU A 498 1.59 -1.04 23.23
CA LEU A 498 2.11 -1.27 24.56
C LEU A 498 1.76 -2.67 25.08
N ASN A 499 1.28 -3.55 24.20
CA ASN A 499 0.88 -4.91 24.55
C ASN A 499 -0.24 -4.90 25.59
N VAL A 500 -1.25 -4.07 25.33
CA VAL A 500 -2.43 -3.98 26.18
C VAL A 500 -3.63 -4.37 25.34
N ILE A 501 -4.39 -5.35 25.81
CA ILE A 501 -5.59 -5.81 25.12
C ILE A 501 -6.80 -5.07 25.68
N SER A 502 -7.58 -4.46 24.79
CA SER A 502 -8.64 -3.55 25.19
C SER A 502 -10.00 -4.07 24.78
N GLN A 503 -11.02 -3.72 25.58
CA GLN A 503 -12.41 -4.00 25.28
C GLN A 503 -13.21 -2.72 25.46
N VAL A 504 -14.00 -2.36 24.46
CA VAL A 504 -14.67 -1.07 24.40
C VAL A 504 -16.17 -1.28 24.55
N VAL A 505 -16.80 -0.43 25.37
CA VAL A 505 -18.25 -0.37 25.51
C VAL A 505 -18.67 1.08 25.34
N ASN A 506 -19.72 1.31 24.57
CA ASN A 506 -20.17 2.66 24.25
C ASN A 506 -21.29 3.10 25.18
N GLU A 507 -21.57 4.40 25.15
CA GLU A 507 -22.49 5.01 26.10
C GLU A 507 -23.91 4.48 25.96
N ASP A 508 -24.36 4.28 24.72
CA ASP A 508 -25.74 3.86 24.50
C ASP A 508 -26.04 2.51 25.14
N THR A 509 -25.04 1.63 25.23
CA THR A 509 -25.25 0.35 25.91
C THR A 509 -25.40 0.56 27.41
N LEU A 510 -24.59 1.44 28.00
CA LEU A 510 -24.60 1.64 29.44
C LEU A 510 -25.85 2.35 29.94
N LYS A 511 -26.69 2.88 29.04
CA LYS A 511 -27.88 3.62 29.44
C LYS A 511 -29.19 2.93 29.14
N ASN A 512 -29.21 1.96 28.22
CA ASN A 512 -30.46 1.34 27.80
C ASN A 512 -30.45 -0.17 27.91
N LYS A 513 -29.38 -0.77 28.44
CA LYS A 513 -29.27 -2.22 28.56
C LYS A 513 -29.23 -2.64 30.02
N ARG A 514 -30.09 -2.04 30.84
CA ARG A 514 -30.18 -2.40 32.24
C ARG A 514 -30.97 -3.70 32.41
N ASP A 515 -30.79 -4.34 33.56
CA ASP A 515 -31.40 -5.64 33.80
C ASP A 515 -32.91 -5.51 33.98
N LYS A 516 -33.59 -6.66 33.87
CA LYS A 516 -35.04 -6.69 33.96
C LYS A 516 -35.51 -6.32 35.37
N TYR A 517 -35.08 -7.09 36.36
CA TYR A 517 -35.51 -6.84 37.74
C TYR A 517 -34.78 -5.64 38.33
N ASP A 518 -33.46 -5.71 38.44
CA ASP A 518 -32.66 -4.63 39.01
C ASP A 518 -32.26 -3.67 37.89
N ARG A 519 -32.87 -2.49 37.88
CA ARG A 519 -32.60 -1.50 36.85
C ARG A 519 -31.39 -0.63 37.17
N ASN A 520 -30.52 -1.09 38.07
CA ASN A 520 -29.27 -0.40 38.38
C ASN A 520 -28.09 -1.34 38.08
N ARG A 521 -28.33 -2.35 37.25
CA ARG A 521 -27.32 -3.33 36.89
C ARG A 521 -27.37 -3.57 35.38
N LEU A 522 -26.22 -3.87 34.81
CA LEU A 522 -26.15 -4.22 33.40
C LEU A 522 -26.83 -5.56 33.16
N ASP A 523 -27.33 -5.74 31.94
CA ASP A 523 -28.11 -6.93 31.62
C ASP A 523 -27.21 -8.16 31.65
N LEU A 524 -27.82 -9.31 31.96
CA LEU A 524 -27.06 -10.56 32.07
C LEU A 524 -26.46 -10.95 30.72
N PHE A 525 -27.22 -10.78 29.65
CA PHE A 525 -26.72 -11.13 28.32
C PHE A 525 -25.45 -10.37 27.99
N VAL A 526 -25.47 -9.05 28.21
CA VAL A 526 -24.32 -8.21 27.87
C VAL A 526 -23.11 -8.58 28.73
N ARG A 527 -23.33 -8.83 30.02
CA ARG A 527 -22.21 -9.17 30.90
C ARG A 527 -21.59 -10.51 30.52
N HIS A 528 -22.41 -11.51 30.24
CA HIS A 528 -21.88 -12.80 29.82
C HIS A 528 -21.12 -12.68 28.50
N ASN A 529 -21.66 -11.91 27.56
CA ASN A 529 -20.97 -11.72 26.29
C ASN A 529 -19.64 -11.00 26.48
N LEU A 530 -19.60 -10.00 27.36
CA LEU A 530 -18.36 -9.28 27.62
C LEU A 530 -17.32 -10.20 28.21
N LEU A 531 -17.70 -11.01 29.20
CA LEU A 531 -16.74 -11.93 29.80
C LEU A 531 -16.24 -12.95 28.79
N PHE A 532 -17.15 -13.48 27.97
CA PHE A 532 -16.76 -14.45 26.96
C PHE A 532 -15.78 -13.85 25.96
N GLN A 533 -16.05 -12.62 25.50
CA GLN A 533 -15.17 -11.99 24.53
C GLN A 533 -13.80 -11.70 25.14
N VAL A 534 -13.76 -11.24 26.39
CA VAL A 534 -12.48 -10.99 27.03
C VAL A 534 -11.68 -12.29 27.18
N LEU A 535 -12.35 -13.36 27.60
CA LEU A 535 -11.66 -14.64 27.74
C LEU A 535 -11.13 -15.13 26.41
N SER A 536 -11.90 -14.94 25.33
CA SER A 536 -11.43 -15.35 24.01
C SER A 536 -10.27 -14.51 23.53
N LYS A 537 -10.29 -13.21 23.83
CA LYS A 537 -9.17 -12.34 23.47
C LYS A 537 -7.92 -12.70 24.26
N LEU A 538 -8.07 -13.26 25.45
CA LEU A 538 -6.92 -13.65 26.25
C LEU A 538 -6.36 -15.02 25.88
N GLY A 539 -6.96 -15.70 24.90
CA GLY A 539 -6.44 -16.97 24.42
C GLY A 539 -7.12 -18.21 24.94
N VAL A 540 -8.15 -18.06 25.76
CA VAL A 540 -8.83 -19.20 26.38
C VAL A 540 -9.91 -19.68 25.42
N LYS A 541 -9.86 -20.96 25.08
CA LYS A 541 -10.88 -21.60 24.23
C LYS A 541 -11.83 -22.36 25.14
N TYR A 542 -13.05 -21.83 25.27
CA TYR A 542 -14.00 -22.41 26.21
C TYR A 542 -14.61 -23.73 25.73
N TYR A 543 -14.62 -23.98 24.43
CA TYR A 543 -15.14 -25.24 23.92
C TYR A 543 -14.52 -25.53 22.57
N VAL A 544 -14.56 -26.81 22.19
CA VAL A 544 -14.05 -27.28 20.90
C VAL A 544 -15.10 -28.20 20.29
N LEU A 545 -14.97 -28.41 18.98
CA LEU A 545 -15.92 -29.25 18.26
C LEU A 545 -15.66 -30.73 18.52
N ASP A 546 -16.74 -31.51 18.49
CA ASP A 546 -16.66 -32.95 18.62
C ASP A 546 -16.56 -33.65 17.27
N TYR A 547 -16.56 -32.92 16.18
CA TYR A 547 -16.50 -33.50 14.86
C TYR A 547 -15.09 -34.01 14.57
N ARG A 548 -15.01 -35.01 13.69
CA ARG A 548 -13.74 -35.56 13.22
C ARG A 548 -13.63 -35.22 11.74
N PHE A 549 -12.67 -34.35 11.41
CA PHE A 549 -12.52 -33.87 10.04
C PHE A 549 -11.52 -34.73 9.27
N ASN A 550 -11.79 -34.89 7.99
CA ASN A 550 -11.00 -35.77 7.13
C ASN A 550 -9.71 -35.13 6.66
N TYR A 551 -9.55 -33.82 6.82
CA TYR A 551 -8.38 -33.11 6.34
C TYR A 551 -7.39 -32.87 7.48
N ASP A 552 -6.18 -32.42 7.10
CA ASP A 552 -5.13 -32.14 8.07
C ASP A 552 -5.13 -30.66 8.48
N TYR A 553 -5.42 -29.76 7.54
CA TYR A 553 -5.54 -28.34 7.82
C TYR A 553 -6.80 -27.81 7.17
N ILE A 554 -7.36 -26.75 7.75
CA ILE A 554 -8.39 -25.96 7.07
C ILE A 554 -7.92 -24.52 7.04
N ILE A 555 -7.88 -23.92 5.85
CA ILE A 555 -7.37 -22.59 5.65
C ILE A 555 -8.47 -21.71 5.06
N GLY A 556 -8.67 -20.54 5.63
CA GLY A 556 -9.60 -19.55 5.09
C GLY A 556 -8.85 -18.30 4.69
N ILE A 557 -9.24 -17.73 3.55
CA ILE A 557 -8.53 -16.63 2.91
C ILE A 557 -9.50 -15.48 2.67
N ASP A 558 -9.02 -14.24 2.87
CA ASP A 558 -9.82 -13.07 2.58
C ASP A 558 -8.91 -11.92 2.17
N VAL A 559 -9.50 -10.92 1.51
CA VAL A 559 -8.78 -9.75 1.02
C VAL A 559 -9.54 -8.50 1.44
N ALA A 560 -8.82 -7.48 1.88
CA ALA A 560 -9.41 -6.23 2.33
C ALA A 560 -8.71 -5.05 1.68
N PRO A 561 -9.42 -3.91 1.52
CA PRO A 561 -8.76 -2.72 0.96
C PRO A 561 -7.83 -2.07 1.96
N MET A 562 -7.00 -1.14 1.49
CA MET A 562 -6.09 -0.39 2.35
C MET A 562 -6.73 0.92 2.78
N LYS A 563 -6.18 1.50 3.85
CA LYS A 563 -6.76 2.72 4.39
C LYS A 563 -6.37 3.95 3.57
N ARG A 564 -5.08 4.24 3.48
CA ARG A 564 -4.58 5.35 2.66
C ARG A 564 -3.63 4.77 1.62
N SER A 565 -4.19 4.25 0.54
CA SER A 565 -3.44 3.71 -0.60
C SER A 565 -4.43 3.18 -1.64
N GLU A 566 -3.91 2.75 -2.79
CA GLU A 566 -4.70 2.02 -3.76
C GLU A 566 -4.08 0.63 -3.85
N GLY A 567 -4.50 -0.25 -2.95
CA GLY A 567 -3.95 -1.59 -2.87
C GLY A 567 -4.81 -2.44 -1.97
N TYR A 568 -4.39 -3.69 -1.80
CA TYR A 568 -5.16 -4.66 -1.05
C TYR A 568 -4.24 -5.47 -0.15
N ILE A 569 -4.84 -6.05 0.89
CA ILE A 569 -4.13 -6.81 1.91
C ILE A 569 -4.80 -8.16 2.07
N GLY A 570 -4.01 -9.23 2.05
CA GLY A 570 -4.52 -10.56 2.24
C GLY A 570 -4.38 -11.04 3.67
N GLY A 571 -5.31 -11.88 4.09
CA GLY A 571 -5.28 -12.46 5.42
C GLY A 571 -5.82 -13.87 5.39
N SER A 572 -5.38 -14.67 6.34
CA SER A 572 -5.76 -16.07 6.36
C SER A 572 -5.83 -16.58 7.80
N ALA A 573 -6.60 -17.65 7.97
CA ALA A 573 -6.73 -18.34 9.26
C ALA A 573 -6.58 -19.83 9.03
N VAL A 574 -5.73 -20.47 9.83
CA VAL A 574 -5.37 -21.87 9.66
C VAL A 574 -5.77 -22.65 10.90
N MET A 575 -6.42 -23.79 10.70
CA MET A 575 -6.80 -24.68 11.79
C MET A 575 -6.12 -26.02 11.60
N PHE A 576 -5.35 -26.45 12.61
CA PHE A 576 -4.66 -27.72 12.64
C PHE A 576 -5.48 -28.72 13.45
N ASP A 577 -5.16 -30.01 13.28
CA ASP A 577 -5.77 -31.04 14.11
C ASP A 577 -4.76 -31.83 14.93
N SER A 578 -3.77 -32.43 14.26
CA SER A 578 -2.74 -33.31 14.82
C SER A 578 -3.33 -34.64 15.26
N GLN A 579 -4.66 -34.74 15.35
CA GLN A 579 -5.34 -36.02 15.46
C GLN A 579 -6.66 -36.09 14.68
N GLY A 580 -7.23 -34.97 14.26
CA GLY A 580 -8.53 -34.93 13.65
C GLY A 580 -9.66 -34.51 14.55
N TYR A 581 -9.45 -34.50 15.87
CA TYR A 581 -10.52 -34.31 16.84
C TYR A 581 -10.49 -32.96 17.55
N ILE A 582 -9.34 -32.29 17.62
CA ILE A 582 -9.25 -31.01 18.31
C ILE A 582 -8.60 -30.00 17.36
N ARG A 583 -8.87 -28.71 17.58
CA ARG A 583 -8.49 -27.65 16.65
C ARG A 583 -7.82 -26.51 17.40
N LYS A 584 -6.85 -25.88 16.73
CA LYS A 584 -6.26 -24.63 17.16
C LYS A 584 -6.31 -23.64 15.99
N ILE A 585 -6.30 -22.36 16.31
CA ILE A 585 -6.43 -21.30 15.31
C ILE A 585 -5.19 -20.43 15.35
N VAL A 586 -4.59 -20.20 14.18
CA VAL A 586 -3.43 -19.32 14.05
C VAL A 586 -3.64 -18.38 12.87
N PRO A 587 -3.55 -17.07 13.05
CA PRO A 587 -3.65 -16.15 11.91
C PRO A 587 -2.33 -16.00 11.18
N ILE A 588 -2.41 -15.95 9.86
CA ILE A 588 -1.25 -15.78 8.99
C ILE A 588 -1.48 -14.57 8.10
N LYS A 589 -0.50 -13.69 8.02
CA LYS A 589 -0.59 -12.47 7.23
C LYS A 589 0.07 -12.69 5.87
N ILE A 590 -0.70 -12.49 4.80
CA ILE A 590 -0.17 -12.49 3.45
C ILE A 590 0.13 -11.05 3.06
N GLY A 591 1.12 -10.88 2.18
CA GLY A 591 1.61 -9.56 1.88
C GLY A 591 0.62 -8.73 1.08
N GLU A 592 1.04 -7.49 0.83
CA GLU A 592 0.24 -6.54 0.07
C GLU A 592 0.17 -6.94 -1.40
N GLN A 593 -0.86 -6.47 -2.09
CA GLN A 593 -1.08 -6.84 -3.47
C GLN A 593 -1.84 -5.72 -4.18
N ARG A 594 -1.93 -5.83 -5.50
CA ARG A 594 -2.54 -4.79 -6.32
C ARG A 594 -4.02 -5.01 -6.56
N GLY A 595 -4.48 -6.25 -6.57
CA GLY A 595 -5.89 -6.54 -6.79
C GLY A 595 -6.42 -7.59 -5.84
N GLU A 596 -7.63 -8.11 -6.13
CA GLU A 596 -8.20 -9.18 -5.32
C GLU A 596 -7.73 -10.50 -5.93
N SER A 597 -6.47 -10.83 -5.64
CA SER A 597 -5.87 -12.07 -6.13
C SER A 597 -4.66 -12.36 -5.25
N VAL A 598 -4.74 -13.41 -4.45
CA VAL A 598 -3.69 -13.73 -3.49
C VAL A 598 -2.59 -14.50 -4.20
N ASP A 599 -1.34 -14.08 -3.99
CA ASP A 599 -0.19 -14.79 -4.52
C ASP A 599 -0.02 -16.08 -3.72
N MET A 600 -0.44 -17.21 -4.31
CA MET A 600 -0.37 -18.48 -3.61
C MET A 600 1.06 -18.98 -3.43
N ASN A 601 2.00 -18.46 -4.21
CA ASN A 601 3.40 -18.88 -4.04
C ASN A 601 3.99 -18.29 -2.76
N GLU A 602 3.72 -17.01 -2.49
CA GLU A 602 4.23 -16.38 -1.28
C GLU A 602 3.48 -16.82 -0.04
N PHE A 603 2.22 -17.25 -0.17
CA PHE A 603 1.47 -17.70 1.00
C PHE A 603 2.04 -19.00 1.55
N PHE A 604 2.35 -19.95 0.68
CA PHE A 604 2.85 -21.24 1.17
C PHE A 604 4.28 -21.15 1.65
N LYS A 605 5.07 -20.23 1.10
CA LYS A 605 6.40 -19.99 1.64
C LYS A 605 6.32 -19.43 3.06
N GLU A 606 5.38 -18.51 3.30
CA GLU A 606 5.16 -17.98 4.63
C GLU A 606 4.54 -19.00 5.57
N MET A 607 3.84 -19.99 5.03
CA MET A 607 3.21 -21.03 5.83
C MET A 607 4.13 -22.21 6.10
N VAL A 608 5.37 -22.17 5.63
CA VAL A 608 6.35 -23.22 5.88
C VAL A 608 7.22 -22.89 7.09
N ASP A 609 7.73 -21.65 7.17
CA ASP A 609 8.58 -21.28 8.30
C ASP A 609 7.77 -21.07 9.58
N LYS A 610 6.47 -20.83 9.47
CA LYS A 610 5.60 -20.74 10.64
C LYS A 610 5.11 -22.11 11.09
N PHE A 611 5.75 -23.18 10.65
CA PHE A 611 5.33 -24.54 10.96
C PHE A 611 6.50 -25.34 11.48
N LYS A 612 6.21 -26.54 11.97
CA LYS A 612 7.23 -27.46 12.44
C LYS A 612 7.07 -28.80 11.75
N GLU A 613 5.83 -29.19 11.47
CA GLU A 613 5.52 -30.47 10.85
C GLU A 613 5.54 -30.42 9.33
N PHE A 614 5.77 -29.24 8.75
CA PHE A 614 5.85 -29.07 7.29
C PHE A 614 4.54 -29.43 6.60
N ASN A 615 4.47 -29.19 5.30
CA ASN A 615 3.34 -29.66 4.50
C ASN A 615 3.60 -31.03 3.90
N ILE A 616 4.85 -31.49 3.87
CA ILE A 616 5.20 -32.85 3.49
C ILE A 616 6.09 -33.39 4.60
N LYS A 617 5.47 -34.02 5.60
CA LYS A 617 6.23 -34.57 6.73
C LYS A 617 6.74 -35.98 6.41
N LEU A 618 5.82 -36.91 6.21
CA LEU A 618 6.15 -38.28 5.84
C LEU A 618 5.37 -38.74 4.62
N ASP A 619 4.12 -38.34 4.48
CA ASP A 619 3.27 -38.74 3.36
C ASP A 619 2.47 -37.51 2.92
N ASN A 620 1.50 -37.73 2.05
CA ASN A 620 0.70 -36.65 1.51
C ASN A 620 -0.16 -36.02 2.60
N LYS A 621 -0.17 -34.69 2.66
CA LYS A 621 -1.00 -33.94 3.59
C LYS A 621 -2.13 -33.27 2.81
N LYS A 622 -3.36 -33.49 3.26
CA LYS A 622 -4.53 -32.92 2.61
C LYS A 622 -4.83 -31.55 3.19
N ILE A 623 -5.10 -30.59 2.32
CA ILE A 623 -5.44 -29.23 2.71
C ILE A 623 -6.81 -28.88 2.14
N LEU A 624 -7.64 -28.24 2.96
CA LEU A 624 -8.93 -27.74 2.53
C LEU A 624 -8.87 -26.21 2.52
N LEU A 625 -9.22 -25.61 1.38
CA LEU A 625 -9.11 -24.18 1.17
C LEU A 625 -10.49 -23.63 0.84
N LEU A 626 -11.04 -22.85 1.75
CA LEU A 626 -12.32 -22.17 1.55
C LEU A 626 -12.03 -20.71 1.21
N ARG A 627 -12.53 -20.26 0.08
CA ARG A 627 -12.25 -18.90 -0.40
C ARG A 627 -13.49 -18.05 -0.27
N ASP A 628 -13.35 -16.91 0.41
CA ASP A 628 -14.42 -15.92 0.53
C ASP A 628 -14.61 -15.25 -0.82
N GLY A 629 -15.64 -15.67 -1.55
CA GLY A 629 -15.84 -15.17 -2.89
C GLY A 629 -15.67 -16.27 -3.91
N ARG A 630 -14.59 -16.22 -4.68
CA ARG A 630 -14.30 -17.24 -5.68
C ARG A 630 -12.80 -17.31 -5.89
N ILE A 631 -12.34 -18.47 -6.36
CA ILE A 631 -10.93 -18.68 -6.68
C ILE A 631 -10.66 -18.10 -8.05
N THR A 632 -9.85 -17.05 -8.12
CA THR A 632 -9.55 -16.44 -9.39
C THR A 632 -8.66 -17.36 -10.23
N ASN A 633 -8.53 -17.02 -11.51
CA ASN A 633 -7.75 -17.87 -12.41
C ASN A 633 -6.28 -17.88 -12.03
N ASN A 634 -5.75 -16.74 -11.60
CA ASN A 634 -4.35 -16.69 -11.19
C ASN A 634 -4.10 -17.53 -9.95
N GLU A 635 -5.04 -17.50 -8.99
CA GLU A 635 -4.88 -18.30 -7.78
C GLU A 635 -4.92 -19.79 -8.10
N GLU A 636 -5.78 -20.20 -9.03
CA GLU A 636 -5.82 -21.61 -9.43
C GLU A 636 -4.57 -22.01 -10.19
N GLU A 637 -4.08 -21.12 -11.06
CA GLU A 637 -2.85 -21.41 -11.81
C GLU A 637 -1.64 -21.50 -10.89
N GLY A 638 -1.60 -20.68 -9.85
CA GLY A 638 -0.49 -20.73 -8.90
C GLY A 638 -0.60 -21.83 -7.87
N LEU A 639 -1.72 -22.53 -7.81
CA LEU A 639 -1.83 -23.67 -6.89
C LEU A 639 -1.27 -24.94 -7.50
N LYS A 640 -1.38 -25.10 -8.82
CA LYS A 640 -0.77 -26.24 -9.49
C LYS A 640 0.75 -26.19 -9.37
N TYR A 641 1.32 -24.99 -9.46
CA TYR A 641 2.76 -24.84 -9.31
C TYR A 641 3.22 -25.29 -7.93
N ILE A 642 2.48 -24.91 -6.88
CA ILE A 642 2.81 -25.35 -5.52
C ILE A 642 2.64 -26.85 -5.39
N SER A 643 1.55 -27.39 -5.95
CA SER A 643 1.31 -28.82 -5.84
C SER A 643 2.38 -29.63 -6.56
N GLU A 644 3.00 -29.06 -7.59
CA GLU A 644 4.06 -29.76 -8.28
C GLU A 644 5.27 -30.00 -7.38
N MET A 645 5.64 -29.00 -6.58
CA MET A 645 6.85 -29.08 -5.77
C MET A 645 6.59 -29.68 -4.38
N PHE A 646 5.71 -29.05 -3.60
CA PHE A 646 5.55 -29.40 -2.20
C PHE A 646 4.91 -30.77 -1.98
N ASP A 647 4.32 -31.38 -3.01
CA ASP A 647 3.70 -32.69 -2.91
C ASP A 647 2.58 -32.67 -1.85
N ILE A 648 1.55 -31.88 -2.13
CA ILE A 648 0.36 -31.79 -1.30
C ILE A 648 -0.86 -31.93 -2.19
N GLU A 649 -2.01 -32.16 -1.57
CA GLU A 649 -3.29 -32.24 -2.28
C GLU A 649 -4.24 -31.23 -1.69
N VAL A 650 -4.73 -30.32 -2.53
CA VAL A 650 -5.57 -29.20 -2.10
C VAL A 650 -6.99 -29.42 -2.62
N VAL A 651 -7.97 -29.15 -1.77
CA VAL A 651 -9.38 -29.20 -2.15
C VAL A 651 -9.95 -27.81 -1.91
N THR A 652 -10.36 -27.14 -2.98
CA THR A 652 -10.77 -25.75 -2.92
C THR A 652 -12.27 -25.62 -3.14
N MET A 653 -12.89 -24.76 -2.34
CA MET A 653 -14.30 -24.44 -2.44
C MET A 653 -14.50 -22.94 -2.38
N ASP A 654 -15.55 -22.47 -3.04
CA ASP A 654 -15.90 -21.05 -3.07
C ASP A 654 -17.15 -20.83 -2.22
N VAL A 655 -17.08 -19.85 -1.30
CA VAL A 655 -18.18 -19.51 -0.41
C VAL A 655 -18.71 -18.13 -0.80
N ILE A 656 -20.00 -18.04 -1.08
CA ILE A 656 -20.64 -16.81 -1.54
C ILE A 656 -21.79 -16.49 -0.60
N LYS A 657 -21.90 -15.21 -0.22
CA LYS A 657 -22.93 -14.77 0.71
C LYS A 657 -23.90 -13.74 0.13
N ASN A 658 -23.66 -13.25 -1.08
CA ASN A 658 -24.52 -12.24 -1.70
C ASN A 658 -25.04 -12.81 -3.02
N HIS A 659 -26.22 -13.40 -2.98
CA HIS A 659 -26.88 -14.00 -4.14
C HIS A 659 -28.36 -13.71 -4.06
N PRO A 660 -29.06 -13.73 -5.19
CA PRO A 660 -30.49 -13.39 -5.20
C PRO A 660 -31.44 -14.56 -4.97
N VAL A 661 -30.97 -15.71 -4.53
CA VAL A 661 -31.82 -16.90 -4.39
C VAL A 661 -32.34 -16.97 -2.96
N ARG A 662 -33.65 -17.15 -2.82
CA ARG A 662 -34.30 -17.23 -1.52
C ARG A 662 -35.20 -18.45 -1.46
N ALA A 663 -35.32 -19.01 -0.25
CA ALA A 663 -36.24 -20.10 0.04
C ALA A 663 -37.27 -19.60 1.03
N PHE A 664 -38.55 -19.86 0.75
CA PHE A 664 -39.64 -19.29 1.53
C PHE A 664 -40.03 -20.21 2.68
N ALA A 665 -39.08 -20.41 3.58
CA ALA A 665 -39.28 -21.18 4.79
C ALA A 665 -38.24 -20.76 5.82
N ASN A 666 -38.51 -21.09 7.08
CA ASN A 666 -37.62 -20.73 8.18
C ASN A 666 -37.20 -22.01 8.90
N MET A 667 -36.14 -22.65 8.39
CA MET A 667 -35.54 -23.80 9.05
C MET A 667 -34.15 -24.01 8.47
N LYS A 668 -33.33 -24.74 9.20
CA LYS A 668 -31.98 -25.07 8.74
C LYS A 668 -32.08 -26.20 7.73
N MET A 669 -31.53 -25.99 6.54
CA MET A 669 -31.69 -26.95 5.46
C MET A 669 -30.62 -26.70 4.41
N TYR A 670 -30.62 -27.51 3.35
CA TYR A 670 -29.79 -27.24 2.20
C TYR A 670 -30.38 -27.94 0.99
N PHE A 671 -30.06 -27.42 -0.19
CA PHE A 671 -30.51 -28.02 -1.44
C PHE A 671 -29.47 -27.78 -2.52
N ASN A 672 -29.55 -28.60 -3.57
CA ASN A 672 -28.62 -28.55 -4.69
C ASN A 672 -29.35 -27.93 -5.89
N LEU A 673 -28.79 -26.86 -6.43
CA LEU A 673 -29.41 -26.14 -7.54
C LEU A 673 -28.33 -25.62 -8.47
N GLY A 674 -28.49 -25.91 -9.77
CA GLY A 674 -27.57 -25.40 -10.77
C GLY A 674 -26.13 -25.83 -10.58
N GLY A 675 -25.90 -26.95 -9.90
CA GLY A 675 -24.57 -27.41 -9.60
C GLY A 675 -23.99 -26.89 -8.31
N ALA A 676 -24.57 -25.84 -7.73
CA ALA A 676 -24.13 -25.28 -6.47
C ALA A 676 -25.00 -25.79 -5.33
N ILE A 677 -24.56 -25.53 -4.10
CA ILE A 677 -25.29 -25.96 -2.92
C ILE A 677 -25.69 -24.72 -2.13
N TYR A 678 -26.99 -24.58 -1.86
CA TYR A 678 -27.50 -23.47 -1.06
C TYR A 678 -27.85 -24.01 0.32
N LEU A 679 -27.24 -23.43 1.35
CA LEU A 679 -27.34 -23.95 2.71
C LEU A 679 -27.81 -22.85 3.65
N ILE A 680 -28.90 -23.09 4.35
CA ILE A 680 -29.38 -22.19 5.40
C ILE A 680 -29.00 -22.82 6.74
N PRO A 681 -27.97 -22.32 7.41
CA PRO A 681 -27.50 -22.90 8.67
C PRO A 681 -28.03 -22.24 9.95
N HIS A 682 -28.85 -21.22 9.84
CA HIS A 682 -29.27 -20.45 11.01
C HIS A 682 -30.77 -20.23 10.98
N LYS A 683 -31.31 -19.77 12.10
CA LYS A 683 -32.72 -19.45 12.25
C LYS A 683 -32.85 -17.98 12.64
N LEU A 684 -33.87 -17.32 12.10
CA LEU A 684 -34.09 -15.91 12.36
C LEU A 684 -34.99 -15.75 13.58
N LYS A 685 -34.51 -15.01 14.57
CA LYS A 685 -35.28 -14.76 15.79
C LYS A 685 -36.13 -13.50 15.72
N GLN A 686 -35.97 -12.69 14.68
CA GLN A 686 -36.78 -11.50 14.49
C GLN A 686 -38.01 -11.83 13.64
N ALA A 687 -39.05 -11.02 13.81
CA ALA A 687 -40.30 -11.28 13.11
C ALA A 687 -40.18 -11.00 11.62
N LYS A 688 -39.59 -9.86 11.26
CA LYS A 688 -39.54 -9.42 9.88
C LYS A 688 -38.20 -9.78 9.25
N GLY A 689 -38.25 -10.35 8.05
CA GLY A 689 -37.04 -10.71 7.32
C GLY A 689 -37.03 -12.13 6.83
N THR A 690 -36.21 -12.39 5.82
CA THR A 690 -36.05 -13.72 5.25
C THR A 690 -34.59 -14.16 5.38
N PRO A 691 -34.33 -15.39 5.82
CA PRO A 691 -32.93 -15.85 5.91
C PRO A 691 -32.27 -15.86 4.54
N ILE A 692 -30.98 -15.51 4.53
CA ILE A 692 -30.19 -15.48 3.30
C ILE A 692 -29.29 -16.72 3.30
N PRO A 693 -29.41 -17.59 2.31
CA PRO A 693 -28.58 -18.82 2.31
C PRO A 693 -27.12 -18.55 2.06
N ILE A 694 -26.33 -19.62 2.03
CA ILE A 694 -24.90 -19.59 1.73
C ILE A 694 -24.68 -20.46 0.51
N LYS A 695 -23.97 -19.92 -0.49
CA LYS A 695 -23.75 -20.61 -1.75
C LYS A 695 -22.35 -21.23 -1.75
N LEU A 696 -22.29 -22.56 -1.77
CA LEU A 696 -21.04 -23.29 -1.90
C LEU A 696 -20.92 -23.76 -3.34
N ALA A 697 -19.82 -23.40 -4.00
CA ALA A 697 -19.71 -23.70 -5.41
C ALA A 697 -18.26 -23.94 -5.81
N LYS A 698 -18.09 -24.62 -6.94
CA LYS A 698 -16.82 -24.80 -7.62
C LYS A 698 -15.79 -25.51 -6.73
N LYS A 699 -16.15 -26.71 -6.29
CA LYS A 699 -15.21 -27.56 -5.59
C LYS A 699 -14.26 -28.21 -6.59
N ARG A 700 -12.96 -28.20 -6.28
CA ARG A 700 -12.00 -28.78 -7.20
C ARG A 700 -10.81 -29.32 -6.41
N ILE A 701 -10.15 -30.33 -6.98
CA ILE A 701 -9.04 -31.02 -6.34
C ILE A 701 -7.79 -30.81 -7.19
N ILE A 702 -6.72 -30.34 -6.55
CA ILE A 702 -5.46 -30.04 -7.22
C ILE A 702 -4.38 -30.94 -6.60
N LYS A 703 -3.70 -31.69 -7.46
CA LYS A 703 -2.59 -32.52 -7.02
C LYS A 703 -1.71 -32.86 -8.22
N ASN A 704 -0.40 -32.96 -7.97
CA ASN A 704 0.57 -33.28 -9.01
C ASN A 704 0.46 -32.33 -10.20
N GLY A 705 0.17 -31.07 -9.91
CA GLY A 705 0.04 -30.08 -10.97
C GLY A 705 -1.17 -30.26 -11.86
N LYS A 706 -2.18 -31.00 -11.41
CA LYS A 706 -3.37 -31.26 -12.19
C LYS A 706 -4.60 -30.87 -11.40
N VAL A 707 -5.61 -30.35 -12.10
CA VAL A 707 -6.85 -29.86 -11.51
C VAL A 707 -7.99 -30.74 -12.02
N GLU A 708 -8.80 -31.25 -11.09
CA GLU A 708 -9.96 -32.05 -11.44
C GLU A 708 -11.19 -31.45 -10.75
N LYS A 709 -12.21 -31.14 -11.54
CA LYS A 709 -13.45 -30.62 -11.00
C LYS A 709 -14.26 -31.74 -10.35
N GLN A 710 -14.94 -31.42 -9.26
CA GLN A 710 -15.73 -32.38 -8.51
C GLN A 710 -17.08 -31.77 -8.17
N SER A 711 -17.94 -32.59 -7.57
CA SER A 711 -19.26 -32.18 -7.13
C SER A 711 -19.34 -32.25 -5.62
N ILE A 712 -20.05 -31.30 -5.01
CA ILE A 712 -20.15 -31.26 -3.56
C ILE A 712 -21.08 -32.35 -3.08
N THR A 713 -20.60 -33.16 -2.14
CA THR A 713 -21.36 -34.26 -1.58
C THR A 713 -21.97 -33.84 -0.25
N ARG A 714 -22.62 -34.79 0.43
CA ARG A 714 -23.26 -34.49 1.71
C ARG A 714 -22.24 -34.27 2.81
N GLN A 715 -21.11 -34.96 2.76
CA GLN A 715 -20.09 -34.82 3.80
C GLN A 715 -19.51 -33.41 3.80
N ASP A 716 -19.30 -32.82 2.64
CA ASP A 716 -18.80 -31.45 2.58
C ASP A 716 -19.78 -30.47 3.21
N VAL A 717 -21.07 -30.63 2.91
CA VAL A 717 -22.08 -29.75 3.47
C VAL A 717 -22.13 -29.89 5.00
N LEU A 718 -22.04 -31.13 5.48
CA LEU A 718 -22.06 -31.35 6.92
C LEU A 718 -20.82 -30.74 7.59
N ASP A 719 -19.66 -30.85 6.94
CA ASP A 719 -18.45 -30.23 7.47
C ASP A 719 -18.59 -28.72 7.53
N ILE A 720 -19.12 -28.11 6.49
CA ILE A 720 -19.30 -26.65 6.48
C ILE A 720 -20.26 -26.23 7.57
N PHE A 721 -21.37 -26.96 7.72
CA PHE A 721 -22.35 -26.62 8.75
C PHE A 721 -21.73 -26.76 10.14
N ILE A 722 -20.91 -27.78 10.35
CA ILE A 722 -20.26 -27.94 11.65
C ILE A 722 -19.28 -26.80 11.91
N LEU A 723 -18.49 -26.42 10.90
CA LEU A 723 -17.56 -25.31 11.07
C LEU A 723 -18.31 -24.01 11.33
N THR A 724 -19.56 -23.91 10.88
CA THR A 724 -20.35 -22.72 11.17
C THR A 724 -20.55 -22.52 12.66
N ARG A 725 -20.68 -23.60 13.43
CA ARG A 725 -21.04 -23.53 14.84
C ARG A 725 -19.85 -23.24 15.76
N LEU A 726 -18.74 -22.72 15.26
CA LEU A 726 -17.56 -22.45 16.06
C LEU A 726 -17.31 -20.95 16.10
N ASN A 727 -17.89 -20.27 17.08
CA ASN A 727 -17.71 -18.85 17.27
C ASN A 727 -17.18 -18.58 18.67
N TYR A 728 -16.20 -17.68 18.77
CA TYR A 728 -15.59 -17.33 20.04
C TYR A 728 -15.88 -15.89 20.46
N GLY A 729 -16.82 -15.23 19.79
CA GLY A 729 -17.14 -13.85 20.13
C GLY A 729 -18.51 -13.67 20.73
N SER A 730 -19.31 -14.72 20.73
CA SER A 730 -20.66 -14.65 21.26
C SER A 730 -21.12 -16.05 21.64
N ILE A 731 -21.58 -16.22 22.87
CA ILE A 731 -22.08 -17.53 23.30
C ILE A 731 -23.39 -17.86 22.61
N SER A 732 -24.30 -16.89 22.52
CA SER A 732 -25.58 -17.09 21.85
C SER A 732 -25.51 -16.61 20.40
N ALA A 733 -24.59 -17.21 19.65
CA ALA A 733 -24.31 -16.82 18.28
C ALA A 733 -24.83 -17.87 17.32
N ASP A 734 -25.54 -17.42 16.28
CA ASP A 734 -26.00 -18.27 15.19
C ASP A 734 -25.61 -17.55 13.90
N MET A 735 -24.38 -17.80 13.44
CA MET A 735 -23.83 -17.09 12.30
C MET A 735 -23.96 -17.91 11.03
N ARG A 736 -23.53 -17.32 9.92
CA ARG A 736 -23.68 -17.90 8.59
C ARG A 736 -22.36 -18.45 8.04
N LEU A 737 -21.29 -17.68 8.11
CA LEU A 737 -20.04 -18.09 7.50
C LEU A 737 -19.35 -19.16 8.35
N PRO A 738 -18.54 -20.01 7.72
CA PRO A 738 -17.69 -20.92 8.49
C PRO A 738 -16.64 -20.14 9.28
N ALA A 739 -16.12 -20.79 10.32
CA ALA A 739 -15.16 -20.14 11.20
C ALA A 739 -13.91 -19.65 10.48
N PRO A 740 -13.24 -20.44 9.62
CA PRO A 740 -12.02 -19.93 8.98
C PRO A 740 -12.23 -18.66 8.18
N VAL A 741 -13.29 -18.61 7.37
CA VAL A 741 -13.59 -17.40 6.60
C VAL A 741 -13.97 -16.26 7.53
N HIS A 742 -14.78 -16.56 8.55
CA HIS A 742 -15.23 -15.54 9.48
C HIS A 742 -14.07 -14.85 10.17
N TYR A 743 -13.04 -15.63 10.56
CA TYR A 743 -11.90 -15.04 11.24
C TYR A 743 -10.84 -14.50 10.29
N ALA A 744 -10.76 -15.02 9.06
CA ALA A 744 -9.91 -14.41 8.06
C ALA A 744 -10.38 -13.00 7.74
N HIS A 745 -11.70 -12.80 7.67
CA HIS A 745 -12.25 -11.46 7.47
C HIS A 745 -11.78 -10.51 8.57
N LYS A 746 -11.89 -10.93 9.83
CA LYS A 746 -11.52 -10.06 10.93
C LYS A 746 -10.03 -9.81 10.99
N PHE A 747 -9.21 -10.82 10.67
CA PHE A 747 -7.77 -10.60 10.66
C PHE A 747 -7.36 -9.65 9.55
N ALA A 748 -7.97 -9.77 8.38
CA ALA A 748 -7.69 -8.83 7.30
C ALA A 748 -8.09 -7.42 7.69
N ASN A 749 -9.24 -7.27 8.34
CA ASN A 749 -9.65 -5.95 8.80
C ASN A 749 -8.70 -5.41 9.86
N ALA A 750 -8.15 -6.27 10.71
CA ALA A 750 -7.18 -5.83 11.71
C ALA A 750 -5.88 -5.37 11.04
N ILE A 751 -5.42 -6.10 10.02
CA ILE A 751 -4.22 -5.68 9.30
C ILE A 751 -4.46 -4.36 8.59
N ARG A 752 -5.67 -4.13 8.09
CA ARG A 752 -6.00 -2.86 7.46
C ARG A 752 -5.79 -1.70 8.43
N ASN A 753 -6.00 -1.93 9.72
CA ASN A 753 -5.80 -0.92 10.76
C ASN A 753 -4.45 -1.07 11.47
N GLU A 754 -3.54 -1.87 10.93
CA GLU A 754 -2.23 -2.16 11.52
C GLU A 754 -2.31 -2.38 13.03
N TRP A 755 -3.01 -3.45 13.41
CA TRP A 755 -3.11 -3.89 14.80
C TRP A 755 -2.28 -5.15 14.96
N LYS A 756 -1.07 -4.99 15.49
CA LYS A 756 -0.17 -6.10 15.77
C LYS A 756 0.34 -5.99 17.20
N ILE A 757 0.47 -7.13 17.88
CA ILE A 757 0.85 -7.08 19.28
C ILE A 757 2.29 -7.52 19.53
N LYS A 758 2.59 -8.81 19.35
CA LYS A 758 3.96 -9.25 19.63
C LYS A 758 4.46 -10.33 18.67
N GLU A 759 3.60 -10.83 17.79
CA GLU A 759 3.88 -11.91 16.85
C GLU A 759 4.12 -13.25 17.55
N GLU A 760 4.18 -13.28 18.88
CA GLU A 760 4.35 -14.52 19.62
C GLU A 760 3.07 -14.99 20.31
N PHE A 761 2.21 -14.06 20.72
CA PHE A 761 0.87 -14.44 21.16
C PHE A 761 0.02 -14.92 20.00
N LEU A 762 0.30 -14.42 18.79
CA LEU A 762 -0.47 -14.81 17.62
C LEU A 762 -0.32 -16.31 17.33
N ALA A 763 0.88 -16.84 17.48
CA ALA A 763 1.15 -18.23 17.13
C ALA A 763 0.52 -19.23 18.07
N GLU A 764 -0.03 -18.79 19.21
CA GLU A 764 -0.53 -19.73 20.21
C GLU A 764 -1.98 -19.46 20.61
N GLY A 765 -2.73 -18.73 19.79
CA GLY A 765 -4.18 -18.66 19.93
C GLY A 765 -4.76 -17.38 20.48
N PHE A 766 -3.97 -16.34 20.71
CA PHE A 766 -4.54 -15.06 21.09
C PHE A 766 -5.33 -14.48 19.93
N LEU A 767 -6.51 -13.96 20.23
CA LEU A 767 -7.48 -13.50 19.23
C LEU A 767 -7.89 -12.07 19.52
N TYR A 768 -6.89 -11.20 19.71
CA TYR A 768 -7.16 -9.81 20.08
C TYR A 768 -8.05 -9.11 19.05
N PHE A 769 -8.02 -9.55 17.80
CA PHE A 769 -8.79 -8.91 16.74
C PHE A 769 -10.23 -9.36 16.69
N VAL A 770 -10.64 -10.33 17.52
CA VAL A 770 -12.00 -10.85 17.49
C VAL A 770 -12.98 -9.77 17.93
N MET D 1 39.06 31.09 4.36
CA MET D 1 39.70 31.44 3.10
C MET D 1 38.66 31.79 2.05
N LYS D 2 39.13 32.23 0.88
CA LYS D 2 38.24 32.61 -0.20
C LYS D 2 38.95 32.40 -1.53
N ALA D 3 38.16 32.30 -2.60
CA ALA D 3 38.70 32.14 -3.94
C ALA D 3 37.67 32.62 -4.94
N ILE D 4 38.08 32.69 -6.20
CA ILE D 4 37.20 33.09 -7.30
C ILE D 4 37.13 31.95 -8.29
N VAL D 5 35.91 31.48 -8.57
CA VAL D 5 35.71 30.37 -9.49
C VAL D 5 34.74 30.78 -10.58
N VAL D 6 34.73 30.01 -11.66
CA VAL D 6 33.87 30.25 -12.81
C VAL D 6 32.72 29.28 -12.76
N ILE D 7 31.50 29.79 -12.88
CA ILE D 7 30.30 28.96 -12.86
C ILE D 7 29.57 29.09 -14.19
N ASN D 8 28.74 28.10 -14.49
CA ASN D 8 28.08 28.01 -15.80
C ASN D 8 26.84 28.91 -15.85
N LEU D 9 27.04 30.18 -15.54
CA LEU D 9 25.98 31.17 -15.54
C LEU D 9 26.39 32.34 -16.43
N VAL D 10 25.42 32.87 -17.18
CA VAL D 10 25.66 34.01 -18.06
C VAL D 10 24.60 35.07 -17.78
N LYS D 11 25.01 36.33 -17.75
CA LYS D 11 24.08 37.40 -17.41
C LYS D 11 23.09 37.65 -18.55
N ILE D 12 21.95 38.21 -18.19
CA ILE D 12 20.86 38.46 -19.12
C ILE D 12 20.57 39.96 -19.13
N ASN D 13 20.49 40.54 -20.33
CA ASN D 13 20.22 41.96 -20.46
C ASN D 13 18.83 42.30 -19.91
N LYS D 14 18.75 43.43 -19.21
CA LYS D 14 17.51 43.81 -18.53
C LYS D 14 16.42 44.29 -19.49
N LYS D 15 16.74 44.47 -20.77
CA LYS D 15 15.74 44.96 -21.72
C LYS D 15 14.64 43.94 -22.01
N ILE D 16 14.83 42.67 -21.61
CA ILE D 16 13.83 41.64 -21.86
C ILE D 16 12.66 41.70 -20.90
N ILE D 17 12.78 42.42 -19.79
CA ILE D 17 11.72 42.42 -18.78
C ILE D 17 10.46 43.05 -19.36
N PRO D 18 9.31 42.40 -19.28
CA PRO D 18 8.10 42.95 -19.90
C PRO D 18 7.60 44.18 -19.18
N ASP D 19 6.86 45.00 -19.92
CA ASP D 19 6.30 46.23 -19.36
C ASP D 19 4.90 46.02 -18.79
N LYS D 20 4.07 45.21 -19.45
CA LYS D 20 2.69 45.00 -19.03
C LYS D 20 2.41 43.50 -18.97
N ILE D 21 1.83 43.05 -17.87
CA ILE D 21 1.46 41.65 -17.68
C ILE D 21 -0.03 41.61 -17.36
N TYR D 22 -0.78 40.86 -18.15
CA TYR D 22 -2.21 40.66 -17.91
C TYR D 22 -2.41 39.41 -17.05
N VAL D 23 -3.50 39.41 -16.30
CA VAL D 23 -3.85 38.30 -15.41
C VAL D 23 -5.26 37.83 -15.76
N TYR D 24 -5.40 36.53 -15.98
CA TYR D 24 -6.70 35.95 -16.33
C TYR D 24 -7.01 34.80 -15.39
N ARG D 25 -8.31 34.53 -15.23
CA ARG D 25 -8.79 33.43 -14.42
C ARG D 25 -9.77 32.60 -15.23
N LEU D 26 -9.52 31.30 -15.30
CA LEU D 26 -10.43 30.39 -15.97
C LEU D 26 -11.43 29.81 -14.97
N PHE D 27 -12.50 29.24 -15.51
CA PHE D 27 -13.53 28.63 -14.69
C PHE D 27 -13.48 27.12 -14.69
N ASN D 28 -12.87 26.51 -15.72
CA ASN D 28 -12.86 25.07 -15.85
C ASN D 28 -11.64 24.68 -16.65
N ASP D 29 -11.21 23.42 -16.48
CA ASP D 29 -10.03 22.92 -17.16
C ASP D 29 -10.20 23.04 -18.67
N PRO D 30 -9.25 23.66 -19.38
CA PRO D 30 -9.37 23.73 -20.85
C PRO D 30 -9.55 22.38 -21.52
N GLU D 31 -9.25 21.28 -20.84
CA GLU D 31 -9.46 19.95 -21.38
C GLU D 31 -10.95 19.57 -21.39
N GLU D 32 -11.77 20.25 -20.60
CA GLU D 32 -13.20 19.96 -20.54
C GLU D 32 -14.07 21.03 -21.20
N GLU D 33 -13.70 22.31 -21.11
CA GLU D 33 -14.46 23.33 -21.81
C GLU D 33 -14.44 23.10 -23.31
N LEU D 34 -13.28 22.75 -23.84
CA LEU D 34 -13.13 22.22 -25.19
C LEU D 34 -12.82 20.74 -25.11
N GLN D 35 -12.55 20.13 -26.26
CA GLN D 35 -12.16 18.72 -26.31
C GLN D 35 -10.94 18.60 -27.23
N LYS D 36 -9.75 18.73 -26.63
CA LYS D 36 -8.48 18.53 -27.32
C LYS D 36 -7.57 17.80 -26.34
N GLU D 37 -7.45 16.49 -26.51
CA GLU D 37 -6.70 15.65 -25.59
C GLU D 37 -5.26 16.11 -25.51
N GLY D 38 -4.75 16.24 -24.29
CA GLY D 38 -3.41 16.73 -24.01
C GLY D 38 -3.36 18.19 -23.65
N TYR D 39 -4.38 18.96 -24.04
CA TYR D 39 -4.43 20.37 -23.70
C TYR D 39 -4.65 20.54 -22.20
N SER D 40 -3.83 21.38 -21.58
CA SER D 40 -3.92 21.64 -20.16
C SER D 40 -3.76 23.13 -19.91
N ILE D 41 -3.92 23.54 -18.65
CA ILE D 41 -3.78 24.94 -18.29
C ILE D 41 -2.37 25.42 -18.54
N TYR D 42 -1.38 24.53 -18.45
CA TYR D 42 0.01 24.91 -18.67
C TYR D 42 0.33 25.07 -20.14
N ARG D 43 -0.27 24.26 -21.02
CA ARG D 43 -0.06 24.45 -22.45
C ARG D 43 -0.73 25.73 -22.94
N LEU D 44 -1.89 26.08 -22.37
CA LEU D 44 -2.54 27.33 -22.75
C LEU D 44 -1.69 28.53 -22.36
N ALA D 45 -1.11 28.51 -21.16
CA ALA D 45 -0.26 29.62 -20.74
C ALA D 45 1.06 29.64 -21.50
N TYR D 46 1.50 28.49 -22.02
CA TYR D 46 2.72 28.46 -22.81
C TYR D 46 2.50 29.06 -24.19
N GLU D 47 1.39 28.74 -24.83
CA GLU D 47 1.13 29.22 -26.18
C GLU D 47 0.83 30.71 -26.22
N ASN D 48 0.52 31.32 -25.09
CA ASN D 48 0.27 32.75 -25.00
C ASN D 48 1.45 33.52 -24.44
N VAL D 49 2.62 32.88 -24.33
CA VAL D 49 3.81 33.48 -23.73
C VAL D 49 3.47 33.93 -22.32
N GLY D 50 3.32 32.98 -21.41
CA GLY D 50 2.98 33.28 -20.04
C GLY D 50 3.25 32.10 -19.14
N ILE D 51 2.83 32.25 -17.87
CA ILE D 51 3.03 31.24 -16.85
C ILE D 51 1.72 31.04 -16.11
N VAL D 52 1.66 29.98 -15.30
CA VAL D 52 0.51 29.68 -14.46
C VAL D 52 0.88 30.04 -13.03
N ILE D 53 0.23 31.06 -12.48
CA ILE D 53 0.55 31.54 -11.14
C ILE D 53 -0.38 30.97 -10.08
N ASP D 54 -1.42 30.23 -10.46
CA ASP D 54 -2.27 29.54 -9.49
C ASP D 54 -2.89 28.33 -10.18
N PRO D 55 -2.32 27.14 -9.99
CA PRO D 55 -2.87 25.94 -10.66
C PRO D 55 -4.22 25.51 -10.12
N GLU D 56 -4.47 25.70 -8.82
CA GLU D 56 -5.72 25.22 -8.24
C GLU D 56 -6.90 26.09 -8.69
N ASN D 57 -6.73 27.41 -8.65
CA ASN D 57 -7.78 28.33 -9.08
C ASN D 57 -7.71 28.67 -10.56
N LEU D 58 -6.75 28.11 -11.29
CA LEU D 58 -6.60 28.34 -12.73
C LEU D 58 -6.42 29.83 -13.03
N ILE D 59 -5.45 30.45 -12.36
CA ILE D 59 -5.10 31.85 -12.57
C ILE D 59 -3.77 31.89 -13.28
N ILE D 60 -3.74 32.55 -14.45
CA ILE D 60 -2.55 32.60 -15.29
C ILE D 60 -2.16 34.04 -15.55
N ALA D 61 -0.87 34.23 -15.83
CA ALA D 61 -0.30 35.54 -16.16
C ALA D 61 0.30 35.47 -17.55
N THR D 62 0.04 36.49 -18.35
CA THR D 62 0.35 36.47 -19.76
C THR D 62 0.98 37.80 -20.17
N THR D 63 1.81 37.76 -21.21
CA THR D 63 2.37 38.99 -21.77
C THR D 63 1.49 39.55 -22.87
N LYS D 64 1.13 38.72 -23.85
CA LYS D 64 0.18 39.12 -24.89
C LYS D 64 -1.24 39.07 -24.34
N GLU D 65 -2.21 39.40 -25.18
CA GLU D 65 -3.61 39.30 -24.80
C GLU D 65 -4.08 37.86 -24.99
N LEU D 66 -4.93 37.40 -24.08
CA LEU D 66 -5.35 36.00 -24.10
C LEU D 66 -6.23 35.73 -25.31
N GLU D 67 -5.90 34.67 -26.04
CA GLU D 67 -6.66 34.21 -27.20
C GLU D 67 -7.20 32.83 -26.88
N TYR D 68 -8.39 32.78 -26.30
CA TYR D 68 -9.00 31.55 -25.84
C TYR D 68 -10.41 31.42 -26.39
N GLU D 69 -10.79 30.19 -26.74
CA GLU D 69 -12.11 29.88 -27.27
C GLU D 69 -13.05 29.36 -26.19
N GLY D 70 -12.89 29.82 -24.95
CA GLY D 70 -13.73 29.37 -23.86
C GLY D 70 -14.18 30.51 -22.96
N GLU D 71 -14.39 30.22 -21.68
CA GLU D 71 -14.86 31.20 -20.73
C GLU D 71 -13.75 31.57 -19.76
N PHE D 72 -13.57 32.86 -19.52
CA PHE D 72 -12.55 33.36 -18.61
C PHE D 72 -12.95 34.76 -18.17
N ILE D 73 -12.31 35.22 -17.11
CA ILE D 73 -12.48 36.60 -16.65
C ILE D 73 -11.11 37.26 -16.44
N PRO D 74 -10.92 38.50 -16.90
CA PRO D 74 -9.67 39.21 -16.62
C PRO D 74 -9.67 39.73 -15.20
N GLU D 75 -8.62 39.40 -14.44
CA GLU D 75 -8.50 39.80 -13.05
C GLU D 75 -7.79 41.13 -12.88
N GLY D 76 -7.45 41.81 -13.98
CA GLY D 76 -6.84 43.11 -13.90
C GLY D 76 -5.44 43.18 -14.48
N GLU D 77 -4.52 43.81 -13.75
CA GLU D 77 -3.16 44.01 -14.21
C GLU D 77 -2.20 43.67 -13.08
N ILE D 78 -0.91 43.65 -13.40
CA ILE D 78 0.14 43.37 -12.43
C ILE D 78 1.45 43.88 -13.01
N SER D 79 2.41 44.15 -12.12
CA SER D 79 3.75 44.54 -12.53
C SER D 79 4.73 43.43 -12.20
N PHE D 80 5.87 43.46 -12.91
CA PHE D 80 6.90 42.45 -12.72
C PHE D 80 7.36 42.37 -11.27
N SER D 81 7.36 43.52 -10.57
CA SER D 81 7.87 43.55 -9.20
C SER D 81 6.92 42.89 -8.21
N GLU D 82 5.67 42.64 -8.58
CA GLU D 82 4.72 42.03 -7.66
C GLU D 82 4.72 40.51 -7.73
N LEU D 83 5.39 39.93 -8.72
CA LEU D 83 5.51 38.48 -8.79
C LEU D 83 6.61 37.98 -7.86
N ARG D 84 6.48 36.74 -7.42
CA ARG D 84 7.54 36.13 -6.62
C ARG D 84 8.74 35.82 -7.50
N ASN D 85 9.88 35.59 -6.85
CA ASN D 85 11.13 35.40 -7.58
C ASN D 85 11.06 34.19 -8.50
N ASP D 86 10.44 33.11 -8.04
CA ASP D 86 10.32 31.91 -8.87
C ASP D 86 9.52 32.19 -10.14
N TYR D 87 8.39 32.89 -10.00
CA TYR D 87 7.57 33.18 -11.17
C TYR D 87 8.24 34.22 -12.07
N GLN D 88 8.98 35.16 -11.49
CA GLN D 88 9.77 36.07 -12.31
C GLN D 88 10.79 35.31 -13.16
N SER D 89 11.49 34.36 -12.54
CA SER D 89 12.48 33.56 -13.27
C SER D 89 11.81 32.74 -14.36
N LYS D 90 10.65 32.13 -14.07
CA LYS D 90 9.96 31.33 -15.07
C LYS D 90 9.49 32.20 -16.23
N LEU D 91 8.97 33.39 -15.95
CA LEU D 91 8.55 34.30 -17.02
C LEU D 91 9.74 34.73 -17.86
N VAL D 92 10.87 35.04 -17.24
CA VAL D 92 12.05 35.44 -17.99
C VAL D 92 12.55 34.29 -18.86
N LEU D 93 12.48 33.06 -18.34
CA LEU D 93 12.86 31.89 -19.14
C LEU D 93 11.93 31.72 -20.33
N ARG D 94 10.63 31.96 -20.14
CA ARG D 94 9.69 31.89 -21.26
C ARG D 94 10.00 32.95 -22.31
N LEU D 95 10.31 34.17 -21.87
CA LEU D 95 10.61 35.24 -22.81
C LEU D 95 11.91 35.02 -23.56
N LEU D 96 12.85 34.26 -22.98
CA LEU D 96 14.10 33.96 -23.67
C LEU D 96 13.85 33.14 -24.93
N LYS D 97 12.78 32.36 -24.97
CA LYS D 97 12.50 31.52 -26.13
C LYS D 97 11.99 32.35 -27.30
N GLU D 98 11.28 33.45 -27.03
CA GLU D 98 10.78 34.30 -28.10
C GLU D 98 11.88 35.03 -28.84
N ASN D 99 13.08 35.11 -28.26
CA ASN D 99 14.22 35.74 -28.91
C ASN D 99 15.19 34.72 -29.50
N GLY D 100 14.79 33.46 -29.60
CA GLY D 100 15.62 32.43 -30.17
C GLY D 100 16.59 31.78 -29.22
N ILE D 101 16.61 32.18 -27.95
CA ILE D 101 17.49 31.58 -26.95
C ILE D 101 16.72 30.41 -26.34
N GLY D 102 16.80 29.25 -26.99
CA GLY D 102 16.15 28.06 -26.50
C GLY D 102 17.09 26.88 -26.54
N GLU D 103 16.65 25.78 -25.93
CA GLU D 103 17.46 24.57 -25.91
C GLU D 103 17.66 24.02 -27.32
N TYR D 104 16.64 24.13 -28.17
CA TYR D 104 16.73 23.61 -29.53
C TYR D 104 17.79 24.35 -30.33
N GLU D 105 18.03 25.62 -30.03
CA GLU D 105 19.03 26.40 -30.75
C GLU D 105 20.43 26.24 -30.16
N LEU D 106 20.55 26.30 -28.83
CA LEU D 106 21.85 26.16 -28.20
C LEU D 106 22.39 24.73 -28.34
N SER D 107 21.52 23.73 -28.40
CA SER D 107 21.99 22.37 -28.68
C SER D 107 22.57 22.27 -30.08
N LYS D 108 21.92 22.90 -31.06
CA LYS D 108 22.45 22.89 -32.42
C LYS D 108 23.77 23.64 -32.50
N LEU D 109 23.89 24.75 -31.78
CA LEU D 109 25.16 25.46 -31.73
C LEU D 109 26.25 24.61 -31.08
N LEU D 110 25.91 23.90 -30.01
CA LEU D 110 26.88 23.03 -29.34
C LEU D 110 27.32 21.90 -30.25
N ARG D 111 26.40 21.35 -31.03
CA ARG D 111 26.75 20.21 -31.87
C ARG D 111 27.65 20.58 -33.06
N LYS D 112 28.15 21.82 -33.13
CA LYS D 112 29.19 22.17 -34.09
C LYS D 112 30.59 21.87 -33.57
N PHE D 113 30.79 21.86 -32.25
CA PHE D 113 32.08 21.57 -31.66
C PHE D 113 32.15 20.17 -31.05
N ARG D 114 31.02 19.55 -30.74
CA ARG D 114 30.96 18.16 -30.32
C ARG D 114 30.04 17.42 -31.27
N LYS D 115 30.56 16.38 -31.91
CA LYS D 115 29.68 15.77 -32.90
C LYS D 115 29.01 14.53 -32.34
N PRO D 116 27.76 14.25 -32.75
CA PRO D 116 27.11 13.01 -32.32
C PRO D 116 27.87 11.81 -32.83
N LYS D 117 28.23 10.91 -31.92
CA LYS D 117 29.06 9.76 -32.26
C LYS D 117 28.22 8.49 -32.26
N THR D 118 28.76 7.46 -32.90
CA THR D 118 28.05 6.19 -33.06
C THR D 118 28.95 5.06 -32.55
N PHE D 119 28.50 4.38 -31.50
CA PHE D 119 29.19 3.22 -30.95
C PHE D 119 28.30 2.01 -31.13
N GLY D 120 28.81 0.99 -31.81
CA GLY D 120 28.04 -0.22 -32.03
C GLY D 120 26.74 0.04 -32.77
N ASP D 121 25.62 -0.08 -32.05
CA ASP D 121 24.30 0.16 -32.61
C ASP D 121 23.60 1.33 -31.94
N TYR D 122 24.35 2.21 -31.26
CA TYR D 122 23.78 3.32 -30.53
C TYR D 122 24.47 4.61 -30.92
N LYS D 123 23.75 5.72 -30.74
CA LYS D 123 24.23 7.05 -31.08
C LYS D 123 24.14 7.95 -29.86
N VAL D 124 25.22 8.68 -29.59
CA VAL D 124 25.29 9.63 -28.49
C VAL D 124 25.27 11.04 -29.07
N ILE D 125 24.36 11.88 -28.55
CA ILE D 125 24.10 13.20 -29.09
C ILE D 125 24.18 14.22 -27.96
N PRO D 126 25.02 15.25 -28.06
CA PRO D 126 25.05 16.30 -27.05
C PRO D 126 23.82 17.18 -27.11
N SER D 127 23.50 17.79 -25.96
CA SER D 127 22.40 18.73 -25.84
C SER D 127 22.66 19.61 -24.64
N VAL D 128 21.79 20.61 -24.46
CA VAL D 128 21.90 21.52 -23.33
C VAL D 128 20.57 21.60 -22.59
N GLU D 129 20.66 22.00 -21.32
CA GLU D 129 19.52 22.25 -20.46
C GLU D 129 19.66 23.65 -19.89
N MET D 130 18.59 24.44 -19.97
CA MET D 130 18.66 25.85 -19.61
C MET D 130 17.69 26.18 -18.48
N SER D 131 18.16 27.00 -17.55
CA SER D 131 17.35 27.48 -16.44
C SER D 131 17.66 28.96 -16.21
N VAL D 132 16.90 29.59 -15.32
CA VAL D 132 17.08 31.01 -15.01
C VAL D 132 17.06 31.18 -13.51
N ILE D 133 17.98 31.99 -12.99
CA ILE D 133 18.12 32.27 -11.56
C ILE D 133 18.24 33.77 -11.36
N LYS D 134 17.50 34.30 -10.39
CA LYS D 134 17.59 35.71 -10.02
C LYS D 134 18.45 35.80 -8.75
N HIS D 135 19.64 36.38 -8.89
CA HIS D 135 20.60 36.36 -7.77
C HIS D 135 20.29 37.44 -6.75
N ASP D 136 20.43 38.71 -7.12
CA ASP D 136 20.00 39.81 -6.29
C ASP D 136 18.94 40.66 -6.96
N GLU D 137 19.26 41.25 -8.12
CA GLU D 137 18.27 41.93 -8.95
C GLU D 137 18.50 41.68 -10.43
N ASP D 138 19.47 40.84 -10.80
CA ASP D 138 19.76 40.52 -12.18
C ASP D 138 19.47 39.04 -12.42
N PHE D 139 19.10 38.73 -13.66
CA PHE D 139 18.73 37.37 -14.03
C PHE D 139 19.89 36.72 -14.79
N TYR D 140 20.19 35.48 -14.45
CA TYR D 140 21.26 34.71 -15.05
C TYR D 140 20.69 33.45 -15.67
N LEU D 141 21.26 33.06 -16.80
CA LEU D 141 20.90 31.84 -17.50
C LEU D 141 21.93 30.76 -17.20
N VAL D 142 21.43 29.57 -16.89
CA VAL D 142 22.25 28.41 -16.54
C VAL D 142 22.16 27.43 -17.69
N ILE D 143 23.31 27.09 -18.27
CA ILE D 143 23.41 26.13 -19.37
C ILE D 143 24.19 24.92 -18.89
N HIS D 144 23.60 23.75 -19.04
CA HIS D 144 24.17 22.50 -18.55
C HIS D 144 24.25 21.50 -19.70
N ILE D 145 25.44 20.98 -19.95
CA ILE D 145 25.68 20.11 -21.09
C ILE D 145 25.35 18.67 -20.69
N ILE D 146 24.47 18.03 -21.45
CA ILE D 146 24.07 16.65 -21.21
C ILE D 146 24.20 15.89 -22.53
N HIS D 147 23.99 14.57 -22.45
CA HIS D 147 24.03 13.70 -23.62
C HIS D 147 22.79 12.83 -23.65
N GLN D 148 22.45 12.37 -24.84
CA GLN D 148 21.31 11.46 -25.03
C GLN D 148 21.75 10.30 -25.90
N ILE D 149 21.33 9.09 -25.52
CA ILE D 149 21.71 7.87 -26.22
C ILE D 149 20.47 7.27 -26.85
N GLN D 150 20.54 7.02 -28.16
CA GLN D 150 19.42 6.48 -28.91
C GLN D 150 19.87 5.27 -29.71
N SER D 151 18.91 4.42 -30.07
CA SER D 151 19.18 3.22 -30.85
C SER D 151 18.78 3.46 -32.30
N MET D 152 19.66 3.07 -33.23
CA MET D 152 19.41 3.25 -34.66
C MET D 152 18.95 1.98 -35.34
N LYS D 153 18.68 0.91 -34.58
CA LYS D 153 18.21 -0.34 -35.14
C LYS D 153 16.95 -0.78 -34.41
N THR D 154 16.00 -1.31 -35.15
CA THR D 154 14.78 -1.84 -34.57
C THR D 154 15.06 -3.19 -33.91
N LEU D 155 14.05 -3.70 -33.20
CA LEU D 155 14.18 -5.01 -32.58
C LEU D 155 14.29 -6.13 -33.62
N TRP D 156 13.81 -5.89 -34.84
CA TRP D 156 13.92 -6.90 -35.89
C TRP D 156 15.35 -7.01 -36.39
N GLU D 157 15.97 -5.88 -36.70
CA GLU D 157 17.35 -5.88 -37.15
C GLU D 157 18.30 -5.85 -35.96
N LEU D 158 18.07 -6.69 -34.96
CA LEU D 158 18.97 -6.79 -33.82
C LEU D 158 19.19 -8.25 -33.47
N VAL D 159 18.21 -9.09 -33.77
CA VAL D 159 18.28 -10.52 -33.52
C VAL D 159 18.41 -11.31 -34.82
N ASN D 160 18.75 -10.62 -35.92
CA ASN D 160 18.95 -11.23 -37.22
C ASN D 160 17.71 -11.96 -37.71
N LYS D 161 16.53 -11.46 -37.32
CA LYS D 161 15.24 -11.91 -37.83
C LYS D 161 14.96 -13.38 -37.51
N ASP D 162 15.62 -13.95 -36.50
CA ASP D 162 15.37 -15.31 -36.08
C ASP D 162 14.47 -15.30 -34.87
N PRO D 163 13.24 -15.84 -34.95
CA PRO D 163 12.33 -15.77 -33.79
C PRO D 163 12.90 -16.37 -32.52
N LYS D 164 13.69 -17.45 -32.64
CA LYS D 164 14.29 -18.04 -31.45
C LYS D 164 15.29 -17.08 -30.80
N GLU D 165 16.09 -16.39 -31.61
CA GLU D 165 17.01 -15.38 -31.07
C GLU D 165 16.23 -14.28 -30.37
N LEU D 166 15.07 -13.90 -30.91
CA LEU D 166 14.20 -12.96 -30.23
C LEU D 166 13.73 -13.52 -28.89
N GLU D 167 13.46 -14.82 -28.84
CA GLU D 167 13.06 -15.45 -27.58
C GLU D 167 14.16 -15.34 -26.54
N GLU D 168 15.40 -15.68 -26.93
CA GLU D 168 16.49 -15.55 -25.97
C GLU D 168 16.71 -14.10 -25.55
N PHE D 169 16.61 -13.17 -26.48
CA PHE D 169 16.78 -11.75 -26.15
C PHE D 169 15.72 -11.29 -25.16
N LEU D 170 14.46 -11.67 -25.38
CA LEU D 170 13.39 -11.28 -24.48
C LEU D 170 13.54 -11.93 -23.12
N MET D 171 13.98 -13.19 -23.08
CA MET D 171 14.06 -13.92 -21.82
C MET D 171 15.25 -13.49 -20.97
N THR D 172 16.37 -13.13 -21.60
CA THR D 172 17.57 -12.78 -20.83
C THR D 172 17.53 -11.35 -20.30
N HIS D 173 16.64 -10.50 -20.82
CA HIS D 173 16.48 -9.13 -20.34
C HIS D 173 15.07 -8.92 -19.80
N LYS D 174 14.55 -9.91 -19.07
CA LYS D 174 13.16 -9.87 -18.65
C LYS D 174 12.87 -8.72 -17.71
N GLU D 175 13.79 -8.43 -16.79
CA GLU D 175 13.47 -7.53 -15.69
C GLU D 175 13.39 -6.07 -16.13
N ASN D 176 14.36 -5.61 -16.92
CA ASN D 176 14.54 -4.19 -17.17
C ASN D 176 14.66 -3.88 -18.65
N LEU D 177 13.74 -4.41 -19.45
CA LEU D 177 13.69 -4.12 -20.89
C LEU D 177 12.40 -3.39 -21.20
N MET D 178 12.52 -2.27 -21.91
CA MET D 178 11.38 -1.50 -22.38
C MET D 178 11.54 -1.21 -23.85
N LEU D 179 10.43 -1.21 -24.58
CA LEU D 179 10.43 -0.98 -26.02
C LEU D 179 9.69 0.32 -26.33
N LYS D 180 10.32 1.17 -27.13
CA LYS D 180 9.74 2.44 -27.54
C LYS D 180 9.32 2.34 -29.00
N ASP D 181 8.09 2.76 -29.29
CA ASP D 181 7.53 2.67 -30.63
C ASP D 181 7.90 3.95 -31.37
N ILE D 182 8.76 3.82 -32.38
CA ILE D 182 9.24 4.99 -33.13
C ILE D 182 8.40 5.29 -34.36
N ALA D 183 7.55 4.36 -34.80
CA ALA D 183 6.69 4.62 -35.94
C ALA D 183 5.56 5.61 -35.61
N SER D 184 5.29 5.82 -34.34
CA SER D 184 4.30 6.76 -33.86
C SER D 184 4.93 8.14 -33.66
N PRO D 185 4.16 9.21 -33.78
CA PRO D 185 4.68 10.55 -33.45
C PRO D 185 4.57 10.93 -31.99
N LEU D 186 4.15 10.00 -31.12
CA LEU D 186 4.16 10.21 -29.68
C LEU D 186 5.31 9.50 -28.99
N LYS D 187 5.87 8.45 -29.61
CA LYS D 187 6.99 7.70 -29.07
C LYS D 187 6.67 7.17 -27.67
N THR D 188 5.65 6.32 -27.61
CA THR D 188 5.21 5.74 -26.35
C THR D 188 6.03 4.51 -26.02
N VAL D 189 6.35 4.33 -24.74
CA VAL D 189 7.18 3.24 -24.26
C VAL D 189 6.30 2.15 -23.68
N TYR D 190 6.57 0.90 -24.04
CA TYR D 190 5.80 -0.25 -23.58
C TYR D 190 6.70 -1.22 -22.84
N LYS D 191 6.07 -2.13 -22.09
CA LYS D 191 6.75 -3.21 -21.41
C LYS D 191 6.19 -4.54 -21.87
N PRO D 192 7.05 -5.50 -22.24
CA PRO D 192 6.55 -6.81 -22.67
C PRO D 192 5.97 -7.60 -21.51
N CYS D 193 5.08 -8.52 -21.86
CA CYS D 193 4.43 -9.39 -20.90
C CYS D 193 5.11 -10.76 -20.87
N PHE D 194 5.17 -11.35 -19.68
CA PHE D 194 5.78 -12.66 -19.50
C PHE D 194 4.83 -13.56 -18.74
N GLU D 195 4.99 -14.86 -18.93
CA GLU D 195 4.18 -15.84 -18.23
C GLU D 195 4.70 -16.06 -16.83
N GLU D 196 3.78 -16.17 -15.87
CA GLU D 196 4.15 -16.36 -14.48
C GLU D 196 4.80 -17.72 -14.27
N TYR D 197 5.71 -17.77 -13.30
CA TYR D 197 6.41 -18.99 -12.91
C TYR D 197 7.27 -19.55 -14.03
N THR D 198 6.65 -19.96 -15.14
CA THR D 198 7.38 -20.58 -16.23
C THR D 198 8.26 -19.61 -17.00
N LYS D 199 8.15 -18.31 -16.73
CA LYS D 199 8.89 -17.25 -17.45
C LYS D 199 8.45 -17.33 -18.92
N LYS D 200 9.37 -17.10 -19.88
CA LYS D 200 9.13 -17.15 -21.32
C LYS D 200 8.21 -16.00 -21.76
N PRO D 201 8.43 -15.46 -22.95
CA PRO D 201 7.59 -14.35 -23.41
C PRO D 201 6.17 -14.78 -23.73
N LYS D 202 5.36 -13.85 -24.22
CA LYS D 202 3.97 -14.13 -24.63
C LYS D 202 3.81 -13.63 -26.06
N LEU D 203 4.14 -14.49 -27.02
CA LEU D 203 4.04 -14.15 -28.42
C LEU D 203 2.76 -14.74 -29.02
N ASP D 204 2.29 -14.11 -30.10
CA ASP D 204 1.11 -14.55 -30.83
C ASP D 204 1.44 -14.51 -32.31
N HIS D 205 1.41 -15.68 -32.97
CA HIS D 205 1.73 -15.80 -34.38
C HIS D 205 0.43 -15.84 -35.17
N ASN D 206 0.12 -14.74 -35.86
CA ASN D 206 -1.09 -14.65 -36.67
C ASN D 206 -0.88 -13.53 -37.68
N GLN D 207 -0.94 -13.86 -38.97
CA GLN D 207 -0.65 -12.88 -40.01
C GLN D 207 -1.67 -11.75 -40.01
N GLU D 208 -2.92 -12.06 -39.69
CA GLU D 208 -3.97 -11.04 -39.73
C GLU D 208 -3.71 -9.94 -38.71
N ILE D 209 -3.25 -10.31 -37.50
CA ILE D 209 -3.01 -9.32 -36.46
C ILE D 209 -1.88 -8.38 -36.86
N VAL D 210 -0.77 -8.94 -37.37
CA VAL D 210 0.36 -8.10 -37.74
C VAL D 210 -0.02 -7.22 -38.93
N LYS D 211 -0.80 -7.74 -39.88
CA LYS D 211 -1.24 -6.94 -41.01
C LYS D 211 -2.12 -5.79 -40.54
N TYR D 212 -3.06 -6.07 -39.63
CA TYR D 212 -3.93 -5.02 -39.14
C TYR D 212 -3.15 -3.94 -38.41
N TRP D 213 -2.20 -4.34 -37.57
CA TRP D 213 -1.47 -3.34 -36.79
C TRP D 213 -0.56 -2.49 -37.70
N TYR D 214 0.09 -3.13 -38.67
CA TYR D 214 0.94 -2.37 -39.60
C TYR D 214 0.10 -1.38 -40.41
N ASN D 215 -1.04 -1.83 -40.93
CA ASN D 215 -1.91 -0.93 -41.70
C ASN D 215 -2.51 0.15 -40.81
N TYR D 216 -2.81 -0.15 -39.56
CA TYR D 216 -3.30 0.85 -38.62
C TYR D 216 -2.24 1.92 -38.37
N HIS D 217 -0.99 1.50 -38.22
CA HIS D 217 0.09 2.47 -38.05
C HIS D 217 0.22 3.36 -39.27
N ILE D 218 0.09 2.79 -40.48
CA ILE D 218 0.16 3.61 -41.68
C ILE D 218 -1.01 4.59 -41.73
N GLU D 219 -2.23 4.10 -41.49
CA GLU D 219 -3.42 4.88 -41.76
C GLU D 219 -3.65 5.97 -40.72
N ARG D 220 -3.47 5.66 -39.44
CA ARG D 220 -3.88 6.60 -38.40
C ARG D 220 -2.99 7.83 -38.36
N TYR D 221 -1.69 7.66 -38.55
CA TYR D 221 -0.72 8.74 -38.33
C TYR D 221 -0.13 9.31 -39.61
N TRP D 222 0.38 8.45 -40.49
CA TRP D 222 0.97 8.92 -41.75
C TRP D 222 -0.05 8.82 -42.88
N ASN D 223 -1.11 9.60 -42.76
CA ASN D 223 -2.26 9.52 -43.67
C ASN D 223 -2.14 10.49 -44.85
N THR D 224 -1.01 10.46 -45.55
CA THR D 224 -0.82 11.20 -46.77
C THR D 224 -0.13 10.30 -47.78
N PRO D 225 -0.37 10.51 -49.08
CA PRO D 225 0.34 9.69 -50.09
C PRO D 225 1.84 9.82 -50.02
N GLU D 226 2.36 11.00 -49.67
CA GLU D 226 3.80 11.18 -49.60
C GLU D 226 4.40 10.40 -48.42
N ALA D 227 3.79 10.50 -47.24
CA ALA D 227 4.39 9.95 -46.03
C ALA D 227 4.59 8.44 -46.13
N LYS D 228 3.73 7.75 -46.87
CA LYS D 228 3.89 6.30 -47.04
C LYS D 228 5.22 5.96 -47.70
N LEU D 229 5.79 6.87 -48.48
CA LEU D 229 7.10 6.62 -49.09
C LEU D 229 8.19 6.48 -48.03
N GLU D 230 8.27 7.43 -47.10
CA GLU D 230 9.24 7.28 -46.03
C GLU D 230 8.87 6.21 -45.03
N PHE D 231 7.58 5.89 -44.88
CA PHE D 231 7.22 4.74 -44.05
C PHE D 231 7.76 3.45 -44.64
N TYR D 232 7.64 3.30 -45.97
CA TYR D 232 8.16 2.10 -46.63
C TYR D 232 9.68 2.10 -46.72
N ARG D 233 10.31 3.28 -46.77
CA ARG D 233 11.77 3.34 -46.79
C ARG D 233 12.36 3.05 -45.42
N LYS D 234 11.73 3.57 -44.36
CA LYS D 234 12.29 3.44 -43.02
C LYS D 234 12.20 2.01 -42.51
N PHE D 235 11.03 1.39 -42.64
CA PHE D 235 10.79 0.09 -42.05
C PHE D 235 10.66 -1.05 -43.06
N GLY D 236 10.36 -0.74 -44.32
CA GLY D 236 10.27 -1.75 -45.35
C GLY D 236 8.84 -2.21 -45.60
N GLN D 237 8.74 -3.43 -46.11
CA GLN D 237 7.45 -4.04 -46.38
C GLN D 237 6.85 -4.61 -45.10
N VAL D 238 5.66 -5.19 -45.22
CA VAL D 238 4.97 -5.82 -44.10
C VAL D 238 5.56 -7.21 -43.93
N ASP D 239 6.59 -7.32 -43.09
CA ASP D 239 7.17 -8.63 -42.80
C ASP D 239 6.15 -9.51 -42.10
N LEU D 240 6.11 -10.79 -42.46
CA LEU D 240 5.08 -11.69 -41.97
C LEU D 240 5.59 -12.81 -41.08
N LYS D 241 6.89 -13.10 -41.10
CA LYS D 241 7.44 -14.11 -40.20
C LYS D 241 7.69 -13.57 -38.80
N GLN D 242 7.46 -12.29 -38.57
CA GLN D 242 7.66 -11.69 -37.26
C GLN D 242 6.44 -11.96 -36.37
N PRO D 243 6.65 -12.51 -35.17
CA PRO D 243 5.51 -12.68 -34.25
C PRO D 243 5.01 -11.36 -33.71
N ALA D 244 4.03 -11.40 -32.80
CA ALA D 244 3.54 -10.21 -32.14
C ALA D 244 3.80 -10.35 -30.64
N ILE D 245 4.34 -9.30 -30.04
CA ILE D 245 4.70 -9.32 -28.62
C ILE D 245 3.54 -8.77 -27.82
N LEU D 246 3.12 -9.51 -26.80
CA LEU D 246 2.16 -9.00 -25.84
C LEU D 246 2.82 -7.91 -25.00
N ALA D 247 2.16 -6.77 -24.85
CA ALA D 247 2.78 -5.68 -24.13
C ALA D 247 1.72 -4.80 -23.48
N LYS D 248 2.16 -4.06 -22.46
CA LYS D 248 1.32 -3.11 -21.74
C LYS D 248 2.03 -1.77 -21.67
N PHE D 249 1.28 -0.74 -21.31
CA PHE D 249 1.85 0.59 -21.17
C PHE D 249 2.85 0.63 -20.01
N ALA D 250 3.97 1.32 -20.23
CA ALA D 250 4.92 1.51 -19.14
C ALA D 250 4.41 2.54 -18.14
N SER D 251 3.65 3.52 -18.59
CA SER D 251 3.09 4.54 -17.72
C SER D 251 1.74 4.07 -17.15
N LYS D 252 1.08 4.96 -16.41
CA LYS D 252 -0.20 4.64 -15.82
C LYS D 252 -1.19 5.79 -15.90
N ILE D 253 -0.86 6.88 -16.61
CA ILE D 253 -1.78 8.01 -16.70
C ILE D 253 -3.06 7.59 -17.43
N LYS D 254 -2.92 6.83 -18.53
CA LYS D 254 -4.09 6.30 -19.22
C LYS D 254 -4.92 5.42 -18.31
N LYS D 255 -4.28 4.69 -17.40
CA LYS D 255 -4.93 3.76 -16.46
C LYS D 255 -5.69 2.71 -17.28
N ASN D 256 -6.78 2.18 -16.74
CA ASN D 256 -7.55 1.12 -17.38
C ASN D 256 -6.64 -0.04 -17.76
N LYS D 257 -6.06 -0.68 -16.74
CA LYS D 257 -5.02 -1.66 -16.98
C LYS D 257 -5.60 -3.00 -17.41
N ASN D 258 -6.49 -2.96 -18.40
CA ASN D 258 -6.87 -4.12 -19.18
C ASN D 258 -6.48 -3.92 -20.64
N TYR D 259 -5.85 -2.79 -20.95
CA TYR D 259 -5.48 -2.44 -22.32
C TYR D 259 -4.31 -3.34 -22.75
N LYS D 260 -4.64 -4.46 -23.37
CA LYS D 260 -3.65 -5.28 -24.05
C LYS D 260 -3.16 -4.54 -25.29
N ILE D 261 -1.87 -4.67 -25.59
CA ILE D 261 -1.37 -4.13 -26.85
C ILE D 261 -0.50 -5.19 -27.51
N TYR D 262 -0.52 -5.20 -28.84
CA TYR D 262 0.32 -6.06 -29.65
C TYR D 262 1.39 -5.20 -30.28
N LEU D 263 2.66 -5.56 -30.08
CA LEU D 263 3.78 -4.84 -30.64
C LEU D 263 4.43 -5.68 -31.73
N LEU D 264 4.63 -5.07 -32.89
CA LEU D 264 5.39 -5.70 -33.94
C LEU D 264 6.86 -5.46 -33.68
N PRO D 265 7.69 -6.50 -33.58
CA PRO D 265 9.12 -6.30 -33.32
C PRO D 265 9.86 -5.80 -34.55
N GLN D 266 9.25 -4.85 -35.25
CA GLN D 266 9.80 -4.21 -36.43
C GLN D 266 9.61 -2.70 -36.42
N LEU D 267 8.72 -2.18 -35.57
CA LEU D 267 8.48 -0.75 -35.45
C LEU D 267 8.87 -0.22 -34.08
N VAL D 268 9.56 -1.02 -33.26
CA VAL D 268 9.93 -0.65 -31.92
C VAL D 268 11.44 -0.86 -31.72
N VAL D 269 12.01 -0.12 -30.78
CA VAL D 269 13.43 -0.22 -30.48
C VAL D 269 13.62 -0.34 -28.97
N PRO D 270 14.67 -1.01 -28.50
CA PRO D 270 15.02 -0.93 -27.08
C PRO D 270 15.47 0.48 -26.74
N THR D 271 15.27 0.87 -25.48
CA THR D 271 15.50 2.26 -25.13
C THR D 271 16.99 2.54 -24.92
N TYR D 272 17.55 2.00 -23.84
CA TYR D 272 19.00 1.87 -23.67
C TYR D 272 19.30 1.15 -22.36
N ASN D 273 20.31 0.28 -22.36
CA ASN D 273 20.82 -0.33 -21.14
C ASN D 273 22.17 -0.97 -21.41
N ALA D 274 23.16 -0.62 -20.60
CA ALA D 274 24.49 -1.19 -20.81
C ALA D 274 24.56 -2.67 -20.48
N GLU D 275 23.53 -3.22 -19.82
CA GLU D 275 23.51 -4.65 -19.51
C GLU D 275 23.29 -5.51 -20.75
N GLN D 276 22.75 -4.94 -21.82
CA GLN D 276 22.48 -5.68 -23.05
C GLN D 276 23.53 -5.44 -24.12
N LEU D 277 24.70 -4.93 -23.75
CA LEU D 277 25.70 -4.49 -24.70
C LEU D 277 27.07 -4.99 -24.23
N GLU D 278 27.98 -5.15 -25.19
CA GLU D 278 29.31 -5.67 -24.89
C GLU D 278 30.07 -4.71 -23.97
N SER D 279 30.91 -5.28 -23.11
CA SER D 279 31.65 -4.48 -22.14
C SER D 279 32.59 -3.49 -22.82
N ASP D 280 33.30 -3.93 -23.87
CA ASP D 280 34.23 -3.04 -24.54
C ASP D 280 33.53 -1.87 -25.22
N VAL D 281 32.24 -2.04 -25.56
CA VAL D 281 31.47 -0.94 -26.14
C VAL D 281 30.84 -0.08 -25.05
N ALA D 282 30.39 -0.68 -23.96
CA ALA D 282 29.85 0.09 -22.84
C ALA D 282 30.93 0.96 -22.22
N LYS D 283 32.19 0.53 -22.27
CA LYS D 283 33.27 1.36 -21.74
C LYS D 283 33.46 2.63 -22.55
N GLU D 284 33.26 2.58 -23.86
CA GLU D 284 33.47 3.75 -24.71
C GLU D 284 32.21 4.59 -24.90
N ILE D 285 31.02 4.00 -24.74
CA ILE D 285 29.82 4.83 -24.67
C ILE D 285 29.85 5.71 -23.44
N LEU D 286 30.18 5.12 -22.29
CA LEU D 286 30.62 5.88 -21.14
C LEU D 286 31.99 6.49 -21.45
N GLU D 287 32.41 7.43 -20.60
CA GLU D 287 33.67 8.15 -20.76
C GLU D 287 33.55 9.13 -21.93
N TYR D 288 32.44 9.04 -22.66
CA TYR D 288 32.05 10.07 -23.62
C TYR D 288 30.92 10.95 -23.11
N THR D 289 30.11 10.44 -22.18
CA THR D 289 29.07 11.23 -21.52
C THR D 289 29.59 11.98 -20.31
N LYS D 290 30.82 11.73 -19.88
CA LYS D 290 31.43 12.40 -18.75
C LYS D 290 32.50 13.36 -19.25
N LEU D 291 32.44 14.60 -18.80
CA LEU D 291 33.36 15.65 -19.25
C LEU D 291 34.07 16.26 -18.06
N MET D 292 35.35 16.56 -18.24
CA MET D 292 36.10 17.29 -17.23
C MET D 292 35.65 18.74 -17.17
N PRO D 293 35.88 19.42 -16.05
CA PRO D 293 35.46 20.84 -15.96
C PRO D 293 36.03 21.71 -17.05
N GLU D 294 37.28 21.47 -17.45
CA GLU D 294 37.90 22.30 -18.49
C GLU D 294 37.18 22.15 -19.82
N GLU D 295 36.81 20.92 -20.19
CA GLU D 295 36.09 20.71 -21.44
C GLU D 295 34.75 21.42 -21.42
N ARG D 296 34.03 21.34 -20.29
CA ARG D 296 32.76 22.04 -20.17
C ARG D 296 32.95 23.54 -20.32
N LYS D 297 34.01 24.08 -19.69
CA LYS D 297 34.26 25.51 -19.76
C LYS D 297 34.52 25.95 -21.19
N GLU D 298 35.39 25.22 -21.90
CA GLU D 298 35.69 25.60 -23.29
C GLU D 298 34.46 25.46 -24.18
N LEU D 299 33.67 24.40 -24.00
CA LEU D 299 32.48 24.23 -24.82
C LEU D 299 31.47 25.34 -24.59
N LEU D 300 31.25 25.71 -23.33
CA LEU D 300 30.30 26.78 -23.04
C LEU D 300 30.81 28.12 -23.55
N GLU D 301 32.13 28.36 -23.46
CA GLU D 301 32.68 29.60 -23.98
C GLU D 301 32.53 29.67 -25.50
N ASN D 302 32.74 28.56 -26.19
CA ASN D 302 32.53 28.54 -27.64
C ASN D 302 31.07 28.79 -27.98
N ILE D 303 30.15 28.17 -27.24
CA ILE D 303 28.73 28.37 -27.48
C ILE D 303 28.37 29.85 -27.32
N LEU D 304 28.88 30.48 -26.26
CA LEU D 304 28.61 31.89 -26.04
C LEU D 304 29.25 32.76 -27.11
N ALA D 305 30.43 32.37 -27.60
CA ALA D 305 31.09 33.13 -28.65
C ALA D 305 30.30 33.10 -29.95
N GLU D 306 29.72 31.95 -30.29
CA GLU D 306 28.98 31.81 -31.55
C GLU D 306 27.50 32.14 -31.42
N VAL D 307 27.13 33.00 -30.48
CA VAL D 307 25.76 33.50 -30.35
C VAL D 307 25.75 34.97 -30.76
N ASP D 308 24.84 35.31 -31.67
CA ASP D 308 24.71 36.68 -32.17
C ASP D 308 23.40 37.25 -31.66
N SER D 309 23.45 37.87 -30.48
CA SER D 309 22.29 38.52 -29.89
C SER D 309 22.75 39.38 -28.72
N ASP D 310 22.03 40.48 -28.51
CA ASP D 310 22.31 41.38 -27.40
C ASP D 310 21.79 40.80 -26.09
N ILE D 311 20.82 39.88 -26.17
CA ILE D 311 20.04 39.47 -24.99
C ILE D 311 20.94 38.89 -23.91
N ILE D 312 21.84 37.99 -24.29
CA ILE D 312 22.72 37.34 -23.33
C ILE D 312 24.14 37.86 -23.52
N ASP D 313 24.97 37.65 -22.51
CA ASP D 313 26.34 38.15 -22.51
C ASP D 313 27.24 37.25 -23.34
N LYS D 314 28.54 37.47 -23.25
CA LYS D 314 29.51 36.75 -24.06
C LYS D 314 30.53 35.97 -23.24
N SER D 315 30.48 36.06 -21.91
CA SER D 315 31.41 35.35 -21.05
C SER D 315 30.65 34.75 -19.87
N LEU D 316 31.22 33.69 -19.31
CA LEU D 316 30.62 33.05 -18.14
C LEU D 316 30.81 33.94 -16.92
N SER D 317 30.12 33.60 -15.84
CA SER D 317 30.15 34.38 -14.62
C SER D 317 31.17 33.84 -13.64
N GLU D 318 31.71 34.74 -12.83
CA GLU D 318 32.66 34.41 -11.78
C GLU D 318 32.04 34.71 -10.43
N ILE D 319 32.21 33.79 -9.49
CA ILE D 319 31.65 33.92 -8.16
C ILE D 319 32.78 33.77 -7.14
N GLU D 320 32.53 34.32 -5.95
CA GLU D 320 33.48 34.27 -4.84
C GLU D 320 33.04 33.18 -3.88
N VAL D 321 33.90 32.19 -3.69
CA VAL D 321 33.57 31.03 -2.87
C VAL D 321 34.42 31.05 -1.60
N GLU D 322 33.89 30.41 -0.56
CA GLU D 322 34.56 30.28 0.72
C GLU D 322 35.03 28.85 0.89
N LYS D 323 36.34 28.66 0.94
CA LYS D 323 36.91 27.32 1.06
C LYS D 323 36.64 26.74 2.43
N ILE D 324 36.66 25.40 2.50
CA ILE D 324 36.45 24.67 3.75
C ILE D 324 37.81 24.18 4.24
N ALA D 325 38.11 24.49 5.50
CA ALA D 325 39.41 24.16 6.05
C ALA D 325 39.62 22.65 6.15
N GLN D 326 40.88 22.25 6.08
CA GLN D 326 41.23 20.83 6.20
C GLN D 326 40.94 20.32 7.61
N GLU D 327 41.14 21.18 8.61
CA GLU D 327 40.97 20.77 10.01
C GLU D 327 39.56 20.26 10.31
N LEU D 328 38.57 20.62 9.51
CA LEU D 328 37.20 20.21 9.79
C LEU D 328 36.99 18.73 9.55
N GLU D 329 37.70 18.14 8.60
CA GLU D 329 37.56 16.71 8.33
C GLU D 329 38.04 15.87 9.51
N ASN D 330 39.09 16.32 10.19
CA ASN D 330 39.69 15.57 11.30
C ASN D 330 39.06 16.01 12.61
N LYS D 331 37.76 15.71 12.75
CA LYS D 331 36.98 16.07 13.92
C LYS D 331 36.13 14.90 14.39
N ILE D 332 36.76 13.72 14.47
CA ILE D 332 36.10 12.53 14.99
C ILE D 332 36.82 12.10 16.26
N ARG D 333 36.11 11.35 17.11
CA ARG D 333 36.58 11.00 18.45
C ARG D 333 36.60 9.48 18.57
N VAL D 334 37.73 8.88 18.21
CA VAL D 334 37.95 7.44 18.36
C VAL D 334 38.54 7.16 19.74
N ARG D 335 38.60 5.90 20.14
CA ARG D 335 39.06 5.51 21.47
C ARG D 335 40.28 4.61 21.36
N ASP D 336 41.28 4.85 22.24
CA ASP D 336 42.62 4.32 22.10
C ASP D 336 42.78 2.99 22.83
N ASP D 337 44.04 2.57 23.00
CA ASP D 337 44.35 1.28 23.59
C ASP D 337 43.83 1.15 25.02
N LYS D 338 44.07 2.17 25.85
CA LYS D 338 43.65 2.09 27.24
C LYS D 338 42.13 2.12 27.37
N GLY D 339 41.46 2.89 26.52
CA GLY D 339 40.02 3.06 26.60
C GLY D 339 39.63 4.50 26.83
N ASN D 340 40.49 5.42 26.41
CA ASN D 340 40.27 6.84 26.58
C ASN D 340 39.43 7.38 25.41
N SER D 341 39.34 8.70 25.29
CA SER D 341 38.53 9.34 24.25
C SER D 341 39.40 10.34 23.48
N VAL D 342 40.58 9.89 23.08
CA VAL D 342 41.53 10.78 22.41
C VAL D 342 40.98 11.17 21.04
N PRO D 343 41.16 12.41 20.60
CA PRO D 343 40.86 12.74 19.20
C PRO D 343 41.77 11.95 18.27
N ILE D 344 41.26 11.64 17.08
CA ILE D 344 42.02 10.87 16.10
C ILE D 344 43.23 11.67 15.63
N SER D 345 43.20 13.00 15.86
CA SER D 345 44.30 13.84 15.46
C SER D 345 45.59 13.46 16.17
N GLN D 346 45.52 13.24 17.48
CA GLN D 346 46.72 12.95 18.25
C GLN D 346 47.09 11.47 18.19
N LEU D 347 47.09 10.91 16.98
CA LEU D 347 47.63 9.57 16.75
C LEU D 347 48.37 9.54 15.42
N ASN D 348 48.44 10.69 14.76
CA ASN D 348 49.12 10.83 13.46
C ASN D 348 48.56 9.86 12.43
N VAL D 349 47.24 9.66 12.48
CA VAL D 349 46.54 8.75 11.59
C VAL D 349 45.28 9.43 11.07
N GLN D 350 44.76 8.91 9.96
CA GLN D 350 43.53 9.40 9.37
C GLN D 350 42.46 8.33 9.44
N LYS D 351 41.21 8.75 9.26
CA LYS D 351 40.04 7.89 9.43
C LYS D 351 40.11 6.63 8.56
N SER D 352 40.67 6.75 7.36
CA SER D 352 40.72 5.61 6.45
C SER D 352 41.55 4.48 7.04
N GLN D 353 42.70 4.79 7.65
CA GLN D 353 43.54 3.78 8.28
C GLN D 353 43.07 3.60 9.71
N LEU D 354 42.02 2.80 9.88
CA LEU D 354 41.46 2.54 11.19
C LEU D 354 41.59 1.08 11.63
N LEU D 355 41.92 0.17 10.72
CA LEU D 355 42.12 -1.24 11.05
C LEU D 355 43.41 -1.77 10.43
N LEU D 356 44.34 -0.86 10.12
CA LEU D 356 45.63 -1.30 9.59
C LEU D 356 46.47 -2.04 10.63
N TRP D 357 46.20 -1.83 11.91
CA TRP D 357 46.96 -2.50 12.95
C TRP D 357 46.58 -3.98 13.07
N THR D 358 45.34 -4.33 12.73
CA THR D 358 44.88 -5.70 12.89
C THR D 358 45.64 -6.69 12.01
N ASN D 359 46.35 -6.20 11.00
CA ASN D 359 47.19 -7.05 10.17
C ASN D 359 48.69 -6.85 10.42
N TYR D 360 49.08 -5.71 10.96
CA TYR D 360 50.49 -5.41 11.22
C TYR D 360 50.79 -5.38 12.71
N SER D 361 50.07 -4.54 13.47
CA SER D 361 50.24 -4.40 14.92
C SER D 361 51.66 -4.01 15.31
N ARG D 362 52.45 -3.51 14.36
CA ARG D 362 53.81 -3.07 14.62
C ARG D 362 54.16 -1.72 14.02
N LYS D 363 53.41 -1.24 13.02
CA LYS D 363 53.68 0.03 12.39
C LYS D 363 52.59 1.07 12.61
N TYR D 364 51.37 0.65 12.95
CA TYR D 364 50.25 1.57 13.12
C TYR D 364 49.64 1.43 14.51
N PRO D 365 49.13 2.51 15.08
CA PRO D 365 48.56 2.44 16.43
C PRO D 365 47.34 1.55 16.49
N VAL D 366 47.13 0.94 17.66
CA VAL D 366 45.97 0.11 17.91
C VAL D 366 44.81 1.01 18.28
N ILE D 367 43.69 0.86 17.57
CA ILE D 367 42.52 1.73 17.72
C ILE D 367 41.31 0.86 18.01
N LEU D 368 40.52 1.26 19.01
CA LEU D 368 39.43 0.44 19.50
C LEU D 368 38.08 1.11 19.27
N PRO D 369 37.00 0.32 19.15
CA PRO D 369 35.67 0.91 18.94
C PRO D 369 35.25 1.84 20.07
N TYR D 370 34.56 2.92 19.71
CA TYR D 370 34.10 3.87 20.71
C TYR D 370 32.91 3.35 21.50
N GLU D 371 31.95 2.71 20.83
CA GLU D 371 30.71 2.30 21.46
C GLU D 371 30.39 0.85 21.10
N VAL D 372 29.85 0.12 22.08
CA VAL D 372 29.41 -1.26 21.89
C VAL D 372 27.99 -1.36 22.45
N PRO D 373 27.09 -2.09 21.80
CA PRO D 373 25.70 -2.13 22.27
C PRO D 373 25.57 -2.79 23.65
N GLU D 374 24.42 -2.52 24.27
CA GLU D 374 24.17 -3.00 25.63
C GLU D 374 23.82 -4.48 25.68
N LYS D 375 23.11 -5.00 24.67
CA LYS D 375 22.74 -6.41 24.69
C LYS D 375 23.94 -7.34 24.57
N PHE D 376 25.09 -6.81 24.18
CA PHE D 376 26.30 -7.63 24.13
C PHE D 376 26.87 -7.89 25.52
N ARG D 377 26.36 -7.23 26.55
CA ARG D 377 26.74 -7.55 27.92
C ARG D 377 26.25 -8.95 28.30
N LYS D 378 25.05 -9.30 27.88
CA LYS D 378 24.51 -10.63 28.14
C LYS D 378 24.81 -11.60 26.99
N ILE D 379 24.70 -11.15 25.75
CA ILE D 379 25.01 -11.98 24.59
C ILE D 379 26.52 -12.11 24.48
N ARG D 380 27.02 -13.35 24.53
CA ARG D 380 28.44 -13.61 24.41
C ARG D 380 28.77 -14.63 23.33
N GLU D 381 27.77 -15.10 22.59
CA GLU D 381 27.96 -16.22 21.67
C GLU D 381 27.01 -16.06 20.50
N ILE D 382 27.55 -16.07 19.28
CA ILE D 382 26.78 -15.81 18.08
C ILE D 382 27.10 -16.87 17.03
N PRO D 383 26.12 -17.64 16.57
CA PRO D 383 26.37 -18.56 15.45
C PRO D 383 26.65 -17.78 14.17
N MET D 384 27.47 -18.37 13.30
CA MET D 384 27.76 -17.78 12.00
C MET D 384 27.66 -18.87 10.94
N PHE D 385 26.96 -18.56 9.86
CA PHE D 385 26.75 -19.48 8.76
C PHE D 385 27.41 -18.95 7.49
N ILE D 386 27.79 -19.86 6.61
CA ILE D 386 28.35 -19.53 5.31
C ILE D 386 27.46 -20.19 4.27
N ILE D 387 26.78 -19.37 3.45
CA ILE D 387 25.90 -19.85 2.39
C ILE D 387 26.57 -19.55 1.07
N LEU D 388 26.62 -20.56 0.19
CA LEU D 388 27.30 -20.44 -1.09
C LEU D 388 26.32 -20.81 -2.20
N ASP D 389 26.24 -19.97 -3.23
CA ASP D 389 25.42 -20.28 -4.38
C ASP D 389 26.04 -21.45 -5.15
N SER D 390 25.20 -22.41 -5.53
CA SER D 390 25.69 -23.58 -6.25
C SER D 390 26.05 -23.26 -7.70
N GLY D 391 25.76 -22.04 -8.17
CA GLY D 391 26.11 -21.63 -9.51
C GLY D 391 27.56 -21.23 -9.71
N LEU D 392 28.35 -21.22 -8.65
CA LEU D 392 29.77 -20.94 -8.75
C LEU D 392 30.56 -22.23 -8.91
N LEU D 393 31.77 -22.09 -9.46
CA LEU D 393 32.67 -23.23 -9.58
C LEU D 393 33.23 -23.59 -8.20
N ALA D 394 33.76 -24.82 -8.11
CA ALA D 394 34.20 -25.34 -6.82
C ALA D 394 35.37 -24.54 -6.26
N ASP D 395 36.29 -24.10 -7.12
CA ASP D 395 37.43 -23.32 -6.66
C ASP D 395 36.98 -21.99 -6.05
N ILE D 396 36.00 -21.34 -6.69
CA ILE D 396 35.47 -20.08 -6.15
C ILE D 396 34.79 -20.32 -4.82
N GLN D 397 34.06 -21.41 -4.69
CA GLN D 397 33.40 -21.73 -3.41
C GLN D 397 34.43 -21.95 -2.30
N ASN D 398 35.49 -22.70 -2.60
CA ASN D 398 36.53 -22.93 -1.60
C ASN D 398 37.23 -21.63 -1.23
N PHE D 399 37.52 -20.79 -2.23
CA PHE D 399 38.16 -19.51 -1.96
C PHE D 399 37.27 -18.63 -1.08
N ALA D 400 35.97 -18.60 -1.36
CA ALA D 400 35.06 -17.78 -0.57
C ALA D 400 34.97 -18.29 0.87
N THR D 401 34.89 -19.61 1.04
CA THR D 401 34.83 -20.18 2.39
C THR D 401 36.09 -19.83 3.17
N ASN D 402 37.26 -20.01 2.55
CA ASN D 402 38.51 -19.71 3.24
C ASN D 402 38.61 -18.23 3.56
N GLU D 403 38.19 -17.36 2.64
CA GLU D 403 38.27 -15.93 2.87
C GLU D 403 37.36 -15.50 4.02
N PHE D 404 36.15 -16.04 4.08
CA PHE D 404 35.25 -15.69 5.17
C PHE D 404 35.80 -16.16 6.51
N ARG D 405 36.30 -17.41 6.56
CA ARG D 405 36.83 -17.92 7.82
C ARG D 405 38.05 -17.12 8.27
N GLU D 406 38.96 -16.80 7.34
CA GLU D 406 40.13 -16.01 7.68
C GLU D 406 39.75 -14.61 8.13
N LEU D 407 38.76 -14.00 7.47
CA LEU D 407 38.29 -12.68 7.88
C LEU D 407 37.76 -12.71 9.31
N VAL D 408 37.01 -13.74 9.65
CA VAL D 408 36.46 -13.81 11.01
C VAL D 408 37.55 -14.08 12.04
N LYS D 409 38.48 -15.00 11.74
CA LYS D 409 39.40 -15.42 12.79
C LYS D 409 40.65 -14.54 12.88
N SER D 410 41.29 -14.24 11.76
CA SER D 410 42.55 -13.51 11.80
C SER D 410 42.35 -12.03 12.07
N MET D 411 41.28 -11.44 11.52
CA MET D 411 41.06 -10.01 11.58
C MET D 411 40.13 -9.61 12.73
N TYR D 412 38.96 -10.24 12.84
CA TYR D 412 38.00 -9.83 13.86
C TYR D 412 38.44 -10.27 15.25
N TYR D 413 38.90 -11.51 15.38
CA TYR D 413 39.18 -12.06 16.71
C TYR D 413 40.34 -11.34 17.39
N SER D 414 41.29 -10.81 16.61
CA SER D 414 42.35 -10.00 17.20
C SER D 414 41.79 -8.79 17.91
N LEU D 415 40.88 -8.07 17.26
CA LEU D 415 40.19 -6.96 17.91
C LEU D 415 39.34 -7.43 19.08
N ALA D 416 38.65 -8.55 18.92
CA ALA D 416 37.79 -9.07 19.99
C ALA D 416 38.58 -9.47 21.22
N LYS D 417 39.86 -9.83 21.08
CA LYS D 417 40.67 -10.16 22.23
C LYS D 417 41.45 -8.97 22.78
N LYS D 418 41.84 -8.03 21.92
CA LYS D 418 42.51 -6.83 22.40
C LYS D 418 41.56 -5.87 23.09
N TYR D 419 40.27 -5.93 22.76
CA TYR D 419 39.30 -5.04 23.39
C TYR D 419 38.73 -5.67 24.66
N ASN D 420 38.36 -6.95 24.59
CA ASN D 420 37.69 -7.59 25.72
C ASN D 420 38.64 -7.81 26.90
N SER D 421 39.92 -8.06 26.64
CA SER D 421 40.86 -8.46 27.68
C SER D 421 41.93 -7.42 27.96
N LEU D 422 42.67 -6.98 26.95
CA LEU D 422 43.79 -6.07 27.18
C LEU D 422 43.33 -4.74 27.74
N ALA D 423 42.22 -4.21 27.24
CA ALA D 423 41.73 -2.90 27.67
C ALA D 423 40.59 -2.98 28.67
N LYS D 424 39.85 -4.08 28.70
CA LYS D 424 38.70 -4.26 29.58
C LYS D 424 38.98 -5.41 30.54
N LYS D 425 37.95 -5.79 31.31
CA LYS D 425 38.07 -6.84 32.32
C LYS D 425 39.16 -6.46 33.33
N ALA D 426 38.83 -5.42 34.11
CA ALA D 426 39.80 -4.84 35.03
C ALA D 426 40.32 -5.89 36.01
N ARG D 427 39.41 -6.59 36.69
CA ARG D 427 39.76 -7.72 37.54
C ARG D 427 38.85 -8.91 37.22
N SER D 428 39.20 -9.64 36.17
CA SER D 428 38.55 -10.89 35.79
C SER D 428 37.06 -10.74 35.52
N THR D 429 36.54 -9.51 35.56
CA THR D 429 35.09 -9.30 35.48
C THR D 429 34.80 -7.94 34.85
N ASN D 430 34.22 -7.97 33.66
CA ASN D 430 33.62 -6.80 33.03
C ASN D 430 32.28 -7.21 32.47
N GLU D 431 31.57 -6.25 31.88
CA GLU D 431 30.20 -6.53 31.43
C GLU D 431 30.07 -6.47 29.91
N ILE D 432 30.46 -5.35 29.31
CA ILE D 432 30.28 -5.20 27.87
C ILE D 432 31.54 -5.66 27.14
N GLY D 433 31.36 -6.60 26.21
CA GLY D 433 32.48 -7.13 25.46
C GLY D 433 32.04 -7.66 24.12
N LEU D 434 33.02 -7.85 23.24
CA LEU D 434 32.72 -8.29 21.88
C LEU D 434 32.34 -9.77 21.86
N PRO D 435 31.29 -10.15 21.12
CA PRO D 435 30.83 -11.55 21.13
C PRO D 435 31.73 -12.50 20.35
N PHE D 436 31.28 -13.75 20.22
CA PHE D 436 32.02 -14.81 19.56
C PHE D 436 31.21 -15.33 18.38
N LEU D 437 31.84 -15.38 17.20
CA LEU D 437 31.16 -15.78 15.97
C LEU D 437 31.63 -17.18 15.59
N ASP D 438 30.75 -18.18 15.77
CA ASP D 438 31.15 -19.58 15.79
C ASP D 438 31.79 -20.13 14.52
N PHE D 439 31.01 -20.28 13.45
CA PHE D 439 31.42 -20.97 12.23
C PHE D 439 32.06 -22.33 12.53
N ARG D 440 31.86 -22.82 13.74
CA ARG D 440 32.56 -24.01 14.23
C ARG D 440 31.81 -25.27 13.85
N GLY D 441 32.53 -26.24 13.28
CA GLY D 441 31.93 -27.50 12.90
C GLY D 441 31.31 -27.44 11.52
N LYS D 442 30.95 -28.63 11.03
CA LYS D 442 30.28 -28.74 9.74
C LYS D 442 28.81 -28.43 9.91
N GLU D 443 28.01 -28.70 8.88
CA GLU D 443 26.59 -28.39 8.80
C GLU D 443 26.29 -26.90 8.99
N LYS D 444 27.33 -26.05 9.01
CA LYS D 444 27.17 -24.61 8.98
C LYS D 444 27.60 -24.03 7.64
N VAL D 445 27.91 -24.87 6.66
CA VAL D 445 28.22 -24.46 5.31
C VAL D 445 27.14 -25.02 4.41
N ILE D 446 26.35 -24.14 3.79
CA ILE D 446 25.18 -24.53 3.02
C ILE D 446 25.43 -24.18 1.56
N THR D 447 25.24 -25.16 0.68
CA THR D 447 25.48 -25.00 -0.75
C THR D 447 24.22 -25.41 -1.51
N GLU D 448 23.34 -24.44 -1.74
CA GLU D 448 22.08 -24.67 -2.44
C GLU D 448 21.93 -23.65 -3.57
N ASP D 449 21.14 -24.02 -4.57
CA ASP D 449 20.86 -23.14 -5.69
C ASP D 449 19.98 -21.99 -5.22
N LEU D 450 20.56 -20.80 -5.12
CA LEU D 450 19.86 -19.64 -4.56
C LEU D 450 18.97 -18.93 -5.57
N ASN D 451 18.97 -19.36 -6.83
CA ASN D 451 18.14 -18.73 -7.86
C ASN D 451 16.81 -19.43 -8.05
N SER D 452 16.49 -20.43 -7.24
CA SER D 452 15.25 -21.17 -7.38
C SER D 452 14.54 -21.24 -6.04
N ASP D 453 13.21 -21.45 -6.10
CA ASP D 453 12.42 -21.50 -4.89
C ASP D 453 12.79 -22.69 -4.00
N LYS D 454 13.08 -23.84 -4.62
CA LYS D 454 13.41 -25.03 -3.84
C LYS D 454 14.68 -24.82 -3.02
N GLY D 455 15.71 -24.22 -3.63
CA GLY D 455 16.94 -23.97 -2.91
C GLY D 455 16.75 -23.01 -1.75
N ILE D 456 15.96 -21.96 -1.97
CA ILE D 456 15.68 -21.01 -0.90
C ILE D 456 14.92 -21.68 0.24
N ILE D 457 13.95 -22.53 -0.09
CA ILE D 457 13.20 -23.24 0.93
C ILE D 457 14.13 -24.14 1.75
N GLU D 458 15.03 -24.86 1.06
CA GLU D 458 15.96 -25.73 1.76
C GLU D 458 16.90 -24.93 2.67
N VAL D 459 17.40 -23.80 2.17
CA VAL D 459 18.30 -22.97 2.97
C VAL D 459 17.58 -22.46 4.22
N VAL D 460 16.34 -21.98 4.04
CA VAL D 460 15.57 -21.48 5.18
C VAL D 460 15.32 -22.59 6.19
N GLU D 461 14.97 -23.78 5.70
CA GLU D 461 14.73 -24.91 6.61
C GLU D 461 15.97 -25.25 7.42
N GLN D 462 17.12 -25.32 6.74
CA GLN D 462 18.37 -25.66 7.45
C GLN D 462 18.72 -24.61 8.49
N VAL D 463 18.69 -23.34 8.10
CA VAL D 463 19.06 -22.27 9.03
C VAL D 463 18.10 -22.22 10.21
N SER D 464 16.79 -22.36 9.94
CA SER D 464 15.81 -22.32 11.02
C SER D 464 15.99 -23.50 11.96
N SER D 465 16.28 -24.69 11.43
CA SER D 465 16.51 -25.85 12.28
C SER D 465 17.73 -25.64 13.16
N PHE D 466 18.79 -25.07 12.61
CA PHE D 466 19.99 -24.83 13.40
C PHE D 466 19.79 -23.70 14.39
N MET D 467 18.91 -22.75 14.08
CA MET D 467 18.70 -21.56 14.89
C MET D 467 17.72 -21.77 16.04
N LYS D 468 17.25 -22.98 16.32
CA LYS D 468 16.28 -23.19 17.39
C LYS D 468 16.89 -22.87 18.75
N GLY D 469 16.20 -22.04 19.52
CA GLY D 469 16.66 -21.67 20.85
C GLY D 469 17.59 -20.49 20.91
N LYS D 470 17.99 -19.92 19.78
CA LYS D 470 18.91 -18.80 19.74
C LYS D 470 18.16 -17.53 19.36
N GLU D 471 18.86 -16.39 19.44
CA GLU D 471 18.24 -15.10 19.22
C GLU D 471 19.01 -14.14 18.32
N LEU D 472 20.24 -14.45 17.93
CA LEU D 472 20.99 -13.57 17.04
C LEU D 472 22.09 -14.36 16.36
N GLY D 473 22.13 -14.29 15.02
CA GLY D 473 23.13 -14.99 14.25
C GLY D 473 23.61 -14.16 13.09
N LEU D 474 24.71 -14.61 12.49
CA LEU D 474 25.35 -13.90 11.39
C LEU D 474 25.48 -14.86 10.21
N ALA D 475 25.43 -14.30 9.01
CA ALA D 475 25.52 -15.10 7.79
C ALA D 475 26.35 -14.38 6.75
N PHE D 476 27.20 -15.13 6.06
CA PHE D 476 27.96 -14.64 4.92
C PHE D 476 27.49 -15.38 3.68
N ILE D 477 26.94 -14.66 2.72
CA ILE D 477 26.41 -15.25 1.50
C ILE D 477 27.35 -14.90 0.35
N ALA D 478 27.71 -15.92 -0.43
CA ALA D 478 28.52 -15.76 -1.63
C ALA D 478 27.62 -16.10 -2.82
N ALA D 479 27.16 -15.06 -3.51
CA ALA D 479 26.16 -15.20 -4.56
C ALA D 479 26.79 -15.07 -5.94
N ARG D 480 26.04 -15.51 -6.95
CA ARG D 480 26.51 -15.47 -8.32
C ARG D 480 26.31 -14.07 -8.91
N ASN D 481 26.82 -13.88 -10.13
CA ASN D 481 26.81 -12.57 -10.75
C ASN D 481 25.41 -12.18 -11.23
N LYS D 482 24.68 -13.13 -11.82
CA LYS D 482 23.42 -12.86 -12.48
C LYS D 482 22.22 -13.06 -11.57
N LEU D 483 22.43 -13.09 -10.25
CA LEU D 483 21.34 -13.31 -9.31
C LEU D 483 20.25 -12.27 -9.51
N SER D 484 19.07 -12.73 -9.93
CA SER D 484 17.96 -11.83 -10.18
C SER D 484 17.44 -11.22 -8.90
N SER D 485 16.92 -10.00 -9.01
CA SER D 485 16.23 -9.38 -7.88
C SER D 485 14.96 -10.18 -7.55
N GLU D 486 14.39 -9.86 -6.38
CA GLU D 486 13.23 -10.55 -5.82
C GLU D 486 13.66 -11.92 -5.30
N LYS D 487 14.90 -12.31 -5.59
CA LYS D 487 15.55 -13.46 -4.96
C LYS D 487 16.60 -13.02 -3.94
N PHE D 488 17.37 -11.98 -4.26
CA PHE D 488 18.21 -11.34 -3.25
C PHE D 488 17.37 -10.82 -2.11
N GLU D 489 16.32 -10.06 -2.42
CA GLU D 489 15.45 -9.51 -1.40
C GLU D 489 14.75 -10.61 -0.62
N GLU D 490 14.33 -11.67 -1.31
CA GLU D 490 13.69 -12.79 -0.62
C GLU D 490 14.64 -13.45 0.37
N ILE D 491 15.89 -13.68 -0.05
CA ILE D 491 16.87 -14.30 0.83
C ILE D 491 17.09 -13.43 2.06
N LYS D 492 17.30 -12.12 1.85
CA LYS D 492 17.54 -11.23 2.97
C LYS D 492 16.35 -11.18 3.91
N ARG D 493 15.13 -11.14 3.36
CA ARG D 493 13.94 -11.03 4.20
C ARG D 493 13.73 -12.31 5.02
N ARG D 494 13.85 -13.48 4.39
CA ARG D 494 13.65 -14.72 5.13
C ARG D 494 14.77 -14.96 6.14
N LEU D 495 15.96 -14.43 5.89
CA LEU D 495 17.02 -14.54 6.88
C LEU D 495 16.79 -13.57 8.05
N PHE D 496 16.27 -12.38 7.76
CA PHE D 496 15.93 -11.44 8.82
C PHE D 496 14.80 -11.99 9.70
N ASN D 497 13.85 -12.71 9.09
CA ASN D 497 12.74 -13.27 9.85
C ASN D 497 13.19 -14.22 10.95
N LEU D 498 14.35 -14.87 10.78
CA LEU D 498 14.92 -15.74 11.79
C LEU D 498 15.93 -14.99 12.66
N ASN D 499 15.95 -13.66 12.59
CA ASN D 499 16.88 -12.82 13.35
C ASN D 499 18.33 -13.16 13.02
N VAL D 500 18.61 -13.27 11.72
CA VAL D 500 19.95 -13.52 11.21
C VAL D 500 20.36 -12.34 10.36
N ILE D 501 21.50 -11.73 10.68
CA ILE D 501 22.02 -10.59 9.94
C ILE D 501 22.99 -11.10 8.89
N SER D 502 22.77 -10.71 7.63
CA SER D 502 23.49 -11.29 6.51
C SER D 502 24.33 -10.24 5.80
N GLN D 503 25.44 -10.69 5.23
CA GLN D 503 26.31 -9.88 4.39
C GLN D 503 26.59 -10.64 3.11
N VAL D 504 26.38 -10.00 1.96
CA VAL D 504 26.41 -10.66 0.65
C VAL D 504 27.61 -10.15 -0.13
N VAL D 505 28.33 -11.09 -0.77
CA VAL D 505 29.41 -10.78 -1.69
C VAL D 505 29.15 -11.55 -2.97
N ASN D 506 29.31 -10.87 -4.12
CA ASN D 506 29.00 -11.47 -5.40
C ASN D 506 30.25 -12.05 -6.06
N GLU D 507 30.02 -12.84 -7.11
CA GLU D 507 31.10 -13.62 -7.72
C GLU D 507 32.15 -12.72 -8.36
N ASP D 508 31.73 -11.62 -9.01
CA ASP D 508 32.67 -10.78 -9.73
C ASP D 508 33.70 -10.16 -8.79
N THR D 509 33.35 -9.92 -7.53
CA THR D 509 34.31 -9.41 -6.56
C THR D 509 35.33 -10.48 -6.20
N LEU D 510 34.89 -11.72 -6.02
CA LEU D 510 35.77 -12.80 -5.60
C LEU D 510 36.76 -13.23 -6.69
N LYS D 511 36.59 -12.76 -7.93
CA LYS D 511 37.44 -13.17 -9.03
C LYS D 511 38.38 -12.10 -9.55
N ASN D 512 38.08 -10.82 -9.29
CA ASN D 512 38.86 -9.73 -9.87
C ASN D 512 39.39 -8.76 -8.83
N LYS D 513 39.18 -9.02 -7.55
CA LYS D 513 39.61 -8.11 -6.48
C LYS D 513 40.67 -8.78 -5.61
N ARG D 514 41.61 -9.47 -6.24
CA ARG D 514 42.70 -10.10 -5.51
C ARG D 514 43.76 -9.08 -5.13
N ASP D 515 44.58 -9.43 -4.14
CA ASP D 515 45.55 -8.50 -3.60
C ASP D 515 46.68 -8.23 -4.59
N LYS D 516 47.42 -7.16 -4.33
CA LYS D 516 48.51 -6.76 -5.23
C LYS D 516 49.64 -7.78 -5.22
N TYR D 517 50.22 -8.02 -4.04
CA TYR D 517 51.34 -8.96 -3.95
C TYR D 517 50.86 -10.41 -4.03
N ASP D 518 50.03 -10.83 -3.08
CA ASP D 518 49.52 -12.19 -3.04
C ASP D 518 48.23 -12.25 -3.84
N ARG D 519 48.29 -12.88 -5.01
CA ARG D 519 47.13 -12.98 -5.88
C ARG D 519 46.23 -14.16 -5.54
N ASN D 520 46.34 -14.69 -4.32
CA ASN D 520 45.46 -15.74 -3.85
C ASN D 520 44.75 -15.27 -2.58
N ARG D 521 44.66 -13.95 -2.40
CA ARG D 521 44.02 -13.36 -1.24
C ARG D 521 43.15 -12.19 -1.71
N LEU D 522 42.06 -11.96 -0.97
CA LEU D 522 41.21 -10.82 -1.24
C LEU D 522 41.93 -9.52 -0.92
N ASP D 523 41.55 -8.44 -1.60
CA ASP D 523 42.24 -7.17 -1.46
C ASP D 523 42.01 -6.62 -0.07
N LEU D 524 42.99 -5.83 0.41
CA LEU D 524 42.91 -5.27 1.75
C LEU D 524 41.75 -4.31 1.88
N PHE D 525 41.50 -3.49 0.86
CA PHE D 525 40.40 -2.53 0.90
C PHE D 525 39.07 -3.24 1.10
N VAL D 526 38.83 -4.29 0.31
CA VAL D 526 37.56 -5.01 0.38
C VAL D 526 37.39 -5.67 1.74
N ARG D 527 38.46 -6.27 2.26
CA ARG D 527 38.36 -6.95 3.55
C ARG D 527 38.09 -5.98 4.68
N HIS D 528 38.78 -4.83 4.68
CA HIS D 528 38.53 -3.83 5.71
C HIS D 528 37.12 -3.29 5.62
N ASN D 529 36.63 -3.04 4.40
CA ASN D 529 35.28 -2.55 4.23
C ASN D 529 34.26 -3.58 4.70
N LEU D 530 34.49 -4.86 4.40
CA LEU D 530 33.58 -5.92 4.84
C LEU D 530 33.52 -5.98 6.36
N LEU D 531 34.67 -5.94 7.02
CA LEU D 531 34.69 -5.99 8.48
C LEU D 531 33.99 -4.77 9.08
N PHE D 532 34.25 -3.59 8.50
CA PHE D 532 33.61 -2.38 9.01
C PHE D 532 32.09 -2.44 8.86
N GLN D 533 31.62 -2.90 7.71
CA GLN D 533 30.18 -2.99 7.49
C GLN D 533 29.54 -4.01 8.43
N VAL D 534 30.19 -5.14 8.65
CA VAL D 534 29.63 -6.14 9.57
C VAL D 534 29.56 -5.57 10.98
N LEU D 535 30.64 -4.90 11.42
CA LEU D 535 30.64 -4.31 12.75
C LEU D 535 29.55 -3.26 12.90
N SER D 536 29.33 -2.45 11.86
CA SER D 536 28.27 -1.45 11.91
C SER D 536 26.89 -2.09 11.94
N LYS D 537 26.70 -3.18 11.19
CA LYS D 537 25.43 -3.89 11.22
C LYS D 537 25.18 -4.53 12.58
N LEU D 538 26.23 -4.87 13.30
CA LEU D 538 26.07 -5.47 14.62
C LEU D 538 25.86 -4.45 15.73
N GLY D 539 25.85 -3.16 15.40
CA GLY D 539 25.55 -2.13 16.37
C GLY D 539 26.74 -1.40 16.93
N VAL D 540 27.95 -1.71 16.49
CA VAL D 540 29.16 -1.11 17.03
C VAL D 540 29.45 0.17 16.27
N LYS D 541 29.57 1.28 17.00
CA LYS D 541 29.92 2.57 16.43
C LYS D 541 31.41 2.80 16.65
N TYR D 542 32.19 2.73 15.57
CA TYR D 542 33.64 2.81 15.69
C TYR D 542 34.15 4.22 15.94
N TYR D 543 33.37 5.25 15.63
CA TYR D 543 33.79 6.61 15.89
C TYR D 543 32.56 7.51 15.96
N VAL D 544 32.74 8.65 16.62
CA VAL D 544 31.70 9.66 16.75
C VAL D 544 32.30 11.02 16.43
N LEU D 545 31.43 11.97 16.14
CA LEU D 545 31.87 13.32 15.78
C LEU D 545 32.32 14.09 17.01
N ASP D 546 33.30 14.98 16.81
CA ASP D 546 33.77 15.88 17.85
C ASP D 546 33.04 17.21 17.84
N TYR D 547 32.10 17.40 16.93
CA TYR D 547 31.36 18.65 16.85
C TYR D 547 30.35 18.77 17.98
N ARG D 548 30.01 19.99 18.33
CA ARG D 548 28.99 20.29 19.33
C ARG D 548 27.83 20.98 18.63
N PHE D 549 26.69 20.28 18.56
CA PHE D 549 25.55 20.77 17.83
C PHE D 549 24.63 21.57 18.74
N ASN D 550 24.02 22.61 18.18
CA ASN D 550 23.21 23.54 18.94
C ASN D 550 21.79 23.03 19.18
N TYR D 551 21.37 21.99 18.46
CA TYR D 551 20.03 21.44 18.57
C TYR D 551 20.00 20.24 19.49
N ASP D 552 18.78 19.82 19.84
CA ASP D 552 18.60 18.65 20.70
C ASP D 552 18.38 17.37 19.91
N TYR D 553 17.67 17.45 18.79
CA TYR D 553 17.49 16.33 17.89
C TYR D 553 17.80 16.75 16.47
N ILE D 554 18.26 15.81 15.66
CA ILE D 554 18.40 16.02 14.23
C ILE D 554 17.65 14.91 13.52
N ILE D 555 16.69 15.26 12.67
CA ILE D 555 15.77 14.31 12.06
C ILE D 555 15.88 14.42 10.55
N GLY D 556 15.98 13.29 9.89
CA GLY D 556 15.95 13.23 8.43
C GLY D 556 14.77 12.39 7.96
N ILE D 557 14.12 12.84 6.88
CA ILE D 557 12.89 12.25 6.38
C ILE D 557 13.06 11.90 4.91
N ASP D 558 12.47 10.79 4.50
CA ASP D 558 12.48 10.39 3.09
C ASP D 558 11.24 9.57 2.79
N VAL D 559 10.91 9.48 1.49
CA VAL D 559 9.73 8.76 1.01
C VAL D 559 10.15 7.86 -0.13
N ALA D 560 9.62 6.63 -0.16
CA ALA D 560 9.95 5.66 -1.18
C ALA D 560 8.68 5.02 -1.74
N PRO D 561 8.69 4.61 -3.01
CA PRO D 561 7.53 3.94 -3.58
C PRO D 561 7.40 2.51 -3.06
N MET D 562 6.16 2.01 -3.10
CA MET D 562 5.89 0.64 -2.71
C MET D 562 6.34 -0.32 -3.81
N LYS D 563 6.39 -1.60 -3.47
CA LYS D 563 6.82 -2.62 -4.43
C LYS D 563 5.69 -3.02 -5.37
N ARG D 564 4.61 -3.57 -4.84
CA ARG D 564 3.43 -3.94 -5.63
C ARG D 564 2.22 -3.25 -5.03
N SER D 565 2.03 -1.98 -5.39
CA SER D 565 0.90 -1.15 -4.99
C SER D 565 1.10 0.21 -5.62
N GLU D 566 0.10 1.07 -5.47
CA GLU D 566 0.22 2.48 -5.85
C GLU D 566 0.14 3.29 -4.57
N GLY D 567 1.29 3.46 -3.93
CA GLY D 567 1.36 4.16 -2.66
C GLY D 567 2.81 4.47 -2.33
N TYR D 568 3.00 5.09 -1.17
CA TYR D 568 4.33 5.50 -0.75
C TYR D 568 4.52 5.20 0.73
N ILE D 569 5.78 5.11 1.12
CA ILE D 569 6.18 4.76 2.49
C ILE D 569 7.17 5.80 2.98
N GLY D 570 6.92 6.31 4.19
CA GLY D 570 7.81 7.29 4.80
C GLY D 570 8.78 6.63 5.77
N GLY D 571 9.96 7.21 5.84
CA GLY D 571 10.98 6.73 6.76
C GLY D 571 11.77 7.90 7.31
N SER D 572 12.33 7.70 8.50
CA SER D 572 13.03 8.79 9.17
C SER D 572 14.17 8.24 10.01
N ALA D 573 15.14 9.11 10.26
CA ALA D 573 16.28 8.79 11.13
C ALA D 573 16.48 9.92 12.11
N VAL D 574 16.60 9.58 13.39
CA VAL D 574 16.66 10.55 14.47
C VAL D 574 18.00 10.40 15.19
N MET D 575 18.67 11.53 15.43
CA MET D 575 19.92 11.56 16.17
C MET D 575 19.73 12.43 17.40
N PHE D 576 19.96 11.84 18.58
CA PHE D 576 19.91 12.54 19.85
C PHE D 576 21.30 13.03 20.22
N ASP D 577 21.37 13.93 21.20
CA ASP D 577 22.65 14.31 21.77
C ASP D 577 22.73 14.00 23.27
N SER D 578 21.78 14.51 24.06
CA SER D 578 21.69 14.38 25.52
C SER D 578 22.80 15.18 26.21
N GLN D 579 23.81 15.59 25.46
CA GLN D 579 24.73 16.66 25.88
C GLN D 579 25.14 17.59 24.76
N GLY D 580 25.08 17.16 23.49
CA GLY D 580 25.57 17.95 22.39
C GLY D 580 26.76 17.32 21.70
N TYR D 581 27.65 16.70 22.48
CA TYR D 581 28.95 16.25 22.01
C TYR D 581 28.96 14.81 21.47
N ILE D 582 27.89 14.05 21.67
CA ILE D 582 27.86 12.64 21.26
C ILE D 582 26.45 12.30 20.79
N ARG D 583 26.34 11.45 19.76
CA ARG D 583 25.04 11.18 19.17
C ARG D 583 24.83 9.69 19.00
N LYS D 584 23.55 9.29 19.00
CA LYS D 584 23.11 7.95 18.65
C LYS D 584 22.17 8.05 17.45
N ILE D 585 21.84 6.91 16.86
CA ILE D 585 20.96 6.85 15.69
C ILE D 585 19.85 5.84 15.97
N VAL D 586 18.61 6.24 15.71
CA VAL D 586 17.46 5.35 15.82
C VAL D 586 16.56 5.55 14.60
N PRO D 587 16.18 4.48 13.90
CA PRO D 587 15.24 4.63 12.78
C PRO D 587 13.80 4.59 13.26
N ILE D 588 12.97 5.42 12.64
CA ILE D 588 11.55 5.51 12.95
C ILE D 588 10.76 5.30 11.66
N LYS D 589 9.73 4.48 11.72
CA LYS D 589 8.90 4.17 10.55
C LYS D 589 7.62 4.98 10.59
N ILE D 590 7.34 5.68 9.50
CA ILE D 590 6.08 6.38 9.33
C ILE D 590 5.20 5.54 8.41
N GLY D 591 3.89 5.64 8.60
CA GLY D 591 2.95 4.77 7.92
C GLY D 591 2.87 5.05 6.43
N GLU D 592 2.03 4.26 5.77
CA GLU D 592 1.82 4.39 4.33
C GLU D 592 1.05 5.67 4.02
N GLN D 593 1.17 6.11 2.77
CA GLN D 593 0.54 7.35 2.34
C GLN D 593 0.28 7.28 0.84
N ARG D 594 -0.51 8.25 0.36
CA ARG D 594 -0.94 8.24 -1.03
C ARG D 594 0.00 9.00 -1.95
N GLY D 595 0.73 9.99 -1.43
CA GLY D 595 1.65 10.76 -2.25
C GLY D 595 2.95 11.05 -1.54
N GLU D 596 3.76 11.95 -2.10
CA GLU D 596 5.01 12.35 -1.46
C GLU D 596 4.69 13.52 -0.53
N SER D 597 4.11 13.17 0.62
CA SER D 597 3.76 14.17 1.63
C SER D 597 3.58 13.43 2.95
N VAL D 598 4.49 13.66 3.89
CA VAL D 598 4.48 12.94 5.16
C VAL D 598 3.49 13.61 6.10
N ASP D 599 2.63 12.80 6.72
CA ASP D 599 1.70 13.28 7.75
C ASP D 599 2.49 13.61 8.99
N MET D 600 2.75 14.91 9.21
CA MET D 600 3.54 15.31 10.36
C MET D 600 2.82 15.11 11.69
N ASN D 601 1.50 14.98 11.67
CA ASN D 601 0.77 14.73 12.91
C ASN D 601 1.01 13.30 13.41
N GLU D 602 0.98 12.33 12.51
CA GLU D 602 1.22 10.94 12.91
C GLU D 602 2.68 10.66 13.20
N PHE D 603 3.60 11.43 12.61
CA PHE D 603 5.03 11.21 12.86
C PHE D 603 5.39 11.57 14.30
N PHE D 604 4.89 12.72 14.78
CA PHE D 604 5.26 13.15 16.13
C PHE D 604 4.55 12.32 17.19
N LYS D 605 3.36 11.80 16.89
CA LYS D 605 2.72 10.87 17.81
C LYS D 605 3.53 9.59 17.94
N GLU D 606 4.06 9.09 16.83
CA GLU D 606 4.92 7.91 16.87
C GLU D 606 6.28 8.22 17.47
N MET D 607 6.70 9.47 17.48
CA MET D 607 7.97 9.88 18.04
C MET D 607 7.87 10.25 19.51
N VAL D 608 6.69 10.15 20.11
CA VAL D 608 6.50 10.41 21.53
C VAL D 608 6.58 9.14 22.36
N ASP D 609 5.91 8.07 21.92
CA ASP D 609 5.95 6.82 22.67
C ASP D 609 7.28 6.10 22.52
N LYS D 610 8.05 6.39 21.47
CA LYS D 610 9.38 5.84 21.31
C LYS D 610 10.45 6.63 22.05
N PHE D 611 10.04 7.50 22.97
CA PHE D 611 10.96 8.34 23.72
C PHE D 611 10.71 8.17 25.20
N LYS D 612 11.59 8.78 26.00
CA LYS D 612 11.46 8.79 27.45
C LYS D 612 11.52 10.23 27.94
N GLU D 613 12.32 11.06 27.28
CA GLU D 613 12.52 12.45 27.67
C GLU D 613 11.49 13.39 27.05
N PHE D 614 10.60 12.89 26.20
CA PHE D 614 9.55 13.68 25.57
C PHE D 614 10.11 14.79 24.70
N ASN D 615 9.24 15.50 23.99
CA ASN D 615 9.64 16.68 23.25
C ASN D 615 9.49 17.96 24.06
N ILE D 616 8.74 17.91 25.15
CA ILE D 616 8.68 19.00 26.13
C ILE D 616 8.95 18.38 27.49
N LYS D 617 10.23 18.35 27.88
CA LYS D 617 10.60 17.78 29.17
C LYS D 617 10.47 18.79 30.30
N LEU D 618 11.25 19.85 30.23
CA LEU D 618 11.19 20.95 31.20
C LEU D 618 11.08 22.31 30.52
N ASP D 619 11.75 22.49 29.38
CA ASP D 619 11.72 23.75 28.65
C ASP D 619 11.62 23.43 27.16
N ASN D 620 11.80 24.45 26.33
CA ASN D 620 11.67 24.28 24.89
C ASN D 620 12.78 23.40 24.35
N LYS D 621 12.42 22.41 23.54
CA LYS D 621 13.37 21.54 22.86
C LYS D 621 13.44 21.93 21.39
N LYS D 622 14.65 22.18 20.91
CA LYS D 622 14.85 22.59 19.53
C LYS D 622 15.08 21.38 18.63
N ILE D 623 14.38 21.35 17.50
CA ILE D 623 14.46 20.24 16.55
C ILE D 623 14.93 20.79 15.22
N LEU D 624 15.85 20.06 14.57
CA LEU D 624 16.31 20.38 13.23
C LEU D 624 15.79 19.32 12.28
N LEU D 625 15.12 19.75 11.21
CA LEU D 625 14.47 18.85 10.27
C LEU D 625 15.03 19.10 8.87
N LEU D 626 15.78 18.13 8.37
CA LEU D 626 16.33 18.17 7.02
C LEU D 626 15.45 17.29 6.13
N ARG D 627 14.94 17.87 5.04
CA ARG D 627 14.02 17.16 4.17
C ARG D 627 14.71 16.85 2.84
N ASP D 628 14.69 15.58 2.47
CA ASP D 628 15.21 15.12 1.18
C ASP D 628 14.27 15.59 0.09
N GLY D 629 14.63 16.67 -0.59
CA GLY D 629 13.75 17.26 -1.57
C GLY D 629 13.30 18.65 -1.15
N ARG D 630 12.03 18.77 -0.77
CA ARG D 630 11.50 20.04 -0.31
C ARG D 630 10.33 19.78 0.63
N ILE D 631 10.06 20.75 1.49
CA ILE D 631 8.94 20.67 2.43
C ILE D 631 7.68 21.08 1.69
N THR D 632 6.75 20.14 1.50
CA THR D 632 5.52 20.45 0.81
C THR D 632 4.65 21.36 1.66
N ASN D 633 3.62 21.93 1.02
CA ASN D 633 2.74 22.87 1.72
C ASN D 633 1.97 22.18 2.85
N ASN D 634 1.54 20.94 2.61
CA ASN D 634 0.81 20.22 3.66
C ASN D 634 1.71 19.92 4.85
N GLU D 635 2.98 19.56 4.59
CA GLU D 635 3.90 19.28 5.69
C GLU D 635 4.17 20.54 6.50
N GLU D 636 4.28 21.69 5.85
CA GLU D 636 4.48 22.94 6.58
C GLU D 636 3.24 23.33 7.36
N GLU D 637 2.06 23.13 6.76
CA GLU D 637 0.81 23.44 7.46
C GLU D 637 0.60 22.54 8.66
N GLY D 638 1.00 21.27 8.57
CA GLY D 638 0.86 20.36 9.69
C GLY D 638 1.93 20.49 10.75
N LEU D 639 2.98 21.28 10.49
CA LEU D 639 4.00 21.50 11.51
C LEU D 639 3.60 22.62 12.47
N LYS D 640 2.86 23.62 11.98
CA LYS D 640 2.35 24.66 12.86
C LYS D 640 1.36 24.08 13.86
N TYR D 641 0.54 23.14 13.42
CA TYR D 641 -0.41 22.49 14.33
C TYR D 641 0.31 21.77 15.45
N ILE D 642 1.38 21.05 15.14
CA ILE D 642 2.17 20.37 16.17
C ILE D 642 2.84 21.39 17.09
N SER D 643 3.40 22.45 16.51
CA SER D 643 4.08 23.46 17.32
C SER D 643 3.11 24.15 18.26
N GLU D 644 1.83 24.24 17.90
CA GLU D 644 0.85 24.85 18.78
C GLU D 644 0.68 24.06 20.07
N MET D 645 0.65 22.73 19.97
CA MET D 645 0.35 21.89 21.13
C MET D 645 1.62 21.49 21.89
N PHE D 646 2.54 20.81 21.21
CA PHE D 646 3.67 20.19 21.88
C PHE D 646 4.68 21.19 22.44
N ASP D 647 4.60 22.47 22.05
CA ASP D 647 5.50 23.50 22.54
C ASP D 647 6.96 23.15 22.22
N ILE D 648 7.25 23.09 20.92
CA ILE D 648 8.60 22.85 20.42
C ILE D 648 8.90 23.91 19.36
N GLU D 649 10.19 24.02 19.01
CA GLU D 649 10.64 24.93 17.97
C GLU D 649 11.36 24.12 16.90
N VAL D 650 10.87 24.19 15.66
CA VAL D 650 11.38 23.39 14.57
C VAL D 650 12.10 24.30 13.58
N VAL D 651 13.26 23.86 13.10
CA VAL D 651 13.99 24.57 12.07
C VAL D 651 14.12 23.62 10.89
N THR D 652 13.49 23.98 9.77
CA THR D 652 13.39 23.09 8.62
C THR D 652 14.25 23.61 7.47
N MET D 653 14.94 22.69 6.81
CA MET D 653 15.76 22.99 5.64
C MET D 653 15.52 21.93 4.57
N ASP D 654 15.68 22.35 3.32
CA ASP D 654 15.48 21.47 2.16
C ASP D 654 16.83 21.15 1.53
N VAL D 655 17.08 19.87 1.28
CA VAL D 655 18.33 19.39 0.68
C VAL D 655 18.00 18.83 -0.70
N ILE D 656 18.69 19.35 -1.72
CA ILE D 656 18.45 18.99 -3.11
C ILE D 656 19.77 18.50 -3.70
N LYS D 657 19.71 17.40 -4.46
CA LYS D 657 20.89 16.80 -5.06
C LYS D 657 20.87 16.76 -6.58
N ASN D 658 19.77 17.13 -7.22
CA ASN D 658 19.66 17.09 -8.68
C ASN D 658 19.33 18.51 -9.16
N HIS D 659 20.36 19.25 -9.53
CA HIS D 659 20.24 20.62 -10.02
C HIS D 659 21.24 20.82 -11.15
N PRO D 660 20.99 21.78 -12.03
CA PRO D 660 21.88 21.99 -13.19
C PRO D 660 23.04 22.94 -12.96
N VAL D 661 23.36 23.31 -11.73
CA VAL D 661 24.40 24.31 -11.45
C VAL D 661 25.71 23.58 -11.18
N ARG D 662 26.77 24.02 -11.87
CA ARG D 662 28.09 23.43 -11.73
C ARG D 662 29.13 24.51 -11.50
N ALA D 663 30.17 24.15 -10.74
CA ALA D 663 31.32 25.00 -10.52
C ALA D 663 32.54 24.32 -11.12
N PHE D 664 33.33 25.08 -11.89
CA PHE D 664 34.42 24.50 -12.67
C PHE D 664 35.72 24.51 -11.88
N ALA D 665 35.70 23.77 -10.77
CA ALA D 665 36.87 23.59 -9.93
C ALA D 665 36.68 22.31 -9.12
N ASN D 666 37.79 21.80 -8.60
CA ASN D 666 37.78 20.56 -7.82
C ASN D 666 38.35 20.86 -6.43
N MET D 667 37.48 21.32 -5.52
CA MET D 667 37.84 21.52 -4.13
C MET D 667 36.57 21.65 -3.31
N LYS D 668 36.68 21.33 -2.02
CA LYS D 668 35.55 21.48 -1.13
C LYS D 668 35.32 22.96 -0.84
N MET D 669 34.09 23.41 -1.02
CA MET D 669 33.79 24.84 -0.94
C MET D 669 32.28 25.02 -0.82
N TYR D 670 31.85 26.27 -0.76
CA TYR D 670 30.44 26.59 -0.84
C TYR D 670 30.29 28.04 -1.25
N PHE D 671 29.12 28.35 -1.82
CA PHE D 671 28.80 29.72 -2.20
C PHE D 671 27.31 29.94 -2.09
N ASN D 672 26.92 31.22 -2.06
CA ASN D 672 25.53 31.63 -1.93
C ASN D 672 25.07 32.20 -3.25
N LEU D 673 23.99 31.64 -3.80
CA LEU D 673 23.49 32.05 -5.10
C LEU D 673 21.97 31.97 -5.10
N GLY D 674 21.33 33.06 -5.52
CA GLY D 674 19.88 33.08 -5.64
C GLY D 674 19.13 32.82 -4.36
N GLY D 675 19.76 33.08 -3.21
CA GLY D 675 19.17 32.80 -1.92
C GLY D 675 19.46 31.42 -1.38
N ALA D 676 19.91 30.49 -2.22
CA ALA D 676 20.25 29.15 -1.80
C ALA D 676 21.75 29.03 -1.59
N ILE D 677 22.17 27.91 -1.00
CA ILE D 677 23.58 27.67 -0.73
C ILE D 677 24.00 26.41 -1.49
N TYR D 678 25.03 26.53 -2.32
CA TYR D 678 25.57 25.40 -3.06
C TYR D 678 26.87 24.98 -2.40
N LEU D 679 26.95 23.72 -1.97
CA LEU D 679 28.06 23.23 -1.16
C LEU D 679 28.66 22.00 -1.82
N ILE D 680 29.96 22.04 -2.09
CA ILE D 680 30.69 20.87 -2.58
C ILE D 680 31.49 20.32 -1.40
N PRO D 681 31.05 19.22 -0.81
CA PRO D 681 31.73 18.66 0.38
C PRO D 681 32.72 17.53 0.10
N HIS D 682 32.92 17.14 -1.15
CA HIS D 682 33.73 15.97 -1.47
C HIS D 682 34.69 16.32 -2.60
N LYS D 683 35.66 15.42 -2.80
CA LYS D 683 36.63 15.54 -3.88
C LYS D 683 36.53 14.30 -4.76
N LEU D 684 36.72 14.50 -6.07
CA LEU D 684 36.60 13.41 -7.03
C LEU D 684 37.98 12.78 -7.25
N LYS D 685 38.06 11.47 -7.03
CA LYS D 685 39.31 10.74 -7.23
C LYS D 685 39.46 10.18 -8.63
N GLN D 686 38.42 10.24 -9.45
CA GLN D 686 38.50 9.79 -10.83
C GLN D 686 38.89 10.93 -11.75
N ALA D 687 39.49 10.59 -12.89
CA ALA D 687 39.98 11.62 -13.80
C ALA D 687 38.84 12.34 -14.49
N LYS D 688 37.84 11.61 -14.99
CA LYS D 688 36.77 12.18 -15.79
C LYS D 688 35.55 12.43 -14.92
N GLY D 689 34.97 13.62 -15.05
CA GLY D 689 33.77 13.97 -14.30
C GLY D 689 33.87 15.28 -13.57
N THR D 690 32.72 15.87 -13.26
CA THR D 690 32.64 17.12 -12.51
C THR D 690 31.85 16.89 -11.23
N PRO D 691 32.33 17.38 -10.08
CA PRO D 691 31.56 17.22 -8.84
C PRO D 691 30.21 17.91 -8.91
N ILE D 692 29.20 17.29 -8.33
CA ILE D 692 27.85 17.82 -8.30
C ILE D 692 27.59 18.41 -6.91
N PRO D 693 27.30 19.70 -6.81
CA PRO D 693 27.10 20.30 -5.48
C PRO D 693 25.83 19.83 -4.79
N ILE D 694 25.59 20.36 -3.59
CA ILE D 694 24.40 20.09 -2.81
C ILE D 694 23.71 21.42 -2.57
N LYS D 695 22.40 21.49 -2.84
CA LYS D 695 21.64 22.72 -2.75
C LYS D 695 20.87 22.72 -1.44
N LEU D 696 21.21 23.64 -0.54
CA LEU D 696 20.48 23.85 0.70
C LEU D 696 19.61 25.07 0.53
N ALA D 697 18.30 24.92 0.76
CA ALA D 697 17.39 26.01 0.47
C ALA D 697 16.20 25.99 1.42
N LYS D 698 15.56 27.16 1.52
CA LYS D 698 14.28 27.34 2.20
C LYS D 698 14.36 26.94 3.68
N LYS D 699 15.26 27.61 4.39
CA LYS D 699 15.31 27.46 5.84
C LYS D 699 14.19 28.27 6.48
N ARG D 700 13.51 27.66 7.45
CA ARG D 700 12.41 28.36 8.10
C ARG D 700 12.27 27.87 9.54
N ILE D 701 11.75 28.74 10.40
CA ILE D 701 11.61 28.46 11.83
C ILE D 701 10.12 28.49 12.18
N ILE D 702 9.65 27.42 12.81
CA ILE D 702 8.25 27.27 13.19
C ILE D 702 8.17 27.17 14.71
N LYS D 703 7.37 28.04 15.32
CA LYS D 703 7.13 28.01 16.75
C LYS D 703 5.83 28.73 17.06
N ASN D 704 5.10 28.23 18.05
CA ASN D 704 3.83 28.82 18.49
C ASN D 704 2.86 28.98 17.33
N GLY D 705 2.85 28.00 16.43
CA GLY D 705 1.97 28.04 15.28
C GLY D 705 2.29 29.11 14.27
N LYS D 706 3.51 29.64 14.29
CA LYS D 706 3.92 30.70 13.38
C LYS D 706 5.17 30.28 12.63
N VAL D 707 5.26 30.69 11.37
CA VAL D 707 6.36 30.35 10.48
C VAL D 707 7.09 31.63 10.10
N GLU D 708 8.41 31.63 10.26
CA GLU D 708 9.24 32.77 9.89
C GLU D 708 10.35 32.28 8.98
N LYS D 709 10.45 32.89 7.79
CA LYS D 709 11.51 32.55 6.85
C LYS D 709 12.83 33.15 7.32
N GLN D 710 13.91 32.42 7.08
CA GLN D 710 15.25 32.85 7.48
C GLN D 710 16.22 32.61 6.35
N SER D 711 17.45 33.06 6.55
CA SER D 711 18.53 32.89 5.59
C SER D 711 19.60 31.99 6.19
N ILE D 712 20.20 31.15 5.34
CA ILE D 712 21.21 30.20 5.81
C ILE D 712 22.50 30.94 6.12
N THR D 713 23.01 30.76 7.33
CA THR D 713 24.25 31.40 7.76
C THR D 713 25.41 30.42 7.58
N ARG D 714 26.58 30.82 8.09
CA ARG D 714 27.77 29.97 7.96
C ARG D 714 27.72 28.78 8.91
N GLN D 715 27.11 28.95 10.08
CA GLN D 715 27.03 27.87 11.05
C GLN D 715 26.22 26.70 10.51
N ASP D 716 25.12 26.99 9.80
CA ASP D 716 24.32 25.92 9.22
C ASP D 716 25.12 25.14 8.19
N VAL D 717 25.87 25.84 7.33
CA VAL D 717 26.66 25.16 6.32
C VAL D 717 27.74 24.29 6.98
N LEU D 718 28.37 24.81 8.03
CA LEU D 718 29.39 24.03 8.72
C LEU D 718 28.78 22.79 9.39
N ASP D 719 27.59 22.94 9.96
CA ASP D 719 26.90 21.80 10.56
C ASP D 719 26.57 20.73 9.52
N ILE D 720 26.08 21.16 8.36
CA ILE D 720 25.75 20.20 7.29
C ILE D 720 27.01 19.49 6.81
N PHE D 721 28.09 20.25 6.63
CA PHE D 721 29.34 19.64 6.17
C PHE D 721 29.87 18.64 7.20
N ILE D 722 29.73 18.95 8.49
CA ILE D 722 30.18 18.03 9.53
C ILE D 722 29.32 16.77 9.52
N LEU D 723 28.00 16.92 9.40
CA LEU D 723 27.13 15.75 9.34
C LEU D 723 27.42 14.91 8.11
N THR D 724 27.96 15.51 7.06
CA THR D 724 28.34 14.74 5.88
C THR D 724 29.40 13.68 6.19
N ARG D 725 30.30 13.98 7.12
CA ARG D 725 31.45 13.12 7.39
C ARG D 725 31.15 11.96 8.33
N LEU D 726 29.89 11.59 8.52
CA LEU D 726 29.51 10.52 9.44
C LEU D 726 28.90 9.37 8.63
N ASN D 727 29.74 8.44 8.20
CA ASN D 727 29.29 7.26 7.46
C ASN D 727 29.76 6.00 8.18
N TYR D 728 28.87 5.03 8.28
CA TYR D 728 29.16 3.76 8.94
C TYR D 728 29.19 2.59 7.97
N GLY D 729 29.24 2.85 6.68
CA GLY D 729 29.24 1.77 5.70
C GLY D 729 30.52 1.67 4.91
N SER D 730 31.41 2.66 5.06
CA SER D 730 32.68 2.65 4.34
C SER D 730 33.67 3.51 5.12
N ILE D 731 34.86 2.96 5.37
CA ILE D 731 35.88 3.71 6.07
C ILE D 731 36.43 4.82 5.19
N SER D 732 36.71 4.52 3.93
CA SER D 732 37.21 5.52 2.97
C SER D 732 36.06 6.11 2.17
N ALA D 733 35.10 6.69 2.88
CA ALA D 733 33.89 7.23 2.27
C ALA D 733 33.96 8.74 2.23
N ASP D 734 33.64 9.32 1.06
CA ASP D 734 33.52 10.76 0.87
C ASP D 734 32.18 10.98 0.15
N MET D 735 31.11 11.08 0.94
CA MET D 735 29.77 11.15 0.39
C MET D 735 29.28 12.60 0.34
N ARG D 736 28.08 12.77 -0.20
CA ARG D 736 27.49 14.09 -0.43
C ARG D 736 26.39 14.43 0.57
N LEU D 737 25.45 13.52 0.79
CA LEU D 737 24.32 13.82 1.64
C LEU D 737 24.71 13.80 3.12
N PRO D 738 24.00 14.55 3.96
CA PRO D 738 24.19 14.43 5.40
C PRO D 738 23.73 13.05 5.89
N ALA D 739 24.25 12.68 7.05
CA ALA D 739 23.96 11.34 7.60
C ALA D 739 22.47 11.10 7.82
N PRO D 740 21.69 12.01 8.42
CA PRO D 740 20.27 11.69 8.65
C PRO D 740 19.51 11.39 7.36
N VAL D 741 19.71 12.20 6.32
CA VAL D 741 19.04 11.96 5.05
C VAL D 741 19.57 10.67 4.41
N HIS D 742 20.89 10.46 4.49
CA HIS D 742 21.49 9.28 3.88
C HIS D 742 20.92 8.00 4.47
N TYR D 743 20.70 7.98 5.79
CA TYR D 743 20.18 6.78 6.42
C TYR D 743 18.66 6.69 6.40
N ALA D 744 17.97 7.84 6.30
CA ALA D 744 16.53 7.80 6.06
C ALA D 744 16.22 7.17 4.71
N HIS D 745 17.03 7.48 3.70
CA HIS D 745 16.87 6.84 2.40
C HIS D 745 16.97 5.33 2.51
N LYS D 746 17.99 4.83 3.20
CA LYS D 746 18.19 3.40 3.31
C LYS D 746 17.12 2.73 4.14
N PHE D 747 16.65 3.40 5.21
CA PHE D 747 15.58 2.81 6.01
C PHE D 747 14.28 2.74 5.22
N ALA D 748 13.98 3.78 4.43
CA ALA D 748 12.79 3.73 3.59
C ALA D 748 12.90 2.62 2.56
N ASN D 749 14.08 2.44 1.96
CA ASN D 749 14.26 1.35 1.02
C ASN D 749 14.10 0.00 1.69
N ALA D 750 14.54 -0.12 2.95
CA ALA D 750 14.38 -1.36 3.68
C ALA D 750 12.92 -1.64 3.97
N ILE D 751 12.15 -0.61 4.35
CA ILE D 751 10.72 -0.81 4.58
C ILE D 751 10.02 -1.20 3.29
N ARG D 752 10.47 -0.65 2.16
CA ARG D 752 9.90 -1.04 0.87
C ARG D 752 10.04 -2.54 0.63
N ASN D 753 11.10 -3.15 1.16
CA ASN D 753 11.34 -4.59 1.03
C ASN D 753 10.91 -5.37 2.27
N GLU D 754 10.14 -4.74 3.18
CA GLU D 754 9.70 -5.31 4.45
C GLU D 754 10.80 -6.13 5.13
N TRP D 755 11.88 -5.43 5.49
CA TRP D 755 12.99 -5.97 6.25
C TRP D 755 12.89 -5.45 7.69
N LYS D 756 12.37 -6.28 8.58
CA LYS D 756 12.26 -5.97 10.00
C LYS D 756 12.82 -7.14 10.80
N ILE D 757 13.49 -6.83 11.92
CA ILE D 757 14.12 -7.90 12.68
C ILE D 757 13.40 -8.18 14.00
N LYS D 758 13.46 -7.26 14.96
CA LYS D 758 12.83 -7.54 16.25
C LYS D 758 12.19 -6.32 16.90
N GLU D 759 12.37 -5.14 16.32
CA GLU D 759 11.88 -3.86 16.82
C GLU D 759 12.57 -3.44 18.12
N GLU D 760 13.41 -4.31 18.70
CA GLU D 760 14.15 -3.97 19.92
C GLU D 760 15.62 -3.70 19.66
N PHE D 761 16.19 -4.29 18.61
CA PHE D 761 17.55 -3.94 18.21
C PHE D 761 17.58 -2.56 17.56
N LEU D 762 16.47 -2.14 16.95
CA LEU D 762 16.43 -0.84 16.28
C LEU D 762 16.64 0.30 17.27
N ALA D 763 16.28 0.11 18.53
CA ALA D 763 16.38 1.17 19.53
C ALA D 763 17.80 1.41 20.02
N GLU D 764 18.73 0.50 19.74
CA GLU D 764 20.10 0.63 20.21
C GLU D 764 21.11 0.69 19.06
N GLY D 765 20.70 1.24 17.93
CA GLY D 765 21.64 1.52 16.86
C GLY D 765 22.04 0.35 16.00
N PHE D 766 21.29 -0.74 16.02
CA PHE D 766 21.50 -1.79 15.02
C PHE D 766 21.11 -1.26 13.64
N LEU D 767 21.98 -1.46 12.67
CA LEU D 767 21.85 -0.85 11.35
C LEU D 767 21.89 -1.93 10.26
N TYR D 768 21.06 -2.95 10.42
CA TYR D 768 21.05 -4.08 9.48
C TYR D 768 20.79 -3.62 8.06
N PHE D 769 20.08 -2.51 7.89
CA PHE D 769 19.72 -2.03 6.55
C PHE D 769 20.85 -1.24 5.90
N VAL D 770 21.94 -0.97 6.60
CA VAL D 770 23.02 -0.17 6.04
C VAL D 770 23.68 -0.91 4.88
MG MG I . -14.34 -10.69 4.16
MG MG J . -13.17 -11.20 -0.08
MG MG K . -15.04 -6.95 19.19
MG MG L . 15.90 9.09 -0.80
MG MG M . 12.51 11.86 -1.33
MG MG N . 25.07 -3.07 2.23
#